data_6IWO
# 
_entry.id   6IWO 
# 
_audit_conform.dict_name       mmcif_pdbx.dic 
_audit_conform.dict_version    5.397 
_audit_conform.dict_location   http://mmcif.pdb.org/dictionaries/ascii/mmcif_pdbx.dic 
# 
loop_
_database_2.database_id 
_database_2.database_code 
_database_2.pdbx_database_accession 
_database_2.pdbx_DOI 
PDB   6IWO         pdb_00006iwo 10.2210/pdb6iwo/pdb 
WWPDB D_1300010020 ?            ?                   
# 
loop_
_pdbx_audit_revision_history.ordinal 
_pdbx_audit_revision_history.data_content_type 
_pdbx_audit_revision_history.major_revision 
_pdbx_audit_revision_history.minor_revision 
_pdbx_audit_revision_history.revision_date 
1 'Structure model' 1 0 2019-12-11 
2 'Structure model' 1 1 2019-12-25 
3 'Structure model' 1 2 2020-05-13 
4 'Structure model' 1 3 2023-11-22 
5 'Structure model' 1 4 2024-10-30 
# 
_pdbx_audit_revision_details.ordinal             1 
_pdbx_audit_revision_details.revision_ordinal    1 
_pdbx_audit_revision_details.data_content_type   'Structure model' 
_pdbx_audit_revision_details.provider            repository 
_pdbx_audit_revision_details.type                'Initial release' 
_pdbx_audit_revision_details.description         ? 
_pdbx_audit_revision_details.details             ? 
# 
loop_
_pdbx_audit_revision_group.ordinal 
_pdbx_audit_revision_group.revision_ordinal 
_pdbx_audit_revision_group.data_content_type 
_pdbx_audit_revision_group.group 
1 2 'Structure model' 'Database references'    
2 3 'Structure model' 'Database references'    
3 4 'Structure model' 'Data collection'        
4 4 'Structure model' 'Database references'    
5 4 'Structure model' 'Refinement description' 
6 5 'Structure model' 'Structure summary'      
# 
loop_
_pdbx_audit_revision_category.ordinal 
_pdbx_audit_revision_category.revision_ordinal 
_pdbx_audit_revision_category.data_content_type 
_pdbx_audit_revision_category.category 
1 2 'Structure model' citation                      
2 2 'Structure model' citation_author               
3 3 'Structure model' citation                      
4 4 'Structure model' chem_comp_atom                
5 4 'Structure model' chem_comp_bond                
6 4 'Structure model' database_2                    
7 4 'Structure model' pdbx_initial_refinement_model 
8 5 'Structure model' pdbx_entry_details            
9 5 'Structure model' pdbx_modification_feature     
# 
loop_
_pdbx_audit_revision_item.ordinal 
_pdbx_audit_revision_item.revision_ordinal 
_pdbx_audit_revision_item.data_content_type 
_pdbx_audit_revision_item.item 
1  2 'Structure model' '_citation.country'                   
2  2 'Structure model' '_citation.journal_abbrev'            
3  2 'Structure model' '_citation.journal_id_ASTM'           
4  2 'Structure model' '_citation.journal_id_CSD'            
5  2 'Structure model' '_citation.journal_id_ISSN'           
6  2 'Structure model' '_citation.pdbx_database_id_DOI'      
7  2 'Structure model' '_citation.pdbx_database_id_PubMed'   
8  2 'Structure model' '_citation.title'                     
9  2 'Structure model' '_citation.year'                      
10 3 'Structure model' '_citation.journal_volume'            
11 3 'Structure model' '_citation.page_first'                
12 3 'Structure model' '_citation.page_last'                 
13 3 'Structure model' '_citation.year'                      
14 4 'Structure model' '_database_2.pdbx_DOI'                
15 4 'Structure model' '_database_2.pdbx_database_accession' 
# 
_pdbx_database_status.status_code                     REL 
_pdbx_database_status.status_code_sf                  REL 
_pdbx_database_status.status_code_mr                  ? 
_pdbx_database_status.entry_id                        6IWO 
_pdbx_database_status.recvd_initial_deposition_date   2018-12-05 
_pdbx_database_status.SG_entry                        N 
_pdbx_database_status.deposit_site                    PDBJ 
_pdbx_database_status.process_site                    PDBJ 
_pdbx_database_status.status_code_cs                  ? 
_pdbx_database_status.methods_development_category    ? 
_pdbx_database_status.pdb_format_compatible           Y 
_pdbx_database_status.status_code_nmr_data            ? 
# 
_pdbx_database_related.db_name        PDB 
_pdbx_database_related.details        '6IWM contains the same protein' 
_pdbx_database_related.db_id          6IWM 
_pdbx_database_related.content_type   unspecified 
# 
loop_
_audit_author.name 
_audit_author.pdbx_ordinal 
_audit_author.identifier_ORCID 
'Madni, Z.K.'   1 ? 
'Salunke, D.M.' 2 ? 
# 
_citation.abstract                  ? 
_citation.abstract_id_CAS           ? 
_citation.book_id_ISBN              ? 
_citation.book_publisher            ? 
_citation.book_publisher_city       ? 
_citation.book_title                ? 
_citation.coordinate_linkage        ? 
_citation.country                   UK 
_citation.database_id_Medline       ? 
_citation.details                   ? 
_citation.id                        primary 
_citation.journal_abbrev            'Plant J.' 
_citation.journal_id_ASTM           PLJUED 
_citation.journal_id_CSD            2117 
_citation.journal_id_ISSN           1365-313X 
_citation.journal_full              ? 
_citation.journal_issue             ? 
_citation.journal_volume            102 
_citation.language                  ? 
_citation.page_first                340 
_citation.page_last                 352 
_citation.title                     
'Structural insights into the lipid transfer mechanism of a non-specific lipid transfer protein.' 
_citation.year                      2020 
_citation.database_id_CSD           ? 
_citation.pdbx_database_id_DOI      10.1111/tpj.14627 
_citation.pdbx_database_id_PubMed   31793077 
_citation.unpublished_flag          ? 
# 
loop_
_citation_author.citation_id 
_citation_author.name 
_citation_author.ordinal 
_citation_author.identifier_ORCID 
primary 'Madni, Z.K.'    1 ? 
primary 'Tripathi, S.K.' 2 ? 
primary 'Salunke, D.M.'  3 ? 
# 
loop_
_entity.id 
_entity.type 
_entity.src_method 
_entity.pdbx_description 
_entity.formula_weight 
_entity.pdbx_number_of_molecules 
_entity.pdbx_ec 
_entity.pdbx_mutation 
_entity.pdbx_fragment 
_entity.details 
1 polymer     nat 'Non-specific lipid-transfer protein' 9404.618 2  ? ? ? ? 
2 non-polymer syn GLYCEROL                              92.094   2  ? ? ? ? 
3 non-polymer syn 'MYRISTIC ACID'                       228.371  1  ? ? ? ? 
4 non-polymer syn 'SULFATE ION'                         96.063   2  ? ? ? ? 
5 water       nat water                                 18.015   58 ? ? ? ? 
# 
_entity_poly.entity_id                      1 
_entity_poly.type                           'polypeptide(L)' 
_entity_poly.nstd_linkage                   no 
_entity_poly.nstd_monomer                   no 
_entity_poly.pdbx_seq_one_letter_code       
;AVTCGQVDANLAPCVPFLTQGGEPGAACCSGVKTLNGNAQSPDDRKTACNCIKAAANRYPNLKDDAAQSLPSKCGISLNV
PISRTINCDTIS
;
_entity_poly.pdbx_seq_one_letter_code_can   
;AVTCGQVDANLAPCVPFLTQGGEPGAACCSGVKTLNGNAQSPDDRKTACNCIKAAANRYPNLKDDAAQSLPSKCGISLNV
PISRTINCDTIS
;
_entity_poly.pdbx_strand_id                 A,B 
_entity_poly.pdbx_target_identifier         ? 
# 
loop_
_pdbx_entity_nonpoly.entity_id 
_pdbx_entity_nonpoly.name 
_pdbx_entity_nonpoly.comp_id 
2 GLYCEROL        GOL 
3 'MYRISTIC ACID' MYR 
4 'SULFATE ION'   SO4 
5 water           HOH 
# 
loop_
_entity_poly_seq.entity_id 
_entity_poly_seq.num 
_entity_poly_seq.mon_id 
_entity_poly_seq.hetero 
1 1  ALA n 
1 2  VAL n 
1 3  THR n 
1 4  CYS n 
1 5  GLY n 
1 6  GLN n 
1 7  VAL n 
1 8  ASP n 
1 9  ALA n 
1 10 ASN n 
1 11 LEU n 
1 12 ALA n 
1 13 PRO n 
1 14 CYS n 
1 15 VAL n 
1 16 PRO n 
1 17 PHE n 
1 18 LEU n 
1 19 THR n 
1 20 GLN n 
1 21 GLY n 
1 22 GLY n 
1 23 GLU n 
1 24 PRO n 
1 25 GLY n 
1 26 ALA n 
1 27 ALA n 
1 28 CYS n 
1 29 CYS n 
1 30 SER n 
1 31 GLY n 
1 32 VAL n 
1 33 LYS n 
1 34 THR n 
1 35 LEU n 
1 36 ASN n 
1 37 GLY n 
1 38 ASN n 
1 39 ALA n 
1 40 GLN n 
1 41 SER n 
1 42 PRO n 
1 43 ASP n 
1 44 ASP n 
1 45 ARG n 
1 46 LYS n 
1 47 THR n 
1 48 ALA n 
1 49 CYS n 
1 50 ASN n 
1 51 CYS n 
1 52 ILE n 
1 53 LYS n 
1 54 ALA n 
1 55 ALA n 
1 56 ALA n 
1 57 ASN n 
1 58 ARG n 
1 59 TYR n 
1 60 PRO n 
1 61 ASN n 
1 62 LEU n 
1 63 LYS n 
1 64 ASP n 
1 65 ASP n 
1 66 ALA n 
1 67 ALA n 
1 68 GLN n 
1 69 SER n 
1 70 LEU n 
1 71 PRO n 
1 72 SER n 
1 73 LYS n 
1 74 CYS n 
1 75 GLY n 
1 76 ILE n 
1 77 SER n 
1 78 LEU n 
1 79 ASN n 
1 80 VAL n 
1 81 PRO n 
1 82 ILE n 
1 83 SER n 
1 84 ARG n 
1 85 THR n 
1 86 ILE n 
1 87 ASN n 
1 88 CYS n 
1 89 ASP n 
1 90 THR n 
1 91 ILE n 
1 92 SER n 
# 
_entity_src_nat.entity_id                  1 
_entity_src_nat.pdbx_src_id                1 
_entity_src_nat.pdbx_alt_source_flag       sample 
_entity_src_nat.pdbx_beg_seq_num           1 
_entity_src_nat.pdbx_end_seq_num           92 
_entity_src_nat.common_name                Eggplant 
_entity_src_nat.pdbx_organism_scientific   'Solanum melongena' 
_entity_src_nat.pdbx_ncbi_taxonomy_id      4111 
_entity_src_nat.genus                      ? 
_entity_src_nat.species                    ? 
_entity_src_nat.strain                     ? 
_entity_src_nat.tissue                     ? 
_entity_src_nat.tissue_fraction            ? 
_entity_src_nat.pdbx_secretion             ? 
_entity_src_nat.pdbx_fragment              ? 
_entity_src_nat.pdbx_variant               ? 
_entity_src_nat.pdbx_cell_line             ? 
_entity_src_nat.pdbx_atcc                  ? 
_entity_src_nat.pdbx_cellular_location     ? 
_entity_src_nat.pdbx_organ                 ? 
_entity_src_nat.pdbx_organelle             ? 
_entity_src_nat.pdbx_cell                  ? 
_entity_src_nat.pdbx_plasmid_name          ? 
_entity_src_nat.pdbx_plasmid_details       ? 
_entity_src_nat.details                    ? 
# 
loop_
_chem_comp.id 
_chem_comp.type 
_chem_comp.mon_nstd_flag 
_chem_comp.name 
_chem_comp.pdbx_synonyms 
_chem_comp.formula 
_chem_comp.formula_weight 
ALA 'L-peptide linking' y ALANINE         ?                               'C3 H7 N O2'     89.093  
ARG 'L-peptide linking' y ARGININE        ?                               'C6 H15 N4 O2 1' 175.209 
ASN 'L-peptide linking' y ASPARAGINE      ?                               'C4 H8 N2 O3'    132.118 
ASP 'L-peptide linking' y 'ASPARTIC ACID' ?                               'C4 H7 N O4'     133.103 
CYS 'L-peptide linking' y CYSTEINE        ?                               'C3 H7 N O2 S'   121.158 
GLN 'L-peptide linking' y GLUTAMINE       ?                               'C5 H10 N2 O3'   146.144 
GLU 'L-peptide linking' y 'GLUTAMIC ACID' ?                               'C5 H9 N O4'     147.129 
GLY 'peptide linking'   y GLYCINE         ?                               'C2 H5 N O2'     75.067  
GOL non-polymer         . GLYCEROL        'GLYCERIN; PROPANE-1,2,3-TRIOL' 'C3 H8 O3'       92.094  
HOH non-polymer         . WATER           ?                               'H2 O'           18.015  
ILE 'L-peptide linking' y ISOLEUCINE      ?                               'C6 H13 N O2'    131.173 
LEU 'L-peptide linking' y LEUCINE         ?                               'C6 H13 N O2'    131.173 
LYS 'L-peptide linking' y LYSINE          ?                               'C6 H15 N2 O2 1' 147.195 
MYR non-polymer         . 'MYRISTIC ACID' ?                               'C14 H28 O2'     228.371 
PHE 'L-peptide linking' y PHENYLALANINE   ?                               'C9 H11 N O2'    165.189 
PRO 'L-peptide linking' y PROLINE         ?                               'C5 H9 N O2'     115.130 
SER 'L-peptide linking' y SERINE          ?                               'C3 H7 N O3'     105.093 
SO4 non-polymer         . 'SULFATE ION'   ?                               'O4 S -2'        96.063  
THR 'L-peptide linking' y THREONINE       ?                               'C4 H9 N O3'     119.119 
TYR 'L-peptide linking' y TYROSINE        ?                               'C9 H11 N O3'    181.189 
VAL 'L-peptide linking' y VALINE          ?                               'C5 H11 N O2'    117.146 
# 
loop_
_pdbx_poly_seq_scheme.asym_id 
_pdbx_poly_seq_scheme.entity_id 
_pdbx_poly_seq_scheme.seq_id 
_pdbx_poly_seq_scheme.mon_id 
_pdbx_poly_seq_scheme.ndb_seq_num 
_pdbx_poly_seq_scheme.pdb_seq_num 
_pdbx_poly_seq_scheme.auth_seq_num 
_pdbx_poly_seq_scheme.pdb_mon_id 
_pdbx_poly_seq_scheme.auth_mon_id 
_pdbx_poly_seq_scheme.pdb_strand_id 
_pdbx_poly_seq_scheme.pdb_ins_code 
_pdbx_poly_seq_scheme.hetero 
A 1 1  ALA 1  1  1  ALA ALA A . n 
A 1 2  VAL 2  2  2  VAL VAL A . n 
A 1 3  THR 3  3  3  THR THR A . n 
A 1 4  CYS 4  4  4  CYS CYS A . n 
A 1 5  GLY 5  5  5  GLY GLY A . n 
A 1 6  GLN 6  6  6  GLN GLN A . n 
A 1 7  VAL 7  7  7  VAL VAL A . n 
A 1 8  ASP 8  8  8  ASP ASP A . n 
A 1 9  ALA 9  9  9  ALA ALA A . n 
A 1 10 ASN 10 10 10 ASN ASN A . n 
A 1 11 LEU 11 11 11 LEU LEU A . n 
A 1 12 ALA 12 12 12 ALA ALA A . n 
A 1 13 PRO 13 13 13 PRO PRO A . n 
A 1 14 CYS 14 14 14 CYS CYS A . n 
A 1 15 VAL 15 15 15 VAL VAL A . n 
A 1 16 PRO 16 16 16 PRO PRO A . n 
A 1 17 PHE 17 17 17 PHE PHE A . n 
A 1 18 LEU 18 18 18 LEU LEU A . n 
A 1 19 THR 19 19 19 THR THR A . n 
A 1 20 GLN 20 20 20 GLN GLN A . n 
A 1 21 GLY 21 21 21 GLY GLY A . n 
A 1 22 GLY 22 22 22 GLY GLY A . n 
A 1 23 GLU 23 23 23 GLU GLU A . n 
A 1 24 PRO 24 24 24 PRO PRO A . n 
A 1 25 GLY 25 25 25 GLY GLY A . n 
A 1 26 ALA 26 26 26 ALA ALA A . n 
A 1 27 ALA 27 27 27 ALA ALA A . n 
A 1 28 CYS 28 28 28 CYS CYS A . n 
A 1 29 CYS 29 29 29 CYS CYS A . n 
A 1 30 SER 30 30 30 SER SER A . n 
A 1 31 GLY 31 31 31 GLY GLY A . n 
A 1 32 VAL 32 32 32 VAL VAL A . n 
A 1 33 LYS 33 33 33 LYS LYS A . n 
A 1 34 THR 34 34 34 THR THR A . n 
A 1 35 LEU 35 35 35 LEU LEU A . n 
A 1 36 ASN 36 36 36 ASN ASN A . n 
A 1 37 GLY 37 37 37 GLY GLY A . n 
A 1 38 ASN 38 38 38 ASN ASN A . n 
A 1 39 ALA 39 39 39 ALA ALA A . n 
A 1 40 GLN 40 40 40 GLN GLN A . n 
A 1 41 SER 41 41 41 SER SER A . n 
A 1 42 PRO 42 42 42 PRO PRO A . n 
A 1 43 ASP 43 43 43 ASP ASP A . n 
A 1 44 ASP 44 44 44 ASP ASP A . n 
A 1 45 ARG 45 45 45 ARG ARG A . n 
A 1 46 LYS 46 46 46 LYS LYS A . n 
A 1 47 THR 47 47 47 THR THR A . n 
A 1 48 ALA 48 48 48 ALA ALA A . n 
A 1 49 CYS 49 49 49 CYS CYS A . n 
A 1 50 ASN 50 50 50 ASN ASN A . n 
A 1 51 CYS 51 51 51 CYS CYS A . n 
A 1 52 ILE 52 52 52 ILE ILE A . n 
A 1 53 LYS 53 53 53 LYS LYS A . n 
A 1 54 ALA 54 54 54 ALA ALA A . n 
A 1 55 ALA 55 55 55 ALA ALA A . n 
A 1 56 ALA 56 56 56 ALA ALA A . n 
A 1 57 ASN 57 57 57 ASN ASN A . n 
A 1 58 ARG 58 58 58 ARG ARG A . n 
A 1 59 TYR 59 59 59 TYR TYR A . n 
A 1 60 PRO 60 60 60 PRO PRO A . n 
A 1 61 ASN 61 61 61 ASN ASN A . n 
A 1 62 LEU 62 62 62 LEU LEU A . n 
A 1 63 LYS 63 63 63 LYS LYS A . n 
A 1 64 ASP 64 64 64 ASP ASP A . n 
A 1 65 ASP 65 65 65 ASP ASP A . n 
A 1 66 ALA 66 66 66 ALA ALA A . n 
A 1 67 ALA 67 67 67 ALA ALA A . n 
A 1 68 GLN 68 68 68 GLN GLN A . n 
A 1 69 SER 69 69 69 SER SER A . n 
A 1 70 LEU 70 70 70 LEU LEU A . n 
A 1 71 PRO 71 71 71 PRO PRO A . n 
A 1 72 SER 72 72 72 SER SER A . n 
A 1 73 LYS 73 73 73 LYS LYS A . n 
A 1 74 CYS 74 74 74 CYS CYS A . n 
A 1 75 GLY 75 75 75 GLY GLY A . n 
A 1 76 ILE 76 76 76 ILE ILE A . n 
A 1 77 SER 77 77 77 SER SER A . n 
A 1 78 LEU 78 78 78 LEU LEU A . n 
A 1 79 ASN 79 79 79 ASN ASN A . n 
A 1 80 VAL 80 80 80 VAL VAL A . n 
A 1 81 PRO 81 81 81 PRO PRO A . n 
A 1 82 ILE 82 82 82 ILE ILE A . n 
A 1 83 SER 83 83 83 SER SER A . n 
A 1 84 ARG 84 84 84 ARG ARG A . n 
A 1 85 THR 85 85 85 THR THR A . n 
A 1 86 ILE 86 86 86 ILE ILE A . n 
A 1 87 ASN 87 87 87 ASN ASN A . n 
A 1 88 CYS 88 88 88 CYS CYS A . n 
A 1 89 ASP 89 89 89 ASP ASP A . n 
A 1 90 THR 90 90 90 THR THR A . n 
A 1 91 ILE 91 91 91 ILE ILE A . n 
A 1 92 SER 92 92 92 SER SER A . n 
B 1 1  ALA 1  1  ?  ?   ?   B . n 
B 1 2  VAL 2  2  2  VAL VAL B . n 
B 1 3  THR 3  3  3  THR THR B . n 
B 1 4  CYS 4  4  4  CYS CYS B . n 
B 1 5  GLY 5  5  5  GLY GLY B . n 
B 1 6  GLN 6  6  6  GLN GLN B . n 
B 1 7  VAL 7  7  7  VAL VAL B . n 
B 1 8  ASP 8  8  8  ASP ASP B . n 
B 1 9  ALA 9  9  9  ALA ALA B . n 
B 1 10 ASN 10 10 10 ASN ASN B . n 
B 1 11 LEU 11 11 11 LEU LEU B . n 
B 1 12 ALA 12 12 12 ALA ALA B . n 
B 1 13 PRO 13 13 13 PRO PRO B . n 
B 1 14 CYS 14 14 14 CYS CYS B . n 
B 1 15 VAL 15 15 15 VAL VAL B . n 
B 1 16 PRO 16 16 16 PRO PRO B . n 
B 1 17 PHE 17 17 17 PHE PHE B . n 
B 1 18 LEU 18 18 18 LEU LEU B . n 
B 1 19 THR 19 19 19 THR THR B . n 
B 1 20 GLN 20 20 20 GLN GLN B . n 
B 1 21 GLY 21 21 21 GLY GLY B . n 
B 1 22 GLY 22 22 22 GLY GLY B . n 
B 1 23 GLU 23 23 23 GLU GLU B . n 
B 1 24 PRO 24 24 24 PRO PRO B . n 
B 1 25 GLY 25 25 25 GLY GLY B . n 
B 1 26 ALA 26 26 26 ALA ALA B . n 
B 1 27 ALA 27 27 27 ALA ALA B . n 
B 1 28 CYS 28 28 28 CYS CYS B . n 
B 1 29 CYS 29 29 29 CYS CYS B . n 
B 1 30 SER 30 30 30 SER SER B . n 
B 1 31 GLY 31 31 31 GLY GLY B . n 
B 1 32 VAL 32 32 32 VAL VAL B . n 
B 1 33 LYS 33 33 33 LYS LYS B . n 
B 1 34 THR 34 34 34 THR THR B . n 
B 1 35 LEU 35 35 35 LEU LEU B . n 
B 1 36 ASN 36 36 36 ASN ASN B . n 
B 1 37 GLY 37 37 37 GLY GLY B . n 
B 1 38 ASN 38 38 38 ASN ASN B . n 
B 1 39 ALA 39 39 39 ALA ALA B . n 
B 1 40 GLN 40 40 40 GLN GLN B . n 
B 1 41 SER 41 41 41 SER SER B . n 
B 1 42 PRO 42 42 42 PRO PRO B . n 
B 1 43 ASP 43 43 43 ASP ASP B . n 
B 1 44 ASP 44 44 44 ASP ASP B . n 
B 1 45 ARG 45 45 45 ARG ARG B . n 
B 1 46 LYS 46 46 46 LYS LYS B . n 
B 1 47 THR 47 47 47 THR THR B . n 
B 1 48 ALA 48 48 48 ALA ALA B . n 
B 1 49 CYS 49 49 49 CYS CYS B . n 
B 1 50 ASN 50 50 50 ASN ASN B . n 
B 1 51 CYS 51 51 51 CYS CYS B . n 
B 1 52 ILE 52 52 52 ILE ILE B . n 
B 1 53 LYS 53 53 53 LYS LYS B . n 
B 1 54 ALA 54 54 54 ALA ALA B . n 
B 1 55 ALA 55 55 55 ALA ALA B . n 
B 1 56 ALA 56 56 56 ALA ALA B . n 
B 1 57 ASN 57 57 57 ASN ASN B . n 
B 1 58 ARG 58 58 58 ARG ARG B . n 
B 1 59 TYR 59 59 59 TYR TYR B . n 
B 1 60 PRO 60 60 60 PRO PRO B . n 
B 1 61 ASN 61 61 61 ASN ASN B . n 
B 1 62 LEU 62 62 62 LEU LEU B . n 
B 1 63 LYS 63 63 63 LYS LYS B . n 
B 1 64 ASP 64 64 64 ASP ASP B . n 
B 1 65 ASP 65 65 65 ASP ASP B . n 
B 1 66 ALA 66 66 66 ALA ALA B . n 
B 1 67 ALA 67 67 67 ALA ALA B . n 
B 1 68 GLN 68 68 68 GLN GLN B . n 
B 1 69 SER 69 69 69 SER SER B . n 
B 1 70 LEU 70 70 70 LEU LEU B . n 
B 1 71 PRO 71 71 71 PRO PRO B . n 
B 1 72 SER 72 72 72 SER SER B . n 
B 1 73 LYS 73 73 73 LYS LYS B . n 
B 1 74 CYS 74 74 74 CYS CYS B . n 
B 1 75 GLY 75 75 75 GLY GLY B . n 
B 1 76 ILE 76 76 76 ILE ILE B . n 
B 1 77 SER 77 77 77 SER SER B . n 
B 1 78 LEU 78 78 78 LEU LEU B . n 
B 1 79 ASN 79 79 79 ASN ASN B . n 
B 1 80 VAL 80 80 80 VAL VAL B . n 
B 1 81 PRO 81 81 81 PRO PRO B . n 
B 1 82 ILE 82 82 82 ILE ILE B . n 
B 1 83 SER 83 83 83 SER SER B . n 
B 1 84 ARG 84 84 84 ARG ARG B . n 
B 1 85 THR 85 85 85 THR THR B . n 
B 1 86 ILE 86 86 86 ILE ILE B . n 
B 1 87 ASN 87 87 87 ASN ASN B . n 
B 1 88 CYS 88 88 88 CYS CYS B . n 
B 1 89 ASP 89 89 89 ASP ASP B . n 
B 1 90 THR 90 90 90 THR THR B . n 
B 1 91 ILE 91 91 91 ILE ILE B . n 
B 1 92 SER 92 92 ?  ?   ?   B . n 
# 
_pdbx_entity_instance_feature.ordinal        1 
_pdbx_entity_instance_feature.comp_id        MYR 
_pdbx_entity_instance_feature.asym_id        ? 
_pdbx_entity_instance_feature.seq_num        ? 
_pdbx_entity_instance_feature.auth_comp_id   MYR 
_pdbx_entity_instance_feature.auth_asym_id   ? 
_pdbx_entity_instance_feature.auth_seq_num   ? 
_pdbx_entity_instance_feature.feature_type   'SUBJECT OF INVESTIGATION' 
_pdbx_entity_instance_feature.details        ? 
# 
loop_
_pdbx_nonpoly_scheme.asym_id 
_pdbx_nonpoly_scheme.entity_id 
_pdbx_nonpoly_scheme.mon_id 
_pdbx_nonpoly_scheme.ndb_seq_num 
_pdbx_nonpoly_scheme.pdb_seq_num 
_pdbx_nonpoly_scheme.auth_seq_num 
_pdbx_nonpoly_scheme.pdb_mon_id 
_pdbx_nonpoly_scheme.auth_mon_id 
_pdbx_nonpoly_scheme.pdb_strand_id 
_pdbx_nonpoly_scheme.pdb_ins_code 
C 2 GOL 1  101 2  GOL GOL A . 
D 3 MYR 1  102 1  MYR MYR A . 
E 4 SO4 1  101 1  SO4 SO4 B . 
F 4 SO4 1  102 2  SO4 SO4 B . 
G 2 GOL 1  103 1  GOL GOL B . 
H 5 HOH 1  201 12 HOH HOH A . 
H 5 HOH 2  202 70 HOH HOH A . 
H 5 HOH 3  203 53 HOH HOH A . 
H 5 HOH 4  204 8  HOH HOH A . 
H 5 HOH 5  205 39 HOH HOH A . 
H 5 HOH 6  206 43 HOH HOH A . 
H 5 HOH 7  207 72 HOH HOH A . 
H 5 HOH 8  208 7  HOH HOH A . 
H 5 HOH 9  209 31 HOH HOH A . 
H 5 HOH 10 210 26 HOH HOH A . 
H 5 HOH 11 211 41 HOH HOH A . 
H 5 HOH 12 212 16 HOH HOH A . 
H 5 HOH 13 213 15 HOH HOH A . 
H 5 HOH 14 214 3  HOH HOH A . 
H 5 HOH 15 215 20 HOH HOH A . 
H 5 HOH 16 216 10 HOH HOH A . 
H 5 HOH 17 217 17 HOH HOH A . 
H 5 HOH 18 218 65 HOH HOH A . 
H 5 HOH 19 219 4  HOH HOH A . 
H 5 HOH 20 220 18 HOH HOH A . 
H 5 HOH 21 221 40 HOH HOH A . 
H 5 HOH 22 222 50 HOH HOH A . 
H 5 HOH 23 223 37 HOH HOH A . 
H 5 HOH 24 224 56 HOH HOH A . 
H 5 HOH 25 225 62 HOH HOH A . 
H 5 HOH 26 226 5  HOH HOH A . 
H 5 HOH 27 227 6  HOH HOH A . 
H 5 HOH 28 228 55 HOH HOH A . 
H 5 HOH 29 229 58 HOH HOH A . 
H 5 HOH 30 230 60 HOH HOH A . 
I 5 HOH 1  201 71 HOH HOH B . 
I 5 HOH 2  202 61 HOH HOH B . 
I 5 HOH 3  203 66 HOH HOH B . 
I 5 HOH 4  204 48 HOH HOH B . 
I 5 HOH 5  205 45 HOH HOH B . 
I 5 HOH 6  206 11 HOH HOH B . 
I 5 HOH 7  207 21 HOH HOH B . 
I 5 HOH 8  208 30 HOH HOH B . 
I 5 HOH 9  209 9  HOH HOH B . 
I 5 HOH 10 210 34 HOH HOH B . 
I 5 HOH 11 211 32 HOH HOH B . 
I 5 HOH 12 212 22 HOH HOH B . 
I 5 HOH 13 213 42 HOH HOH B . 
I 5 HOH 14 214 69 HOH HOH B . 
I 5 HOH 15 215 25 HOH HOH B . 
I 5 HOH 16 216 38 HOH HOH B . 
I 5 HOH 17 217 67 HOH HOH B . 
I 5 HOH 18 218 36 HOH HOH B . 
I 5 HOH 19 219 23 HOH HOH B . 
I 5 HOH 20 220 2  HOH HOH B . 
I 5 HOH 21 221 14 HOH HOH B . 
I 5 HOH 22 222 49 HOH HOH B . 
I 5 HOH 23 223 35 HOH HOH B . 
I 5 HOH 24 224 73 HOH HOH B . 
I 5 HOH 25 225 19 HOH HOH B . 
I 5 HOH 26 226 68 HOH HOH B . 
I 5 HOH 27 227 63 HOH HOH B . 
I 5 HOH 28 228 59 HOH HOH B . 
# 
loop_
_software.citation_id 
_software.classification 
_software.compiler_name 
_software.compiler_version 
_software.contact_author 
_software.contact_author_email 
_software.date 
_software.description 
_software.dependencies 
_software.hardware 
_software.language 
_software.location 
_software.mods 
_software.name 
_software.os 
_software.os_version 
_software.type 
_software.version 
_software.pdbx_ordinal 
? refinement       ? ? ? ? ? ? ? ? ? ? ? PHENIX   ? ? ? '(dev_2747: ???)' 1 
? 'data reduction' ? ? ? ? ? ? ? ? ? ? ? HKL-2000 ? ? ? .                 2 
? 'data scaling'   ? ? ? ? ? ? ? ? ? ? ? HKL-2000 ? ? ? .                 3 
? phasing          ? ? ? ? ? ? ? ? ? ? ? PHASER   ? ? ? .                 4 
# 
_cell.angle_alpha                  90.00 
_cell.angle_alpha_esd              ? 
_cell.angle_beta                   90.00 
_cell.angle_beta_esd               ? 
_cell.angle_gamma                  120.00 
_cell.angle_gamma_esd              ? 
_cell.entry_id                     6IWO 
_cell.details                      ? 
_cell.formula_units_Z              ? 
_cell.length_a                     87.691 
_cell.length_a_esd                 ? 
_cell.length_b                     87.691 
_cell.length_b_esd                 ? 
_cell.length_c                     50.689 
_cell.length_c_esd                 ? 
_cell.volume                       ? 
_cell.volume_esd                   ? 
_cell.Z_PDB                        12 
_cell.reciprocal_angle_alpha       ? 
_cell.reciprocal_angle_beta        ? 
_cell.reciprocal_angle_gamma       ? 
_cell.reciprocal_angle_alpha_esd   ? 
_cell.reciprocal_angle_beta_esd    ? 
_cell.reciprocal_angle_gamma_esd   ? 
_cell.reciprocal_length_a          ? 
_cell.reciprocal_length_b          ? 
_cell.reciprocal_length_c          ? 
_cell.reciprocal_length_a_esd      ? 
_cell.reciprocal_length_b_esd      ? 
_cell.reciprocal_length_c_esd      ? 
_cell.pdbx_unique_axis             ? 
# 
_symmetry.entry_id                         6IWO 
_symmetry.cell_setting                     ? 
_symmetry.Int_Tables_number                169 
_symmetry.space_group_name_Hall            ? 
_symmetry.space_group_name_H-M             'P 61' 
_symmetry.pdbx_full_space_group_name_H-M   ? 
# 
_exptl.absorpt_coefficient_mu     ? 
_exptl.absorpt_correction_T_max   ? 
_exptl.absorpt_correction_T_min   ? 
_exptl.absorpt_correction_type    ? 
_exptl.absorpt_process_details    ? 
_exptl.entry_id                   6IWO 
_exptl.crystals_number            1 
_exptl.details                    ? 
_exptl.method                     'X-RAY DIFFRACTION' 
_exptl.method_details             ? 
# 
_exptl_crystal.colour                      ? 
_exptl_crystal.density_diffrn              ? 
_exptl_crystal.density_Matthews            2.99 
_exptl_crystal.density_method              ? 
_exptl_crystal.density_percent_sol         58.88 
_exptl_crystal.description                 ? 
_exptl_crystal.F_000                       ? 
_exptl_crystal.id                          1 
_exptl_crystal.preparation                 ? 
_exptl_crystal.size_max                    ? 
_exptl_crystal.size_mid                    ? 
_exptl_crystal.size_min                    ? 
_exptl_crystal.size_rad                    ? 
_exptl_crystal.colour_lustre               ? 
_exptl_crystal.colour_modifier             ? 
_exptl_crystal.colour_primary              ? 
_exptl_crystal.density_meas                ? 
_exptl_crystal.density_meas_esd            ? 
_exptl_crystal.density_meas_gt             ? 
_exptl_crystal.density_meas_lt             ? 
_exptl_crystal.density_meas_temp           ? 
_exptl_crystal.density_meas_temp_esd       ? 
_exptl_crystal.density_meas_temp_gt        ? 
_exptl_crystal.density_meas_temp_lt        ? 
_exptl_crystal.pdbx_crystal_image_url      ? 
_exptl_crystal.pdbx_crystal_image_format   ? 
_exptl_crystal.pdbx_mosaicity              ? 
_exptl_crystal.pdbx_mosaicity_esd          ? 
# 
_exptl_crystal_grow.apparatus       ? 
_exptl_crystal_grow.atmosphere      ? 
_exptl_crystal_grow.crystal_id      1 
_exptl_crystal_grow.details         ? 
_exptl_crystal_grow.method          'VAPOR DIFFUSION, HANGING DROP' 
_exptl_crystal_grow.method_ref      ? 
_exptl_crystal_grow.pH              8.0 
_exptl_crystal_grow.pressure        ? 
_exptl_crystal_grow.pressure_esd    ? 
_exptl_crystal_grow.seeding         ? 
_exptl_crystal_grow.seeding_ref     ? 
_exptl_crystal_grow.temp            295.15 
_exptl_crystal_grow.temp_details    ? 
_exptl_crystal_grow.temp_esd        ? 
_exptl_crystal_grow.time            ? 
_exptl_crystal_grow.pdbx_details    '0.1M HEPES pH 8.0, 2M Ammonium sulfate' 
_exptl_crystal_grow.pdbx_pH_range   ? 
# 
_diffrn.ambient_environment              ? 
_diffrn.ambient_temp                     100 
_diffrn.ambient_temp_details             ? 
_diffrn.ambient_temp_esd                 ? 
_diffrn.crystal_id                       1 
_diffrn.crystal_support                  ? 
_diffrn.crystal_treatment                ? 
_diffrn.details                          ? 
_diffrn.id                               1 
_diffrn.ambient_pressure                 ? 
_diffrn.ambient_pressure_esd             ? 
_diffrn.ambient_pressure_gt              ? 
_diffrn.ambient_pressure_lt              ? 
_diffrn.ambient_temp_gt                  ? 
_diffrn.ambient_temp_lt                  ? 
_diffrn.pdbx_serial_crystal_experiment   N 
# 
_diffrn_detector.details                      ? 
_diffrn_detector.detector                     'IMAGE PLATE' 
_diffrn_detector.diffrn_id                    1 
_diffrn_detector.type                         'RIGAKU RAXIS IV++' 
_diffrn_detector.area_resol_mean              ? 
_diffrn_detector.dtime                        ? 
_diffrn_detector.pdbx_frames_total            ? 
_diffrn_detector.pdbx_collection_time_total   ? 
_diffrn_detector.pdbx_collection_date         2016-10-04 
_diffrn_detector.pdbx_frequency               ? 
# 
_diffrn_radiation.collimation                      ? 
_diffrn_radiation.diffrn_id                        1 
_diffrn_radiation.filter_edge                      ? 
_diffrn_radiation.inhomogeneity                    ? 
_diffrn_radiation.monochromator                    ? 
_diffrn_radiation.polarisn_norm                    ? 
_diffrn_radiation.polarisn_ratio                   ? 
_diffrn_radiation.probe                            ? 
_diffrn_radiation.type                             ? 
_diffrn_radiation.xray_symbol                      ? 
_diffrn_radiation.wavelength_id                    1 
_diffrn_radiation.pdbx_monochromatic_or_laue_m_l   M 
_diffrn_radiation.pdbx_wavelength_list             ? 
_diffrn_radiation.pdbx_wavelength                  ? 
_diffrn_radiation.pdbx_diffrn_protocol             'SINGLE WAVELENGTH' 
_diffrn_radiation.pdbx_analyzer                    ? 
_diffrn_radiation.pdbx_scattering_type             x-ray 
# 
_diffrn_radiation_wavelength.id           1 
_diffrn_radiation_wavelength.wavelength   1.54178 
_diffrn_radiation_wavelength.wt           1.0 
# 
_diffrn_source.current                     ? 
_diffrn_source.details                     ? 
_diffrn_source.diffrn_id                   1 
_diffrn_source.power                       ? 
_diffrn_source.size                        ? 
_diffrn_source.source                      'ROTATING ANODE' 
_diffrn_source.target                      ? 
_diffrn_source.type                        'RIGAKU FR-E SUPERBRIGHT' 
_diffrn_source.voltage                     ? 
_diffrn_source.take-off_angle              ? 
_diffrn_source.pdbx_wavelength_list        1.54178 
_diffrn_source.pdbx_wavelength             ? 
_diffrn_source.pdbx_synchrotron_beamline   ? 
_diffrn_source.pdbx_synchrotron_site       ? 
# 
_reflns.B_iso_Wilson_estimate            ? 
_reflns.entry_id                         6IWO 
_reflns.data_reduction_details           ? 
_reflns.data_reduction_method            ? 
_reflns.d_resolution_high                2.35 
_reflns.d_resolution_low                 50.0 
_reflns.details                          ? 
_reflns.limit_h_max                      ? 
_reflns.limit_h_min                      ? 
_reflns.limit_k_max                      ? 
_reflns.limit_k_min                      ? 
_reflns.limit_l_max                      ? 
_reflns.limit_l_min                      ? 
_reflns.number_all                       ? 
_reflns.number_obs                       9383 
_reflns.observed_criterion               ? 
_reflns.observed_criterion_F_max         ? 
_reflns.observed_criterion_F_min         ? 
_reflns.observed_criterion_I_max         ? 
_reflns.observed_criterion_I_min         ? 
_reflns.observed_criterion_sigma_F       ? 
_reflns.observed_criterion_sigma_I       ? 
_reflns.percent_possible_obs             99.8 
_reflns.R_free_details                   ? 
_reflns.Rmerge_F_all                     ? 
_reflns.Rmerge_F_obs                     ? 
_reflns.Friedel_coverage                 ? 
_reflns.number_gt                        ? 
_reflns.threshold_expression             ? 
_reflns.pdbx_redundancy                  8.2 
_reflns.pdbx_Rmerge_I_obs                0.118 
_reflns.pdbx_Rmerge_I_all                ? 
_reflns.pdbx_Rsym_value                  ? 
_reflns.pdbx_netI_over_av_sigmaI         ? 
_reflns.pdbx_netI_over_sigmaI            18.01 
_reflns.pdbx_res_netI_over_av_sigmaI_2   ? 
_reflns.pdbx_res_netI_over_sigmaI_2      ? 
_reflns.pdbx_chi_squared                 ? 
_reflns.pdbx_scaling_rejects             ? 
_reflns.pdbx_d_res_high_opt              ? 
_reflns.pdbx_d_res_low_opt               ? 
_reflns.pdbx_d_res_opt_method            ? 
_reflns.phase_calculation_details        ? 
_reflns.pdbx_Rrim_I_all                  ? 
_reflns.pdbx_Rpim_I_all                  ? 
_reflns.pdbx_d_opt                       ? 
_reflns.pdbx_number_measured_all         ? 
_reflns.pdbx_diffrn_id                   1 
_reflns.pdbx_ordinal                     1 
_reflns.pdbx_CC_half                     0.997 
_reflns.pdbx_R_split                     ? 
# 
_reflns_shell.d_res_high                  2.35 
_reflns_shell.d_res_low                   2.43 
_reflns_shell.meanI_over_sigI_all         ? 
_reflns_shell.meanI_over_sigI_obs         2.88 
_reflns_shell.number_measured_all         ? 
_reflns_shell.number_measured_obs         ? 
_reflns_shell.number_possible             ? 
_reflns_shell.number_unique_all           ? 
_reflns_shell.number_unique_obs           931 
_reflns_shell.percent_possible_all        99.5 
_reflns_shell.percent_possible_obs        ? 
_reflns_shell.Rmerge_F_all                ? 
_reflns_shell.Rmerge_F_obs                ? 
_reflns_shell.Rmerge_I_all                ? 
_reflns_shell.Rmerge_I_obs                0.590 
_reflns_shell.meanI_over_sigI_gt          ? 
_reflns_shell.meanI_over_uI_all           ? 
_reflns_shell.meanI_over_uI_gt            ? 
_reflns_shell.number_measured_gt          ? 
_reflns_shell.number_unique_gt            ? 
_reflns_shell.percent_possible_gt         ? 
_reflns_shell.Rmerge_F_gt                 ? 
_reflns_shell.Rmerge_I_gt                 ? 
_reflns_shell.pdbx_redundancy             6.1 
_reflns_shell.pdbx_Rsym_value             ? 
_reflns_shell.pdbx_chi_squared            ? 
_reflns_shell.pdbx_netI_over_sigmaI_all   ? 
_reflns_shell.pdbx_netI_over_sigmaI_obs   ? 
_reflns_shell.pdbx_Rrim_I_all             ? 
_reflns_shell.pdbx_Rpim_I_all             ? 
_reflns_shell.pdbx_rejects                ? 
_reflns_shell.pdbx_ordinal                1 
_reflns_shell.pdbx_diffrn_id              1 
_reflns_shell.pdbx_CC_half                0.591 
_reflns_shell.pdbx_R_split                ? 
# 
_refine.aniso_B[1][1]                            ? 
_refine.aniso_B[1][2]                            ? 
_refine.aniso_B[1][3]                            ? 
_refine.aniso_B[2][2]                            ? 
_refine.aniso_B[2][3]                            ? 
_refine.aniso_B[3][3]                            ? 
_refine.B_iso_max                                ? 
_refine.B_iso_mean                               ? 
_refine.B_iso_min                                ? 
_refine.correlation_coeff_Fo_to_Fc               ? 
_refine.correlation_coeff_Fo_to_Fc_free          ? 
_refine.details                                  ? 
_refine.diff_density_max                         ? 
_refine.diff_density_max_esd                     ? 
_refine.diff_density_min                         ? 
_refine.diff_density_min_esd                     ? 
_refine.diff_density_rms                         ? 
_refine.diff_density_rms_esd                     ? 
_refine.entry_id                                 6IWO 
_refine.pdbx_refine_id                           'X-RAY DIFFRACTION' 
_refine.ls_abs_structure_details                 ? 
_refine.ls_abs_structure_Flack                   ? 
_refine.ls_abs_structure_Flack_esd               ? 
_refine.ls_abs_structure_Rogers                  ? 
_refine.ls_abs_structure_Rogers_esd              ? 
_refine.ls_d_res_high                            2.35 
_refine.ls_d_res_low                             33.16 
_refine.ls_extinction_coef                       ? 
_refine.ls_extinction_coef_esd                   ? 
_refine.ls_extinction_expression                 ? 
_refine.ls_extinction_method                     ? 
_refine.ls_goodness_of_fit_all                   ? 
_refine.ls_goodness_of_fit_all_esd               ? 
_refine.ls_goodness_of_fit_obs                   ? 
_refine.ls_goodness_of_fit_obs_esd               ? 
_refine.ls_hydrogen_treatment                    ? 
_refine.ls_matrix_type                           ? 
_refine.ls_number_constraints                    ? 
_refine.ls_number_parameters                     ? 
_refine.ls_number_reflns_all                     ? 
_refine.ls_number_reflns_obs                     9383 
_refine.ls_number_reflns_R_free                  460 
_refine.ls_number_reflns_R_work                  ? 
_refine.ls_number_restraints                     ? 
_refine.ls_percent_reflns_obs                    99.88 
_refine.ls_percent_reflns_R_free                 4.90 
_refine.ls_R_factor_all                          ? 
_refine.ls_R_factor_obs                          0.2060 
_refine.ls_R_factor_R_free                       0.2445 
_refine.ls_R_factor_R_free_error                 ? 
_refine.ls_R_factor_R_free_error_details         ? 
_refine.ls_R_factor_R_work                       0.2040 
_refine.ls_R_Fsqd_factor_obs                     ? 
_refine.ls_R_I_factor_obs                        ? 
_refine.ls_redundancy_reflns_all                 ? 
_refine.ls_redundancy_reflns_obs                 ? 
_refine.ls_restrained_S_all                      ? 
_refine.ls_restrained_S_obs                      ? 
_refine.ls_shift_over_esd_max                    ? 
_refine.ls_shift_over_esd_mean                   ? 
_refine.ls_structure_factor_coef                 ? 
_refine.ls_weighting_details                     ? 
_refine.ls_weighting_scheme                      ? 
_refine.ls_wR_factor_all                         ? 
_refine.ls_wR_factor_obs                         ? 
_refine.ls_wR_factor_R_free                      ? 
_refine.ls_wR_factor_R_work                      ? 
_refine.occupancy_max                            ? 
_refine.occupancy_min                            ? 
_refine.solvent_model_details                    ? 
_refine.solvent_model_param_bsol                 ? 
_refine.solvent_model_param_ksol                 ? 
_refine.ls_R_factor_gt                           ? 
_refine.ls_goodness_of_fit_gt                    ? 
_refine.ls_goodness_of_fit_ref                   ? 
_refine.ls_shift_over_su_max                     ? 
_refine.ls_shift_over_su_max_lt                  ? 
_refine.ls_shift_over_su_mean                    ? 
_refine.ls_shift_over_su_mean_lt                 ? 
_refine.pdbx_ls_sigma_I                          ? 
_refine.pdbx_ls_sigma_F                          1.42 
_refine.pdbx_ls_sigma_Fsqd                       ? 
_refine.pdbx_data_cutoff_high_absF               ? 
_refine.pdbx_data_cutoff_high_rms_absF           ? 
_refine.pdbx_data_cutoff_low_absF                ? 
_refine.pdbx_isotropic_thermal_model             ? 
_refine.pdbx_ls_cross_valid_method               'FREE R-VALUE' 
_refine.pdbx_method_to_determine_struct          'MOLECULAR REPLACEMENT' 
_refine.pdbx_starting_model                      6IWM 
_refine.pdbx_stereochemistry_target_values       ? 
_refine.pdbx_R_Free_selection_details            ? 
_refine.pdbx_stereochem_target_val_spec_case     ? 
_refine.pdbx_overall_ESU_R                       ? 
_refine.pdbx_overall_ESU_R_Free                  ? 
_refine.pdbx_solvent_vdw_probe_radii             1.11 
_refine.pdbx_solvent_ion_probe_radii             ? 
_refine.pdbx_solvent_shrinkage_radii             0.90 
_refine.pdbx_real_space_R                        ? 
_refine.pdbx_density_correlation                 ? 
_refine.pdbx_pd_number_of_powder_patterns        ? 
_refine.pdbx_pd_number_of_points                 ? 
_refine.pdbx_pd_meas_number_of_points            ? 
_refine.pdbx_pd_proc_ls_prof_R_factor            ? 
_refine.pdbx_pd_proc_ls_prof_wR_factor           ? 
_refine.pdbx_pd_Marquardt_correlation_coeff      ? 
_refine.pdbx_pd_Fsqrd_R_factor                   ? 
_refine.pdbx_pd_ls_matrix_band_width             ? 
_refine.pdbx_overall_phase_error                 24.44 
_refine.pdbx_overall_SU_R_free_Cruickshank_DPI   ? 
_refine.pdbx_overall_SU_R_free_Blow_DPI          ? 
_refine.pdbx_overall_SU_R_Blow_DPI               ? 
_refine.pdbx_TLS_residual_ADP_flag               ? 
_refine.pdbx_diffrn_id                           1 
_refine.overall_SU_B                             ? 
_refine.overall_SU_ML                            0.32 
_refine.overall_SU_R_Cruickshank_DPI             ? 
_refine.overall_SU_R_free                        ? 
_refine.overall_FOM_free_R_set                   ? 
_refine.overall_FOM_work_R_set                   ? 
_refine.pdbx_average_fsc_overall                 ? 
_refine.pdbx_average_fsc_work                    ? 
_refine.pdbx_average_fsc_free                    ? 
# 
_refine_hist.pdbx_refine_id                   'X-RAY DIFFRACTION' 
_refine_hist.cycle_id                         LAST 
_refine_hist.pdbx_number_atoms_protein        1289 
_refine_hist.pdbx_number_atoms_nucleic_acid   0 
_refine_hist.pdbx_number_atoms_ligand         38 
_refine_hist.number_atoms_solvent             58 
_refine_hist.number_atoms_total               1385 
_refine_hist.d_res_high                       2.35 
_refine_hist.d_res_low                        33.16 
# 
loop_
_refine_ls_restr.pdbx_refine_id 
_refine_ls_restr.criterion 
_refine_ls_restr.dev_ideal 
_refine_ls_restr.dev_ideal_target 
_refine_ls_restr.number 
_refine_ls_restr.rejects 
_refine_ls_restr.type 
_refine_ls_restr.weight 
_refine_ls_restr.pdbx_restraint_function 
'X-RAY DIFFRACTION' ? 0.004 ? 1346 ? f_bond_d           ? ? 
'X-RAY DIFFRACTION' ? 0.736 ? 1830 ? f_angle_d          ? ? 
'X-RAY DIFFRACTION' ? 8.083 ? 836  ? f_dihedral_angle_d ? ? 
'X-RAY DIFFRACTION' ? 0.047 ? 212  ? f_chiral_restr     ? ? 
'X-RAY DIFFRACTION' ? 0.005 ? 243  ? f_plane_restr      ? ? 
# 
loop_
_refine_ls_shell.pdbx_refine_id 
_refine_ls_shell.d_res_high 
_refine_ls_shell.d_res_low 
_refine_ls_shell.number_reflns_all 
_refine_ls_shell.number_reflns_obs 
_refine_ls_shell.number_reflns_R_free 
_refine_ls_shell.number_reflns_R_work 
_refine_ls_shell.percent_reflns_obs 
_refine_ls_shell.percent_reflns_R_free 
_refine_ls_shell.R_factor_all 
_refine_ls_shell.R_factor_obs 
_refine_ls_shell.R_factor_R_free 
_refine_ls_shell.R_factor_R_free_error 
_refine_ls_shell.R_factor_R_work 
_refine_ls_shell.redundancy_reflns_all 
_refine_ls_shell.redundancy_reflns_obs 
_refine_ls_shell.wR_factor_all 
_refine_ls_shell.wR_factor_obs 
_refine_ls_shell.wR_factor_R_free 
_refine_ls_shell.wR_factor_R_work 
_refine_ls_shell.pdbx_total_number_of_bins_used 
_refine_ls_shell.pdbx_phase_error 
_refine_ls_shell.pdbx_fsc_work 
_refine_ls_shell.pdbx_fsc_free 
'X-RAY DIFFRACTION' 2.35   2.43   . . 157 2922 100.00 . . . 0.3037 . 0.2514 . . . . . . . . . . 
'X-RAY DIFFRACTION' 2.6893 3.3879 . . 160 2976 100.00 . . . 0.2410 . 0.2159 . . . . . . . . . . 
# 
_struct.entry_id                     6IWO 
_struct.title                        
;Structural insight into probable lipid transfer mechanism of non-specific lipid transfer protein via intermediate structures in Solanum melongena
;
_struct.pdbx_model_details           ? 
_struct.pdbx_formula_weight          ? 
_struct.pdbx_formula_weight_method   ? 
_struct.pdbx_model_type_details      ? 
_struct.pdbx_CASP_flag               N 
# 
_struct_keywords.entry_id        6IWO 
_struct_keywords.text            'nsLTP, myristic acid, LIPID TRANSPORT' 
_struct_keywords.pdbx_keywords   'LIPID TRANSPORT' 
# 
loop_
_struct_asym.id 
_struct_asym.pdbx_blank_PDB_chainid_flag 
_struct_asym.pdbx_modified 
_struct_asym.entity_id 
_struct_asym.details 
A N N 1 ? 
B N N 1 ? 
C N N 2 ? 
D N N 3 ? 
E N N 4 ? 
F N N 4 ? 
G N N 2 ? 
H N N 5 ? 
I N N 5 ? 
# 
_struct_ref.id                         1 
_struct_ref.db_name                    UNP 
_struct_ref.db_code                    A0A247D6Y2_SOLME 
_struct_ref.pdbx_db_accession          A0A247D6Y2 
_struct_ref.pdbx_db_isoform            ? 
_struct_ref.entity_id                  1 
_struct_ref.pdbx_seq_one_letter_code   
;AVTCGQVDANLAPCVPFLTQGGEPGAACCSGVKTLNGNAQSPDDRKTACNCIKAAANRYPNLKDDAAQSLPSKCGISLNV
PISRTINCDTIS
;
_struct_ref.pdbx_align_begin           1 
# 
loop_
_struct_ref_seq.align_id 
_struct_ref_seq.ref_id 
_struct_ref_seq.pdbx_PDB_id_code 
_struct_ref_seq.pdbx_strand_id 
_struct_ref_seq.seq_align_beg 
_struct_ref_seq.pdbx_seq_align_beg_ins_code 
_struct_ref_seq.seq_align_end 
_struct_ref_seq.pdbx_seq_align_end_ins_code 
_struct_ref_seq.pdbx_db_accession 
_struct_ref_seq.db_align_beg 
_struct_ref_seq.pdbx_db_align_beg_ins_code 
_struct_ref_seq.db_align_end 
_struct_ref_seq.pdbx_db_align_end_ins_code 
_struct_ref_seq.pdbx_auth_seq_align_beg 
_struct_ref_seq.pdbx_auth_seq_align_end 
1 1 6IWO A 1 ? 92 ? A0A247D6Y2 1 ? 92 ? 1 92 
2 1 6IWO B 1 ? 92 ? A0A247D6Y2 1 ? 92 ? 1 92 
# 
_pdbx_struct_assembly.id                   1 
_pdbx_struct_assembly.details              author_and_software_defined_assembly 
_pdbx_struct_assembly.method_details       PISA 
_pdbx_struct_assembly.oligomeric_details   dimeric 
_pdbx_struct_assembly.oligomeric_count     2 
# 
loop_
_pdbx_struct_assembly_prop.biol_id 
_pdbx_struct_assembly_prop.type 
_pdbx_struct_assembly_prop.value 
_pdbx_struct_assembly_prop.details 
1 'ABSA (A^2)' 1720 ? 
1 MORE         -31  ? 
1 'SSA (A^2)'  8800 ? 
# 
loop_
_pdbx_struct_assembly_gen.assembly_id 
_pdbx_struct_assembly_gen.oper_expression 
_pdbx_struct_assembly_gen.asym_id_list 
1 1 B,E,F,G,I 
1 2 A,C,D,H   
# 
_pdbx_struct_assembly_auth_evidence.id                     1 
_pdbx_struct_assembly_auth_evidence.assembly_id            1 
_pdbx_struct_assembly_auth_evidence.experimental_support   none 
_pdbx_struct_assembly_auth_evidence.details                ? 
# 
loop_
_pdbx_struct_oper_list.id 
_pdbx_struct_oper_list.type 
_pdbx_struct_oper_list.name 
_pdbx_struct_oper_list.symmetry_operation 
_pdbx_struct_oper_list.matrix[1][1] 
_pdbx_struct_oper_list.matrix[1][2] 
_pdbx_struct_oper_list.matrix[1][3] 
_pdbx_struct_oper_list.vector[1] 
_pdbx_struct_oper_list.matrix[2][1] 
_pdbx_struct_oper_list.matrix[2][2] 
_pdbx_struct_oper_list.matrix[2][3] 
_pdbx_struct_oper_list.vector[2] 
_pdbx_struct_oper_list.matrix[3][1] 
_pdbx_struct_oper_list.matrix[3][2] 
_pdbx_struct_oper_list.matrix[3][3] 
_pdbx_struct_oper_list.vector[3] 
1 'identity operation'         1_555 x,y,z         1.0000000000  0.0000000000  0.0000000000  0.0000000000  0.0000000000  1.0000000000  0.0000000000 0.0000000000  0.0000000000  0.0000000000 1.0000000000 0.0000000000  
2 'crystal symmetry operation' 4_654 -x+1,-y,z-1/2 -0.9829874292 -0.0543850397 -0.1754365457 15.8462566205 -0.0543850397 -0.8261442923 0.5608278485 15.5343502781 -0.1754365457 0.5608278485 0.8091317215 23.3689720744 
# 
loop_
_struct_conf.conf_type_id 
_struct_conf.id 
_struct_conf.pdbx_PDB_helix_id 
_struct_conf.beg_label_comp_id 
_struct_conf.beg_label_asym_id 
_struct_conf.beg_label_seq_id 
_struct_conf.pdbx_beg_PDB_ins_code 
_struct_conf.end_label_comp_id 
_struct_conf.end_label_asym_id 
_struct_conf.end_label_seq_id 
_struct_conf.pdbx_end_PDB_ins_code 
_struct_conf.beg_auth_comp_id 
_struct_conf.beg_auth_asym_id 
_struct_conf.beg_auth_seq_id 
_struct_conf.end_auth_comp_id 
_struct_conf.end_auth_asym_id 
_struct_conf.end_auth_seq_id 
_struct_conf.pdbx_PDB_helix_class 
_struct_conf.details 
_struct_conf.pdbx_PDB_helix_length 
HELX_P HELX_P1  AA1 THR A 3  ? ALA A 12 ? THR A 3  ALA A 12 1 ? 10 
HELX_P HELX_P2  AA2 CYS A 14 ? GLY A 21 ? CYS A 14 GLY A 21 1 ? 8  
HELX_P HELX_P3  AA3 GLY A 25 ? ALA A 39 ? GLY A 25 ALA A 39 1 ? 15 
HELX_P HELX_P4  AA4 SER A 41 ? TYR A 59 ? SER A 41 TYR A 59 1 ? 19 
HELX_P HELX_P5  AA5 LYS A 63 ? GLY A 75 ? LYS A 63 GLY A 75 1 ? 13 
HELX_P HELX_P6  AA6 ASN A 87 ? ILE A 91 ? ASN A 87 ILE A 91 5 ? 5  
HELX_P HELX_P7  AA7 THR B 3  ? ALA B 12 ? THR B 3  ALA B 12 1 ? 10 
HELX_P HELX_P8  AA8 CYS B 14 ? GLY B 21 ? CYS B 14 GLY B 21 1 ? 8  
HELX_P HELX_P9  AA9 GLY B 25 ? ALA B 39 ? GLY B 25 ALA B 39 1 ? 15 
HELX_P HELX_P10 AB1 SER B 41 ? TYR B 59 ? SER B 41 TYR B 59 1 ? 19 
HELX_P HELX_P11 AB2 LYS B 63 ? GLY B 75 ? LYS B 63 GLY B 75 1 ? 13 
HELX_P HELX_P12 AB3 ASN B 87 ? ILE B 91 ? ASN B 87 ILE B 91 5 ? 5  
# 
_struct_conf_type.id          HELX_P 
_struct_conf_type.criteria    ? 
_struct_conf_type.reference   ? 
# 
loop_
_struct_conn.id 
_struct_conn.conn_type_id 
_struct_conn.pdbx_leaving_atom_flag 
_struct_conn.pdbx_PDB_id 
_struct_conn.ptnr1_label_asym_id 
_struct_conn.ptnr1_label_comp_id 
_struct_conn.ptnr1_label_seq_id 
_struct_conn.ptnr1_label_atom_id 
_struct_conn.pdbx_ptnr1_label_alt_id 
_struct_conn.pdbx_ptnr1_PDB_ins_code 
_struct_conn.pdbx_ptnr1_standard_comp_id 
_struct_conn.ptnr1_symmetry 
_struct_conn.ptnr2_label_asym_id 
_struct_conn.ptnr2_label_comp_id 
_struct_conn.ptnr2_label_seq_id 
_struct_conn.ptnr2_label_atom_id 
_struct_conn.pdbx_ptnr2_label_alt_id 
_struct_conn.pdbx_ptnr2_PDB_ins_code 
_struct_conn.ptnr1_auth_asym_id 
_struct_conn.ptnr1_auth_comp_id 
_struct_conn.ptnr1_auth_seq_id 
_struct_conn.ptnr2_auth_asym_id 
_struct_conn.ptnr2_auth_comp_id 
_struct_conn.ptnr2_auth_seq_id 
_struct_conn.ptnr2_symmetry 
_struct_conn.pdbx_ptnr3_label_atom_id 
_struct_conn.pdbx_ptnr3_label_seq_id 
_struct_conn.pdbx_ptnr3_label_comp_id 
_struct_conn.pdbx_ptnr3_label_asym_id 
_struct_conn.pdbx_ptnr3_label_alt_id 
_struct_conn.pdbx_ptnr3_PDB_ins_code 
_struct_conn.details 
_struct_conn.pdbx_dist_value 
_struct_conn.pdbx_value_order 
_struct_conn.pdbx_role 
disulf1 disulf ? ? A CYS 4  SG ? ? ? 1_555 A CYS 51 SG ? ? A CYS 4  A CYS 51 1_555 ? ? ? ? ? ? ? 2.030 ? ? 
disulf2 disulf ? ? A CYS 14 SG ? ? ? 1_555 A CYS 28 SG ? ? A CYS 14 A CYS 28 1_555 ? ? ? ? ? ? ? 2.039 ? ? 
disulf3 disulf ? ? A CYS 29 SG ? ? ? 1_555 A CYS 74 SG ? ? A CYS 29 A CYS 74 1_555 ? ? ? ? ? ? ? 2.040 ? ? 
disulf4 disulf ? ? A CYS 49 SG ? ? ? 1_555 A CYS 88 SG ? ? A CYS 49 A CYS 88 1_555 ? ? ? ? ? ? ? 2.050 ? ? 
disulf5 disulf ? ? B CYS 4  SG ? ? ? 1_555 B CYS 51 SG ? ? B CYS 4  B CYS 51 1_555 ? ? ? ? ? ? ? 2.039 ? ? 
disulf6 disulf ? ? B CYS 14 SG ? ? ? 1_555 B CYS 28 SG ? ? B CYS 14 B CYS 28 1_555 ? ? ? ? ? ? ? 2.041 ? ? 
disulf7 disulf ? ? B CYS 29 SG ? ? ? 1_555 B CYS 74 SG ? ? B CYS 29 B CYS 74 1_555 ? ? ? ? ? ? ? 2.039 ? ? 
disulf8 disulf ? ? B CYS 49 SG ? ? ? 1_555 B CYS 88 SG ? ? B CYS 49 B CYS 88 1_555 ? ? ? ? ? ? ? 2.037 ? ? 
# 
_struct_conn_type.id          disulf 
_struct_conn_type.criteria    ? 
_struct_conn_type.reference   ? 
# 
loop_
_pdbx_modification_feature.ordinal 
_pdbx_modification_feature.label_comp_id 
_pdbx_modification_feature.label_asym_id 
_pdbx_modification_feature.label_seq_id 
_pdbx_modification_feature.label_alt_id 
_pdbx_modification_feature.modified_residue_label_comp_id 
_pdbx_modification_feature.modified_residue_label_asym_id 
_pdbx_modification_feature.modified_residue_label_seq_id 
_pdbx_modification_feature.modified_residue_label_alt_id 
_pdbx_modification_feature.auth_comp_id 
_pdbx_modification_feature.auth_asym_id 
_pdbx_modification_feature.auth_seq_id 
_pdbx_modification_feature.PDB_ins_code 
_pdbx_modification_feature.symmetry 
_pdbx_modification_feature.modified_residue_auth_comp_id 
_pdbx_modification_feature.modified_residue_auth_asym_id 
_pdbx_modification_feature.modified_residue_auth_seq_id 
_pdbx_modification_feature.modified_residue_PDB_ins_code 
_pdbx_modification_feature.modified_residue_symmetry 
_pdbx_modification_feature.comp_id_linking_atom 
_pdbx_modification_feature.modified_residue_id_linking_atom 
_pdbx_modification_feature.modified_residue_id 
_pdbx_modification_feature.ref_pcm_id 
_pdbx_modification_feature.ref_comp_id 
_pdbx_modification_feature.type 
_pdbx_modification_feature.category 
1 CYS A 4  ? CYS A 51 ? CYS A 4  ? 1_555 CYS A 51 ? 1_555 SG SG . . . None 'Disulfide bridge' 
2 CYS A 14 ? CYS A 28 ? CYS A 14 ? 1_555 CYS A 28 ? 1_555 SG SG . . . None 'Disulfide bridge' 
3 CYS A 29 ? CYS A 74 ? CYS A 29 ? 1_555 CYS A 74 ? 1_555 SG SG . . . None 'Disulfide bridge' 
4 CYS A 49 ? CYS A 88 ? CYS A 49 ? 1_555 CYS A 88 ? 1_555 SG SG . . . None 'Disulfide bridge' 
5 CYS B 4  ? CYS B 51 ? CYS B 4  ? 1_555 CYS B 51 ? 1_555 SG SG . . . None 'Disulfide bridge' 
6 CYS B 14 ? CYS B 28 ? CYS B 14 ? 1_555 CYS B 28 ? 1_555 SG SG . . . None 'Disulfide bridge' 
7 CYS B 29 ? CYS B 74 ? CYS B 29 ? 1_555 CYS B 74 ? 1_555 SG SG . . . None 'Disulfide bridge' 
8 CYS B 49 ? CYS B 88 ? CYS B 49 ? 1_555 CYS B 88 ? 1_555 SG SG . . . None 'Disulfide bridge' 
# 
loop_
_struct_site.id 
_struct_site.pdbx_evidence_code 
_struct_site.pdbx_auth_asym_id 
_struct_site.pdbx_auth_comp_id 
_struct_site.pdbx_auth_seq_id 
_struct_site.pdbx_auth_ins_code 
_struct_site.pdbx_num_residues 
_struct_site.details 
AC1 Software A GOL 101 ? 4  'binding site for residue GOL A 101' 
AC2 Software A MYR 102 ? 17 'binding site for residue MYR A 102' 
AC3 Software B SO4 101 ? 8  'binding site for residue SO4 B 101' 
AC4 Software B SO4 102 ? 3  'binding site for residue SO4 B 102' 
AC5 Software B GOL 103 ? 3  'binding site for residue GOL B 103' 
# 
loop_
_struct_site_gen.id 
_struct_site_gen.site_id 
_struct_site_gen.pdbx_num_res 
_struct_site_gen.label_comp_id 
_struct_site_gen.label_asym_id 
_struct_site_gen.label_seq_id 
_struct_site_gen.pdbx_auth_ins_code 
_struct_site_gen.auth_comp_id 
_struct_site_gen.auth_asym_id 
_struct_site_gen.auth_seq_id 
_struct_site_gen.label_atom_id 
_struct_site_gen.label_alt_id 
_struct_site_gen.symmetry 
_struct_site_gen.details 
1  AC1 4  LEU A 62 ? LEU A 62  . ? 1_555 ? 
2  AC1 4  LYS A 63 ? LYS A 63  . ? 1_555 ? 
3  AC1 4  ASP A 64 ? ASP A 64  . ? 1_555 ? 
4  AC1 4  ASP A 65 ? ASP A 65  . ? 1_555 ? 
5  AC2 17 GLU A 23 ? GLU A 23  . ? 4_654 ? 
6  AC2 17 GLY A 25 ? GLY A 25  . ? 4_654 ? 
7  AC2 17 ALA A 26 ? ALA A 26  . ? 4_654 ? 
8  AC2 17 ALA A 27 ? ALA A 27  . ? 4_654 ? 
9  AC2 17 ALA A 39 ? ALA A 39  . ? 1_555 ? 
10 AC2 17 GLN A 40 ? GLN A 40  . ? 1_555 ? 
11 AC2 17 ARG A 45 ? ARG A 45  . ? 1_555 ? 
12 AC2 17 SER A 77 ? SER A 77  . ? 1_555 ? 
13 AC2 17 LEU A 78 ? LEU A 78  . ? 1_555 ? 
14 AC2 17 ASN A 79 ? ASN A 79  . ? 1_555 ? 
15 AC2 17 HOH H .  ? HOH A 207 . ? 1_555 ? 
16 AC2 17 HOH H .  ? HOH A 216 . ? 4_654 ? 
17 AC2 17 HOH H .  ? HOH A 220 . ? 1_555 ? 
18 AC2 17 PRO B 71 ? PRO B 71  . ? 1_555 ? 
19 AC2 17 SER B 72 ? SER B 72  . ? 1_555 ? 
20 AC2 17 GLY B 75 ? GLY B 75  . ? 1_555 ? 
21 AC2 17 ILE B 76 ? ILE B 76  . ? 1_555 ? 
22 AC3 8  GLN A 6  ? GLN A 6   . ? 4_654 ? 
23 AC3 8  ASN A 10 ? ASN A 10  . ? 4_654 ? 
24 AC3 8  THR A 34 ? THR A 34  . ? 4_654 ? 
25 AC3 8  GLY B 25 ? GLY B 25  . ? 1_555 ? 
26 AC3 8  ALA B 26 ? ALA B 26  . ? 1_555 ? 
27 AC3 8  ALA B 27 ? ALA B 27  . ? 1_555 ? 
28 AC3 8  HOH I .  ? HOH B 202 . ? 1_555 ? 
29 AC3 8  HOH I .  ? HOH B 205 . ? 1_555 ? 
30 AC4 3  PRO B 60 ? PRO B 60  . ? 1_555 ? 
31 AC4 3  ASN B 61 ? ASN B 61  . ? 1_555 ? 
32 AC4 3  ARG B 84 ? ARG B 84  . ? 1_555 ? 
33 AC5 3  LYS B 63 ? LYS B 63  . ? 1_555 ? 
34 AC5 3  ASP B 64 ? ASP B 64  . ? 1_555 ? 
35 AC5 3  ASP B 65 ? ASP B 65  . ? 1_555 ? 
# 
_pdbx_entry_details.entry_id                   6IWO 
_pdbx_entry_details.compound_details           ? 
_pdbx_entry_details.source_details             ? 
_pdbx_entry_details.nonpolymer_details         ? 
_pdbx_entry_details.sequence_details           ? 
_pdbx_entry_details.has_ligand_of_interest     ? 
_pdbx_entry_details.has_protein_modification   Y 
# 
_pdbx_validate_torsion.id              1 
_pdbx_validate_torsion.PDB_model_num   1 
_pdbx_validate_torsion.auth_comp_id    GLN 
_pdbx_validate_torsion.auth_asym_id    B 
_pdbx_validate_torsion.auth_seq_id     40 
_pdbx_validate_torsion.PDB_ins_code    ? 
_pdbx_validate_torsion.label_alt_id    ? 
_pdbx_validate_torsion.phi             -90.71 
_pdbx_validate_torsion.psi             -62.52 
# 
_pdbx_distant_solvent_atoms.id                                1 
_pdbx_distant_solvent_atoms.PDB_model_num                     1 
_pdbx_distant_solvent_atoms.auth_atom_id                      O 
_pdbx_distant_solvent_atoms.label_alt_id                      ? 
_pdbx_distant_solvent_atoms.auth_asym_id                      B 
_pdbx_distant_solvent_atoms.auth_comp_id                      HOH 
_pdbx_distant_solvent_atoms.auth_seq_id                       228 
_pdbx_distant_solvent_atoms.PDB_ins_code                      ? 
_pdbx_distant_solvent_atoms.neighbor_macromolecule_distance   5.99 
_pdbx_distant_solvent_atoms.neighbor_ligand_distance          . 
# 
loop_
_pdbx_unobs_or_zero_occ_residues.id 
_pdbx_unobs_or_zero_occ_residues.PDB_model_num 
_pdbx_unobs_or_zero_occ_residues.polymer_flag 
_pdbx_unobs_or_zero_occ_residues.occupancy_flag 
_pdbx_unobs_or_zero_occ_residues.auth_asym_id 
_pdbx_unobs_or_zero_occ_residues.auth_comp_id 
_pdbx_unobs_or_zero_occ_residues.auth_seq_id 
_pdbx_unobs_or_zero_occ_residues.PDB_ins_code 
_pdbx_unobs_or_zero_occ_residues.label_asym_id 
_pdbx_unobs_or_zero_occ_residues.label_comp_id 
_pdbx_unobs_or_zero_occ_residues.label_seq_id 
1 1 Y 1 B ALA 1  ? B ALA 1  
2 1 Y 1 B SER 92 ? B SER 92 
# 
loop_
_chem_comp_atom.comp_id 
_chem_comp_atom.atom_id 
_chem_comp_atom.type_symbol 
_chem_comp_atom.pdbx_aromatic_flag 
_chem_comp_atom.pdbx_stereo_config 
_chem_comp_atom.pdbx_ordinal 
ALA N    N N N 1   
ALA CA   C N S 2   
ALA C    C N N 3   
ALA O    O N N 4   
ALA CB   C N N 5   
ALA OXT  O N N 6   
ALA H    H N N 7   
ALA H2   H N N 8   
ALA HA   H N N 9   
ALA HB1  H N N 10  
ALA HB2  H N N 11  
ALA HB3  H N N 12  
ALA HXT  H N N 13  
ARG N    N N N 14  
ARG CA   C N S 15  
ARG C    C N N 16  
ARG O    O N N 17  
ARG CB   C N N 18  
ARG CG   C N N 19  
ARG CD   C N N 20  
ARG NE   N N N 21  
ARG CZ   C N N 22  
ARG NH1  N N N 23  
ARG NH2  N N N 24  
ARG OXT  O N N 25  
ARG H    H N N 26  
ARG H2   H N N 27  
ARG HA   H N N 28  
ARG HB2  H N N 29  
ARG HB3  H N N 30  
ARG HG2  H N N 31  
ARG HG3  H N N 32  
ARG HD2  H N N 33  
ARG HD3  H N N 34  
ARG HE   H N N 35  
ARG HH11 H N N 36  
ARG HH12 H N N 37  
ARG HH21 H N N 38  
ARG HH22 H N N 39  
ARG HXT  H N N 40  
ASN N    N N N 41  
ASN CA   C N S 42  
ASN C    C N N 43  
ASN O    O N N 44  
ASN CB   C N N 45  
ASN CG   C N N 46  
ASN OD1  O N N 47  
ASN ND2  N N N 48  
ASN OXT  O N N 49  
ASN H    H N N 50  
ASN H2   H N N 51  
ASN HA   H N N 52  
ASN HB2  H N N 53  
ASN HB3  H N N 54  
ASN HD21 H N N 55  
ASN HD22 H N N 56  
ASN HXT  H N N 57  
ASP N    N N N 58  
ASP CA   C N S 59  
ASP C    C N N 60  
ASP O    O N N 61  
ASP CB   C N N 62  
ASP CG   C N N 63  
ASP OD1  O N N 64  
ASP OD2  O N N 65  
ASP OXT  O N N 66  
ASP H    H N N 67  
ASP H2   H N N 68  
ASP HA   H N N 69  
ASP HB2  H N N 70  
ASP HB3  H N N 71  
ASP HD2  H N N 72  
ASP HXT  H N N 73  
CYS N    N N N 74  
CYS CA   C N R 75  
CYS C    C N N 76  
CYS O    O N N 77  
CYS CB   C N N 78  
CYS SG   S N N 79  
CYS OXT  O N N 80  
CYS H    H N N 81  
CYS H2   H N N 82  
CYS HA   H N N 83  
CYS HB2  H N N 84  
CYS HB3  H N N 85  
CYS HG   H N N 86  
CYS HXT  H N N 87  
GLN N    N N N 88  
GLN CA   C N S 89  
GLN C    C N N 90  
GLN O    O N N 91  
GLN CB   C N N 92  
GLN CG   C N N 93  
GLN CD   C N N 94  
GLN OE1  O N N 95  
GLN NE2  N N N 96  
GLN OXT  O N N 97  
GLN H    H N N 98  
GLN H2   H N N 99  
GLN HA   H N N 100 
GLN HB2  H N N 101 
GLN HB3  H N N 102 
GLN HG2  H N N 103 
GLN HG3  H N N 104 
GLN HE21 H N N 105 
GLN HE22 H N N 106 
GLN HXT  H N N 107 
GLU N    N N N 108 
GLU CA   C N S 109 
GLU C    C N N 110 
GLU O    O N N 111 
GLU CB   C N N 112 
GLU CG   C N N 113 
GLU CD   C N N 114 
GLU OE1  O N N 115 
GLU OE2  O N N 116 
GLU OXT  O N N 117 
GLU H    H N N 118 
GLU H2   H N N 119 
GLU HA   H N N 120 
GLU HB2  H N N 121 
GLU HB3  H N N 122 
GLU HG2  H N N 123 
GLU HG3  H N N 124 
GLU HE2  H N N 125 
GLU HXT  H N N 126 
GLY N    N N N 127 
GLY CA   C N N 128 
GLY C    C N N 129 
GLY O    O N N 130 
GLY OXT  O N N 131 
GLY H    H N N 132 
GLY H2   H N N 133 
GLY HA2  H N N 134 
GLY HA3  H N N 135 
GLY HXT  H N N 136 
GOL C1   C N N 137 
GOL O1   O N N 138 
GOL C2   C N N 139 
GOL O2   O N N 140 
GOL C3   C N N 141 
GOL O3   O N N 142 
GOL H11  H N N 143 
GOL H12  H N N 144 
GOL HO1  H N N 145 
GOL H2   H N N 146 
GOL HO2  H N N 147 
GOL H31  H N N 148 
GOL H32  H N N 149 
GOL HO3  H N N 150 
HOH O    O N N 151 
HOH H1   H N N 152 
HOH H2   H N N 153 
ILE N    N N N 154 
ILE CA   C N S 155 
ILE C    C N N 156 
ILE O    O N N 157 
ILE CB   C N S 158 
ILE CG1  C N N 159 
ILE CG2  C N N 160 
ILE CD1  C N N 161 
ILE OXT  O N N 162 
ILE H    H N N 163 
ILE H2   H N N 164 
ILE HA   H N N 165 
ILE HB   H N N 166 
ILE HG12 H N N 167 
ILE HG13 H N N 168 
ILE HG21 H N N 169 
ILE HG22 H N N 170 
ILE HG23 H N N 171 
ILE HD11 H N N 172 
ILE HD12 H N N 173 
ILE HD13 H N N 174 
ILE HXT  H N N 175 
LEU N    N N N 176 
LEU CA   C N S 177 
LEU C    C N N 178 
LEU O    O N N 179 
LEU CB   C N N 180 
LEU CG   C N N 181 
LEU CD1  C N N 182 
LEU CD2  C N N 183 
LEU OXT  O N N 184 
LEU H    H N N 185 
LEU H2   H N N 186 
LEU HA   H N N 187 
LEU HB2  H N N 188 
LEU HB3  H N N 189 
LEU HG   H N N 190 
LEU HD11 H N N 191 
LEU HD12 H N N 192 
LEU HD13 H N N 193 
LEU HD21 H N N 194 
LEU HD22 H N N 195 
LEU HD23 H N N 196 
LEU HXT  H N N 197 
LYS N    N N N 198 
LYS CA   C N S 199 
LYS C    C N N 200 
LYS O    O N N 201 
LYS CB   C N N 202 
LYS CG   C N N 203 
LYS CD   C N N 204 
LYS CE   C N N 205 
LYS NZ   N N N 206 
LYS OXT  O N N 207 
LYS H    H N N 208 
LYS H2   H N N 209 
LYS HA   H N N 210 
LYS HB2  H N N 211 
LYS HB3  H N N 212 
LYS HG2  H N N 213 
LYS HG3  H N N 214 
LYS HD2  H N N 215 
LYS HD3  H N N 216 
LYS HE2  H N N 217 
LYS HE3  H N N 218 
LYS HZ1  H N N 219 
LYS HZ2  H N N 220 
LYS HZ3  H N N 221 
LYS HXT  H N N 222 
MYR C1   C N N 223 
MYR O1   O N N 224 
MYR O2   O N N 225 
MYR C2   C N N 226 
MYR C3   C N N 227 
MYR C4   C N N 228 
MYR C5   C N N 229 
MYR C6   C N N 230 
MYR C7   C N N 231 
MYR C8   C N N 232 
MYR C9   C N N 233 
MYR C10  C N N 234 
MYR C11  C N N 235 
MYR C12  C N N 236 
MYR C13  C N N 237 
MYR C14  C N N 238 
MYR HO2  H N N 239 
MYR H21  H N N 240 
MYR H22  H N N 241 
MYR H31  H N N 242 
MYR H32  H N N 243 
MYR H41  H N N 244 
MYR H42  H N N 245 
MYR H51  H N N 246 
MYR H52  H N N 247 
MYR H61  H N N 248 
MYR H62  H N N 249 
MYR H71  H N N 250 
MYR H72  H N N 251 
MYR H81  H N N 252 
MYR H82  H N N 253 
MYR H91  H N N 254 
MYR H92  H N N 255 
MYR H101 H N N 256 
MYR H102 H N N 257 
MYR H111 H N N 258 
MYR H112 H N N 259 
MYR H121 H N N 260 
MYR H122 H N N 261 
MYR H131 H N N 262 
MYR H132 H N N 263 
MYR H141 H N N 264 
MYR H142 H N N 265 
MYR H143 H N N 266 
PHE N    N N N 267 
PHE CA   C N S 268 
PHE C    C N N 269 
PHE O    O N N 270 
PHE CB   C N N 271 
PHE CG   C Y N 272 
PHE CD1  C Y N 273 
PHE CD2  C Y N 274 
PHE CE1  C Y N 275 
PHE CE2  C Y N 276 
PHE CZ   C Y N 277 
PHE OXT  O N N 278 
PHE H    H N N 279 
PHE H2   H N N 280 
PHE HA   H N N 281 
PHE HB2  H N N 282 
PHE HB3  H N N 283 
PHE HD1  H N N 284 
PHE HD2  H N N 285 
PHE HE1  H N N 286 
PHE HE2  H N N 287 
PHE HZ   H N N 288 
PHE HXT  H N N 289 
PRO N    N N N 290 
PRO CA   C N S 291 
PRO C    C N N 292 
PRO O    O N N 293 
PRO CB   C N N 294 
PRO CG   C N N 295 
PRO CD   C N N 296 
PRO OXT  O N N 297 
PRO H    H N N 298 
PRO HA   H N N 299 
PRO HB2  H N N 300 
PRO HB3  H N N 301 
PRO HG2  H N N 302 
PRO HG3  H N N 303 
PRO HD2  H N N 304 
PRO HD3  H N N 305 
PRO HXT  H N N 306 
SER N    N N N 307 
SER CA   C N S 308 
SER C    C N N 309 
SER O    O N N 310 
SER CB   C N N 311 
SER OG   O N N 312 
SER OXT  O N N 313 
SER H    H N N 314 
SER H2   H N N 315 
SER HA   H N N 316 
SER HB2  H N N 317 
SER HB3  H N N 318 
SER HG   H N N 319 
SER HXT  H N N 320 
SO4 S    S N N 321 
SO4 O1   O N N 322 
SO4 O2   O N N 323 
SO4 O3   O N N 324 
SO4 O4   O N N 325 
THR N    N N N 326 
THR CA   C N S 327 
THR C    C N N 328 
THR O    O N N 329 
THR CB   C N R 330 
THR OG1  O N N 331 
THR CG2  C N N 332 
THR OXT  O N N 333 
THR H    H N N 334 
THR H2   H N N 335 
THR HA   H N N 336 
THR HB   H N N 337 
THR HG1  H N N 338 
THR HG21 H N N 339 
THR HG22 H N N 340 
THR HG23 H N N 341 
THR HXT  H N N 342 
TYR N    N N N 343 
TYR CA   C N S 344 
TYR C    C N N 345 
TYR O    O N N 346 
TYR CB   C N N 347 
TYR CG   C Y N 348 
TYR CD1  C Y N 349 
TYR CD2  C Y N 350 
TYR CE1  C Y N 351 
TYR CE2  C Y N 352 
TYR CZ   C Y N 353 
TYR OH   O N N 354 
TYR OXT  O N N 355 
TYR H    H N N 356 
TYR H2   H N N 357 
TYR HA   H N N 358 
TYR HB2  H N N 359 
TYR HB3  H N N 360 
TYR HD1  H N N 361 
TYR HD2  H N N 362 
TYR HE1  H N N 363 
TYR HE2  H N N 364 
TYR HH   H N N 365 
TYR HXT  H N N 366 
VAL N    N N N 367 
VAL CA   C N S 368 
VAL C    C N N 369 
VAL O    O N N 370 
VAL CB   C N N 371 
VAL CG1  C N N 372 
VAL CG2  C N N 373 
VAL OXT  O N N 374 
VAL H    H N N 375 
VAL H2   H N N 376 
VAL HA   H N N 377 
VAL HB   H N N 378 
VAL HG11 H N N 379 
VAL HG12 H N N 380 
VAL HG13 H N N 381 
VAL HG21 H N N 382 
VAL HG22 H N N 383 
VAL HG23 H N N 384 
VAL HXT  H N N 385 
# 
loop_
_chem_comp_bond.comp_id 
_chem_comp_bond.atom_id_1 
_chem_comp_bond.atom_id_2 
_chem_comp_bond.value_order 
_chem_comp_bond.pdbx_aromatic_flag 
_chem_comp_bond.pdbx_stereo_config 
_chem_comp_bond.pdbx_ordinal 
ALA N   CA   sing N N 1   
ALA N   H    sing N N 2   
ALA N   H2   sing N N 3   
ALA CA  C    sing N N 4   
ALA CA  CB   sing N N 5   
ALA CA  HA   sing N N 6   
ALA C   O    doub N N 7   
ALA C   OXT  sing N N 8   
ALA CB  HB1  sing N N 9   
ALA CB  HB2  sing N N 10  
ALA CB  HB3  sing N N 11  
ALA OXT HXT  sing N N 12  
ARG N   CA   sing N N 13  
ARG N   H    sing N N 14  
ARG N   H2   sing N N 15  
ARG CA  C    sing N N 16  
ARG CA  CB   sing N N 17  
ARG CA  HA   sing N N 18  
ARG C   O    doub N N 19  
ARG C   OXT  sing N N 20  
ARG CB  CG   sing N N 21  
ARG CB  HB2  sing N N 22  
ARG CB  HB3  sing N N 23  
ARG CG  CD   sing N N 24  
ARG CG  HG2  sing N N 25  
ARG CG  HG3  sing N N 26  
ARG CD  NE   sing N N 27  
ARG CD  HD2  sing N N 28  
ARG CD  HD3  sing N N 29  
ARG NE  CZ   sing N N 30  
ARG NE  HE   sing N N 31  
ARG CZ  NH1  sing N N 32  
ARG CZ  NH2  doub N N 33  
ARG NH1 HH11 sing N N 34  
ARG NH1 HH12 sing N N 35  
ARG NH2 HH21 sing N N 36  
ARG NH2 HH22 sing N N 37  
ARG OXT HXT  sing N N 38  
ASN N   CA   sing N N 39  
ASN N   H    sing N N 40  
ASN N   H2   sing N N 41  
ASN CA  C    sing N N 42  
ASN CA  CB   sing N N 43  
ASN CA  HA   sing N N 44  
ASN C   O    doub N N 45  
ASN C   OXT  sing N N 46  
ASN CB  CG   sing N N 47  
ASN CB  HB2  sing N N 48  
ASN CB  HB3  sing N N 49  
ASN CG  OD1  doub N N 50  
ASN CG  ND2  sing N N 51  
ASN ND2 HD21 sing N N 52  
ASN ND2 HD22 sing N N 53  
ASN OXT HXT  sing N N 54  
ASP N   CA   sing N N 55  
ASP N   H    sing N N 56  
ASP N   H2   sing N N 57  
ASP CA  C    sing N N 58  
ASP CA  CB   sing N N 59  
ASP CA  HA   sing N N 60  
ASP C   O    doub N N 61  
ASP C   OXT  sing N N 62  
ASP CB  CG   sing N N 63  
ASP CB  HB2  sing N N 64  
ASP CB  HB3  sing N N 65  
ASP CG  OD1  doub N N 66  
ASP CG  OD2  sing N N 67  
ASP OD2 HD2  sing N N 68  
ASP OXT HXT  sing N N 69  
CYS N   CA   sing N N 70  
CYS N   H    sing N N 71  
CYS N   H2   sing N N 72  
CYS CA  C    sing N N 73  
CYS CA  CB   sing N N 74  
CYS CA  HA   sing N N 75  
CYS C   O    doub N N 76  
CYS C   OXT  sing N N 77  
CYS CB  SG   sing N N 78  
CYS CB  HB2  sing N N 79  
CYS CB  HB3  sing N N 80  
CYS SG  HG   sing N N 81  
CYS OXT HXT  sing N N 82  
GLN N   CA   sing N N 83  
GLN N   H    sing N N 84  
GLN N   H2   sing N N 85  
GLN CA  C    sing N N 86  
GLN CA  CB   sing N N 87  
GLN CA  HA   sing N N 88  
GLN C   O    doub N N 89  
GLN C   OXT  sing N N 90  
GLN CB  CG   sing N N 91  
GLN CB  HB2  sing N N 92  
GLN CB  HB3  sing N N 93  
GLN CG  CD   sing N N 94  
GLN CG  HG2  sing N N 95  
GLN CG  HG3  sing N N 96  
GLN CD  OE1  doub N N 97  
GLN CD  NE2  sing N N 98  
GLN NE2 HE21 sing N N 99  
GLN NE2 HE22 sing N N 100 
GLN OXT HXT  sing N N 101 
GLU N   CA   sing N N 102 
GLU N   H    sing N N 103 
GLU N   H2   sing N N 104 
GLU CA  C    sing N N 105 
GLU CA  CB   sing N N 106 
GLU CA  HA   sing N N 107 
GLU C   O    doub N N 108 
GLU C   OXT  sing N N 109 
GLU CB  CG   sing N N 110 
GLU CB  HB2  sing N N 111 
GLU CB  HB3  sing N N 112 
GLU CG  CD   sing N N 113 
GLU CG  HG2  sing N N 114 
GLU CG  HG3  sing N N 115 
GLU CD  OE1  doub N N 116 
GLU CD  OE2  sing N N 117 
GLU OE2 HE2  sing N N 118 
GLU OXT HXT  sing N N 119 
GLY N   CA   sing N N 120 
GLY N   H    sing N N 121 
GLY N   H2   sing N N 122 
GLY CA  C    sing N N 123 
GLY CA  HA2  sing N N 124 
GLY CA  HA3  sing N N 125 
GLY C   O    doub N N 126 
GLY C   OXT  sing N N 127 
GLY OXT HXT  sing N N 128 
GOL C1  O1   sing N N 129 
GOL C1  C2   sing N N 130 
GOL C1  H11  sing N N 131 
GOL C1  H12  sing N N 132 
GOL O1  HO1  sing N N 133 
GOL C2  O2   sing N N 134 
GOL C2  C3   sing N N 135 
GOL C2  H2   sing N N 136 
GOL O2  HO2  sing N N 137 
GOL C3  O3   sing N N 138 
GOL C3  H31  sing N N 139 
GOL C3  H32  sing N N 140 
GOL O3  HO3  sing N N 141 
HOH O   H1   sing N N 142 
HOH O   H2   sing N N 143 
ILE N   CA   sing N N 144 
ILE N   H    sing N N 145 
ILE N   H2   sing N N 146 
ILE CA  C    sing N N 147 
ILE CA  CB   sing N N 148 
ILE CA  HA   sing N N 149 
ILE C   O    doub N N 150 
ILE C   OXT  sing N N 151 
ILE CB  CG1  sing N N 152 
ILE CB  CG2  sing N N 153 
ILE CB  HB   sing N N 154 
ILE CG1 CD1  sing N N 155 
ILE CG1 HG12 sing N N 156 
ILE CG1 HG13 sing N N 157 
ILE CG2 HG21 sing N N 158 
ILE CG2 HG22 sing N N 159 
ILE CG2 HG23 sing N N 160 
ILE CD1 HD11 sing N N 161 
ILE CD1 HD12 sing N N 162 
ILE CD1 HD13 sing N N 163 
ILE OXT HXT  sing N N 164 
LEU N   CA   sing N N 165 
LEU N   H    sing N N 166 
LEU N   H2   sing N N 167 
LEU CA  C    sing N N 168 
LEU CA  CB   sing N N 169 
LEU CA  HA   sing N N 170 
LEU C   O    doub N N 171 
LEU C   OXT  sing N N 172 
LEU CB  CG   sing N N 173 
LEU CB  HB2  sing N N 174 
LEU CB  HB3  sing N N 175 
LEU CG  CD1  sing N N 176 
LEU CG  CD2  sing N N 177 
LEU CG  HG   sing N N 178 
LEU CD1 HD11 sing N N 179 
LEU CD1 HD12 sing N N 180 
LEU CD1 HD13 sing N N 181 
LEU CD2 HD21 sing N N 182 
LEU CD2 HD22 sing N N 183 
LEU CD2 HD23 sing N N 184 
LEU OXT HXT  sing N N 185 
LYS N   CA   sing N N 186 
LYS N   H    sing N N 187 
LYS N   H2   sing N N 188 
LYS CA  C    sing N N 189 
LYS CA  CB   sing N N 190 
LYS CA  HA   sing N N 191 
LYS C   O    doub N N 192 
LYS C   OXT  sing N N 193 
LYS CB  CG   sing N N 194 
LYS CB  HB2  sing N N 195 
LYS CB  HB3  sing N N 196 
LYS CG  CD   sing N N 197 
LYS CG  HG2  sing N N 198 
LYS CG  HG3  sing N N 199 
LYS CD  CE   sing N N 200 
LYS CD  HD2  sing N N 201 
LYS CD  HD3  sing N N 202 
LYS CE  NZ   sing N N 203 
LYS CE  HE2  sing N N 204 
LYS CE  HE3  sing N N 205 
LYS NZ  HZ1  sing N N 206 
LYS NZ  HZ2  sing N N 207 
LYS NZ  HZ3  sing N N 208 
LYS OXT HXT  sing N N 209 
MYR C1  O1   doub N N 210 
MYR C1  O2   sing N N 211 
MYR C1  C2   sing N N 212 
MYR O2  HO2  sing N N 213 
MYR C2  C3   sing N N 214 
MYR C2  H21  sing N N 215 
MYR C2  H22  sing N N 216 
MYR C3  C4   sing N N 217 
MYR C3  H31  sing N N 218 
MYR C3  H32  sing N N 219 
MYR C4  C5   sing N N 220 
MYR C4  H41  sing N N 221 
MYR C4  H42  sing N N 222 
MYR C5  C6   sing N N 223 
MYR C5  H51  sing N N 224 
MYR C5  H52  sing N N 225 
MYR C6  C7   sing N N 226 
MYR C6  H61  sing N N 227 
MYR C6  H62  sing N N 228 
MYR C7  C8   sing N N 229 
MYR C7  H71  sing N N 230 
MYR C7  H72  sing N N 231 
MYR C8  C9   sing N N 232 
MYR C8  H81  sing N N 233 
MYR C8  H82  sing N N 234 
MYR C9  C10  sing N N 235 
MYR C9  H91  sing N N 236 
MYR C9  H92  sing N N 237 
MYR C10 C11  sing N N 238 
MYR C10 H101 sing N N 239 
MYR C10 H102 sing N N 240 
MYR C11 C12  sing N N 241 
MYR C11 H111 sing N N 242 
MYR C11 H112 sing N N 243 
MYR C12 C13  sing N N 244 
MYR C12 H121 sing N N 245 
MYR C12 H122 sing N N 246 
MYR C13 C14  sing N N 247 
MYR C13 H131 sing N N 248 
MYR C13 H132 sing N N 249 
MYR C14 H141 sing N N 250 
MYR C14 H142 sing N N 251 
MYR C14 H143 sing N N 252 
PHE N   CA   sing N N 253 
PHE N   H    sing N N 254 
PHE N   H2   sing N N 255 
PHE CA  C    sing N N 256 
PHE CA  CB   sing N N 257 
PHE CA  HA   sing N N 258 
PHE C   O    doub N N 259 
PHE C   OXT  sing N N 260 
PHE CB  CG   sing N N 261 
PHE CB  HB2  sing N N 262 
PHE CB  HB3  sing N N 263 
PHE CG  CD1  doub Y N 264 
PHE CG  CD2  sing Y N 265 
PHE CD1 CE1  sing Y N 266 
PHE CD1 HD1  sing N N 267 
PHE CD2 CE2  doub Y N 268 
PHE CD2 HD2  sing N N 269 
PHE CE1 CZ   doub Y N 270 
PHE CE1 HE1  sing N N 271 
PHE CE2 CZ   sing Y N 272 
PHE CE2 HE2  sing N N 273 
PHE CZ  HZ   sing N N 274 
PHE OXT HXT  sing N N 275 
PRO N   CA   sing N N 276 
PRO N   CD   sing N N 277 
PRO N   H    sing N N 278 
PRO CA  C    sing N N 279 
PRO CA  CB   sing N N 280 
PRO CA  HA   sing N N 281 
PRO C   O    doub N N 282 
PRO C   OXT  sing N N 283 
PRO CB  CG   sing N N 284 
PRO CB  HB2  sing N N 285 
PRO CB  HB3  sing N N 286 
PRO CG  CD   sing N N 287 
PRO CG  HG2  sing N N 288 
PRO CG  HG3  sing N N 289 
PRO CD  HD2  sing N N 290 
PRO CD  HD3  sing N N 291 
PRO OXT HXT  sing N N 292 
SER N   CA   sing N N 293 
SER N   H    sing N N 294 
SER N   H2   sing N N 295 
SER CA  C    sing N N 296 
SER CA  CB   sing N N 297 
SER CA  HA   sing N N 298 
SER C   O    doub N N 299 
SER C   OXT  sing N N 300 
SER CB  OG   sing N N 301 
SER CB  HB2  sing N N 302 
SER CB  HB3  sing N N 303 
SER OG  HG   sing N N 304 
SER OXT HXT  sing N N 305 
SO4 S   O1   doub N N 306 
SO4 S   O2   doub N N 307 
SO4 S   O3   sing N N 308 
SO4 S   O4   sing N N 309 
THR N   CA   sing N N 310 
THR N   H    sing N N 311 
THR N   H2   sing N N 312 
THR CA  C    sing N N 313 
THR CA  CB   sing N N 314 
THR CA  HA   sing N N 315 
THR C   O    doub N N 316 
THR C   OXT  sing N N 317 
THR CB  OG1  sing N N 318 
THR CB  CG2  sing N N 319 
THR CB  HB   sing N N 320 
THR OG1 HG1  sing N N 321 
THR CG2 HG21 sing N N 322 
THR CG2 HG22 sing N N 323 
THR CG2 HG23 sing N N 324 
THR OXT HXT  sing N N 325 
TYR N   CA   sing N N 326 
TYR N   H    sing N N 327 
TYR N   H2   sing N N 328 
TYR CA  C    sing N N 329 
TYR CA  CB   sing N N 330 
TYR CA  HA   sing N N 331 
TYR C   O    doub N N 332 
TYR C   OXT  sing N N 333 
TYR CB  CG   sing N N 334 
TYR CB  HB2  sing N N 335 
TYR CB  HB3  sing N N 336 
TYR CG  CD1  doub Y N 337 
TYR CG  CD2  sing Y N 338 
TYR CD1 CE1  sing Y N 339 
TYR CD1 HD1  sing N N 340 
TYR CD2 CE2  doub Y N 341 
TYR CD2 HD2  sing N N 342 
TYR CE1 CZ   doub Y N 343 
TYR CE1 HE1  sing N N 344 
TYR CE2 CZ   sing Y N 345 
TYR CE2 HE2  sing N N 346 
TYR CZ  OH   sing N N 347 
TYR OH  HH   sing N N 348 
TYR OXT HXT  sing N N 349 
VAL N   CA   sing N N 350 
VAL N   H    sing N N 351 
VAL N   H2   sing N N 352 
VAL CA  C    sing N N 353 
VAL CA  CB   sing N N 354 
VAL CA  HA   sing N N 355 
VAL C   O    doub N N 356 
VAL C   OXT  sing N N 357 
VAL CB  CG1  sing N N 358 
VAL CB  CG2  sing N N 359 
VAL CB  HB   sing N N 360 
VAL CG1 HG11 sing N N 361 
VAL CG1 HG12 sing N N 362 
VAL CG1 HG13 sing N N 363 
VAL CG2 HG21 sing N N 364 
VAL CG2 HG22 sing N N 365 
VAL CG2 HG23 sing N N 366 
VAL OXT HXT  sing N N 367 
# 
_pdbx_initial_refinement_model.id               1 
_pdbx_initial_refinement_model.entity_id_list   ? 
_pdbx_initial_refinement_model.type             'experimental model' 
_pdbx_initial_refinement_model.source_name      PDB 
_pdbx_initial_refinement_model.accession_code   6IWM 
_pdbx_initial_refinement_model.details          ? 
# 
_atom_sites.entry_id                    6IWO 
_atom_sites.fract_transf_matrix[1][1]   0.01027002 
_atom_sites.fract_transf_matrix[1][2]   -0.00753792 
_atom_sites.fract_transf_matrix[1][3]   0.00333266 
_atom_sites.fract_transf_matrix[2][1]   -0.00192472 
_atom_sites.fract_transf_matrix[2][2]   -0.01249406 
_atom_sites.fract_transf_matrix[2][3]   0.00368649 
_atom_sites.fract_transf_matrix[3][1]   0.00181950 
_atom_sites.fract_transf_matrix[3][2]   -0.00581651 
_atom_sites.fract_transf_matrix[3][3]   -0.01876304 
_atom_sites.fract_transf_vector[1]      0.438251 
_atom_sites.fract_transf_vector[2]      0.069219 
_atom_sites.fract_transf_vector[3]      -0.066600 
# 
loop_
_atom_type.symbol 
C 
N 
O 
S 
# 
loop_
_atom_site.group_PDB 
_atom_site.id 
_atom_site.type_symbol 
_atom_site.label_atom_id 
_atom_site.label_alt_id 
_atom_site.label_comp_id 
_atom_site.label_asym_id 
_atom_site.label_entity_id 
_atom_site.label_seq_id 
_atom_site.pdbx_PDB_ins_code 
_atom_site.Cartn_x 
_atom_site.Cartn_y 
_atom_site.Cartn_z 
_atom_site.occupancy 
_atom_site.B_iso_or_equiv 
_atom_site.pdbx_formal_charge 
_atom_site.auth_seq_id 
_atom_site.auth_comp_id 
_atom_site.auth_asym_id 
_atom_site.auth_atom_id 
_atom_site.pdbx_PDB_model_num 
ATOM   1    N N   . ALA A 1 1  ? 14.704  17.972  -1.889  1.00 63.02 ? 1   ALA A N   1 
ATOM   2    C CA  . ALA A 1 1  ? 13.477  17.516  -1.243  1.00 57.76 ? 1   ALA A CA  1 
ATOM   3    C C   . ALA A 1 1  ? 12.581  16.786  -2.235  1.00 48.68 ? 1   ALA A C   1 
ATOM   4    O O   . ALA A 1 1  ? 13.020  15.870  -2.926  1.00 47.10 ? 1   ALA A O   1 
ATOM   5    C CB  . ALA A 1 1  ? 12.736  18.693  -0.622  1.00 55.88 ? 1   ALA A CB  1 
ATOM   6    N N   . VAL A 1 2  ? 11.317  17.196  -2.292  1.00 46.34 ? 2   VAL A N   1 
ATOM   7    C CA  . VAL A 1 2  ? 10.371  16.682  -3.275  1.00 42.90 ? 2   VAL A CA  1 
ATOM   8    C C   . VAL A 1 2  ? 9.350   17.775  -3.559  1.00 40.52 ? 2   VAL A C   1 
ATOM   9    O O   . VAL A 1 2  ? 8.956   18.527  -2.663  1.00 45.45 ? 2   VAL A O   1 
ATOM   10   C CB  . VAL A 1 2  ? 9.706   15.371  -2.791  1.00 44.93 ? 2   VAL A CB  1 
ATOM   11   C CG1 . VAL A 1 2  ? 8.777   15.629  -1.617  1.00 44.02 ? 2   VAL A CG1 1 
ATOM   12   C CG2 . VAL A 1 2  ? 8.960   14.690  -3.927  1.00 42.35 ? 2   VAL A CG2 1 
ATOM   13   N N   . THR A 1 3  ? 8.953   17.888  -4.824  1.00 40.91 ? 3   THR A N   1 
ATOM   14   C CA  . THR A 1 3  ? 7.964   18.865  -5.255  1.00 37.03 ? 3   THR A CA  1 
ATOM   15   C C   . THR A 1 3  ? 6.899   18.158  -6.078  1.00 36.38 ? 3   THR A C   1 
ATOM   16   O O   . THR A 1 3  ? 7.130   17.079  -6.630  1.00 34.36 ? 3   THR A O   1 
ATOM   17   C CB  . THR A 1 3  ? 8.592   19.996  -6.078  1.00 38.03 ? 3   THR A CB  1 
ATOM   18   O OG1 . THR A 1 3  ? 8.973   19.493  -7.363  1.00 38.95 ? 3   THR A OG1 1 
ATOM   19   C CG2 . THR A 1 3  ? 9.811   20.579  -5.373  1.00 32.44 ? 3   THR A CG2 1 
ATOM   20   N N   . CYS A 1 4  ? 5.723   18.786  -6.163  1.00 32.63 ? 4   CYS A N   1 
ATOM   21   C CA  . CYS A 1 4  ? 4.614   18.152  -6.868  1.00 31.75 ? 4   CYS A CA  1 
ATOM   22   C C   . CYS A 1 4  ? 4.942   17.925  -8.342  1.00 33.05 ? 4   CYS A C   1 
ATOM   23   O O   . CYS A 1 4  ? 4.462   16.957  -8.939  1.00 30.67 ? 4   CYS A O   1 
ATOM   24   C CB  . CYS A 1 4  ? 3.339   18.984  -6.718  1.00 31.25 ? 4   CYS A CB  1 
ATOM   25   S SG  . CYS A 1 4  ? 2.491   18.878  -5.088  1.00 42.61 ? 4   CYS A SG  1 
ATOM   26   N N   . GLY A 1 5  ? 5.765   18.786  -8.943  1.00 38.12 ? 5   GLY A N   1 
ATOM   27   C CA  . GLY A 1 5  ? 6.188   18.541  -10.313 1.00 35.11 ? 5   GLY A CA  1 
ATOM   28   C C   . GLY A 1 5  ? 7.044   17.295  -10.438 1.00 34.42 ? 5   GLY A C   1 
ATOM   29   O O   . GLY A 1 5  ? 6.872   16.502  -11.369 1.00 32.45 ? 5   GLY A O   1 
ATOM   30   N N   . GLN A 1 6  ? 7.976   17.104  -9.501  1.00 31.10 ? 6   GLN A N   1 
ATOM   31   C CA  . GLN A 1 6  ? 8.758   15.871  -9.467  1.00 35.56 ? 6   GLN A CA  1 
ATOM   32   C C   . GLN A 1 6  ? 7.866   14.648  -9.304  1.00 31.72 ? 6   GLN A C   1 
ATOM   33   O O   . GLN A 1 6  ? 8.076   13.623  -9.966  1.00 34.96 ? 6   GLN A O   1 
ATOM   34   C CB  . GLN A 1 6  ? 9.781   15.927  -8.333  1.00 36.77 ? 6   GLN A CB  1 
ATOM   35   C CG  . GLN A 1 6  ? 11.105  16.527  -8.730  1.00 37.56 ? 6   GLN A CG  1 
ATOM   36   C CD  . GLN A 1 6  ? 11.913  16.966  -7.533  1.00 43.67 ? 6   GLN A CD  1 
ATOM   37   O OE1 . GLN A 1 6  ? 11.579  16.640  -6.392  1.00 44.20 ? 6   GLN A OE1 1 
ATOM   38   N NE2 . GLN A 1 6  ? 12.979  17.716  -7.782  1.00 52.12 ? 6   GLN A NE2 1 
ATOM   39   N N   . VAL A 1 7  ? 6.871   14.731  -8.417  1.00 29.25 ? 7   VAL A N   1 
ATOM   40   C CA  . VAL A 1 7  ? 5.974   13.603  -8.194  1.00 30.53 ? 7   VAL A CA  1 
ATOM   41   C C   . VAL A 1 7  ? 5.192   13.287  -9.465  1.00 31.79 ? 7   VAL A C   1 
ATOM   42   O O   . VAL A 1 7  ? 5.072   12.121  -9.867  1.00 28.54 ? 7   VAL A O   1 
ATOM   43   C CB  . VAL A 1 7  ? 5.040   13.891  -7.007  1.00 26.83 ? 7   VAL A CB  1 
ATOM   44   C CG1 . VAL A 1 7  ? 3.849   12.952  -7.022  1.00 26.02 ? 7   VAL A CG1 1 
ATOM   45   C CG2 . VAL A 1 7  ? 5.803   13.784  -5.695  1.00 24.30 ? 7   VAL A CG2 1 
ATOM   46   N N   . ASP A 1 8  ? 4.648   14.322  -10.116 1.00 28.25 ? 8   ASP A N   1 
ATOM   47   C CA  . ASP A 1 8  ? 3.926   14.125  -11.372 1.00 30.36 ? 8   ASP A CA  1 
ATOM   48   C C   . ASP A 1 8  ? 4.817   13.476  -12.426 1.00 33.71 ? 8   ASP A C   1 
ATOM   49   O O   . ASP A 1 8  ? 4.422   12.502  -13.079 1.00 30.83 ? 8   ASP A O   1 
ATOM   50   C CB  . ASP A 1 8  ? 3.393   15.462  -11.900 1.00 30.49 ? 8   ASP A CB  1 
ATOM   51   C CG  . ASP A 1 8  ? 2.337   16.077  -11.000 1.00 38.47 ? 8   ASP A CG  1 
ATOM   52   O OD1 . ASP A 1 8  ? 1.694   15.335  -10.225 1.00 40.38 ? 8   ASP A OD1 1 
ATOM   53   O OD2 . ASP A 1 8  ? 2.140   17.309  -11.081 1.00 37.74 ? 8   ASP A OD2 1 
ATOM   54   N N   . ALA A 1 9  ? 6.030   14.003  -12.601 1.00 30.46 ? 9   ALA A N   1 
ATOM   55   C CA  . ALA A 1 9  ? 6.908   13.493  -13.643 1.00 30.43 ? 9   ALA A CA  1 
ATOM   56   C C   . ALA A 1 9  ? 7.327   12.054  -13.373 1.00 30.17 ? 9   ALA A C   1 
ATOM   57   O O   . ALA A 1 9  ? 7.408   11.244  -14.303 1.00 37.32 ? 9   ALA A O   1 
ATOM   58   C CB  . ALA A 1 9  ? 8.127   14.402  -13.782 1.00 28.32 ? 9   ALA A CB  1 
ATOM   59   N N   . ASN A 1 10 ? 7.607   11.711  -12.114 1.00 32.03 ? 10  ASN A N   1 
ATOM   60   C CA  . ASN A 1 10 ? 8.004   10.339  -11.805 1.00 29.34 ? 10  ASN A CA  1 
ATOM   61   C C   . ASN A 1 10 ? 6.832   9.369   -11.857 1.00 28.37 ? 10  ASN A C   1 
ATOM   62   O O   . ASN A 1 10 ? 7.032   8.186   -12.151 1.00 27.90 ? 10  ASN A O   1 
ATOM   63   C CB  . ASN A 1 10 ? 8.704   10.269  -10.454 1.00 28.95 ? 10  ASN A CB  1 
ATOM   64   C CG  . ASN A 1 10 ? 10.123  10.785  -10.518 1.00 34.69 ? 10  ASN A CG  1 
ATOM   65   O OD1 . ASN A 1 10 ? 10.493  11.703  -9.791  1.00 41.66 ? 10  ASN A OD1 1 
ATOM   66   N ND2 . ASN A 1 10 ? 10.925  10.205  -11.405 1.00 35.05 ? 10  ASN A ND2 1 
ATOM   67   N N   . LEU A 1 11 ? 5.617   9.820   -11.550 1.00 30.49 ? 11  LEU A N   1 
ATOM   68   C CA  . LEU A 1 11 ? 4.489   8.899   -11.569 1.00 30.78 ? 11  LEU A CA  1 
ATOM   69   C C   . LEU A 1 11 ? 3.837   8.796   -12.940 1.00 31.64 ? 11  LEU A C   1 
ATOM   70   O O   . LEU A 1 11 ? 3.031   7.884   -13.151 1.00 27.74 ? 11  LEU A O   1 
ATOM   71   C CB  . LEU A 1 11 ? 3.441   9.311   -10.531 1.00 25.65 ? 11  LEU A CB  1 
ATOM   72   C CG  . LEU A 1 11 ? 3.777   8.970   -9.075  1.00 26.32 ? 11  LEU A CG  1 
ATOM   73   C CD1 . LEU A 1 11 ? 2.784   9.648   -8.137  1.00 37.05 ? 11  LEU A CD1 1 
ATOM   74   C CD2 . LEU A 1 11 ? 3.791   7.474   -8.837  1.00 23.32 ? 11  LEU A CD2 1 
ATOM   75   N N   . ALA A 1 12 ? 4.162   9.703   -13.868 1.00 32.32 ? 12  ALA A N   1 
ATOM   76   C CA  . ALA A 1 12 ? 3.573   9.665   -15.208 1.00 32.76 ? 12  ALA A CA  1 
ATOM   77   C C   . ALA A 1 12 ? 3.706   8.314   -15.898 1.00 28.74 ? 12  ALA A C   1 
ATOM   78   O O   . ALA A 1 12 ? 2.700   7.825   -16.434 1.00 30.76 ? 12  ALA A O   1 
ATOM   79   C CB  . ALA A 1 12 ? 4.175   10.785  -16.068 1.00 28.75 ? 12  ALA A CB  1 
ATOM   80   N N   . PRO A 1 13 ? 4.876   7.663   -15.941 1.00 31.64 ? 13  PRO A N   1 
ATOM   81   C CA  . PRO A 1 13 ? 4.937   6.332   -16.571 1.00 29.47 ? 13  PRO A CA  1 
ATOM   82   C C   . PRO A 1 13 ? 4.092   5.278   -15.862 1.00 29.32 ? 13  PRO A C   1 
ATOM   83   O O   . PRO A 1 13 ? 3.862   4.211   -16.444 1.00 29.07 ? 13  PRO A O   1 
ATOM   84   C CB  . PRO A 1 13 ? 6.432   5.982   -16.528 1.00 26.75 ? 13  PRO A CB  1 
ATOM   85   C CG  . PRO A 1 13 ? 7.009   6.867   -15.480 1.00 32.14 ? 13  PRO A CG  1 
ATOM   86   C CD  . PRO A 1 13 ? 6.216   8.129   -15.539 1.00 28.53 ? 13  PRO A CD  1 
ATOM   87   N N   . CYS A 1 14 ? 3.616   5.544   -14.644 1.00 26.99 ? 14  CYS A N   1 
ATOM   88   C CA  . CYS A 1 14 ? 2.791   4.599   -13.901 1.00 28.51 ? 14  CYS A CA  1 
ATOM   89   C C   . CYS A 1 14 ? 1.306   4.727   -14.213 1.00 31.68 ? 14  CYS A C   1 
ATOM   90   O O   . CYS A 1 14 ? 0.527   3.868   -13.787 1.00 30.78 ? 14  CYS A O   1 
ATOM   91   C CB  . CYS A 1 14 ? 2.986   4.783   -12.394 1.00 28.69 ? 14  CYS A CB  1 
ATOM   92   S SG  . CYS A 1 14 ? 4.622   4.391   -11.800 1.00 30.87 ? 14  CYS A SG  1 
ATOM   93   N N   . VAL A 1 15 ? 0.908   5.786   -14.930 1.00 30.12 ? 15  VAL A N   1 
ATOM   94   C CA  . VAL A 1 15 ? -0.520  6.014   -15.185 1.00 31.12 ? 15  VAL A CA  1 
ATOM   95   C C   . VAL A 1 15 ? -1.172  4.849   -15.908 1.00 34.62 ? 15  VAL A C   1 
ATOM   96   O O   . VAL A 1 15 ? -2.291  4.460   -15.526 1.00 32.39 ? 15  VAL A O   1 
ATOM   97   C CB  . VAL A 1 15 ? -0.713  7.359   -15.906 1.00 35.22 ? 15  VAL A CB  1 
ATOM   98   C CG1 . VAL A 1 15 ? -2.145  7.517   -16.391 1.00 33.48 ? 15  VAL A CG1 1 
ATOM   99   C CG2 . VAL A 1 15 ? -0.318  8.510   -14.982 1.00 34.51 ? 15  VAL A CG2 1 
ATOM   100  N N   . PRO A 1 16 ? -0.574  4.252   -16.953 1.00 32.02 ? 16  PRO A N   1 
ATOM   101  C CA  . PRO A 1 16 ? -1.182  3.043   -17.537 1.00 34.11 ? 16  PRO A CA  1 
ATOM   102  C C   . PRO A 1 16 ? -1.486  1.959   -16.515 1.00 33.50 ? 16  PRO A C   1 
ATOM   103  O O   . PRO A 1 16 ? -2.604  1.434   -16.496 1.00 37.19 ? 16  PRO A O   1 
ATOM   104  C CB  . PRO A 1 16 ? -0.125  2.593   -18.558 1.00 29.22 ? 16  PRO A CB  1 
ATOM   105  C CG  . PRO A 1 16 ? 0.513   3.850   -18.985 1.00 34.17 ? 16  PRO A CG  1 
ATOM   106  C CD  . PRO A 1 16 ? 0.603   4.687   -17.733 1.00 35.41 ? 16  PRO A CD  1 
ATOM   107  N N   . PHE A 1 17 ? -0.519  1.605   -15.664 1.00 34.97 ? 17  PHE A N   1 
ATOM   108  C CA  . PHE A 1 17 ? -0.777  0.598   -14.640 1.00 35.00 ? 17  PHE A CA  1 
ATOM   109  C C   . PHE A 1 17 ? -1.836  1.072   -13.651 1.00 34.51 ? 17  PHE A C   1 
ATOM   110  O O   . PHE A 1 17 ? -2.702  0.294   -13.235 1.00 34.21 ? 17  PHE A O   1 
ATOM   111  C CB  . PHE A 1 17 ? 0.513   0.244   -13.900 1.00 33.83 ? 17  PHE A CB  1 
ATOM   112  C CG  . PHE A 1 17 ? 0.293   -0.622  -12.692 1.00 31.36 ? 17  PHE A CG  1 
ATOM   113  C CD1 . PHE A 1 17 ? -0.081  -1.949  -12.833 1.00 31.97 ? 17  PHE A CD1 1 
ATOM   114  C CD2 . PHE A 1 17 ? 0.433   -0.104  -11.415 1.00 33.03 ? 17  PHE A CD2 1 
ATOM   115  C CE1 . PHE A 1 17 ? -0.291  -2.748  -11.722 1.00 40.37 ? 17  PHE A CE1 1 
ATOM   116  C CE2 . PHE A 1 17 ? 0.222   -0.898  -10.297 1.00 32.05 ? 17  PHE A CE2 1 
ATOM   117  C CZ  . PHE A 1 17 ? -0.141  -2.220  -10.451 1.00 33.39 ? 17  PHE A CZ  1 
ATOM   118  N N   . LEU A 1 18 ? -1.776  2.345   -13.254 1.00 32.79 ? 18  LEU A N   1 
ATOM   119  C CA  . LEU A 1 18 ? -2.671  2.849   -12.221 1.00 33.65 ? 18  LEU A CA  1 
ATOM   120  C C   . LEU A 1 18 ? -4.119  2.938   -12.691 1.00 41.67 ? 18  LEU A C   1 
ATOM   121  O O   . LEU A 1 18 ? -5.027  2.905   -11.852 1.00 38.36 ? 18  LEU A O   1 
ATOM   122  C CB  . LEU A 1 18 ? -2.192  4.220   -11.741 1.00 28.62 ? 18  LEU A CB  1 
ATOM   123  C CG  . LEU A 1 18 ? -0.927  4.205   -10.877 1.00 25.73 ? 18  LEU A CG  1 
ATOM   124  C CD1 . LEU A 1 18 ? -0.393  5.610   -10.666 1.00 22.67 ? 18  LEU A CD1 1 
ATOM   125  C CD2 . LEU A 1 18 ? -1.199  3.533   -9.543  1.00 31.28 ? 18  LEU A CD2 1 
ATOM   126  N N   . THR A 1 19 ? -4.359  3.039   -14.005 1.00 41.35 ? 19  THR A N   1 
ATOM   127  C CA  . THR A 1 19 ? -5.721  3.155   -14.516 1.00 40.70 ? 19  THR A CA  1 
ATOM   128  C C   . THR A 1 19 ? -6.224  1.923   -15.253 1.00 43.53 ? 19  THR A C   1 
ATOM   129  O O   . THR A 1 19 ? -7.439  1.774   -15.404 1.00 45.54 ? 19  THR A O   1 
ATOM   130  C CB  . THR A 1 19 ? -5.846  4.360   -15.462 1.00 41.39 ? 19  THR A CB  1 
ATOM   131  O OG1 . THR A 1 19 ? -4.992  4.175   -16.599 1.00 39.04 ? 19  THR A OG1 1 
ATOM   132  C CG2 . THR A 1 19 ? -5.450  5.640   -14.742 1.00 42.46 ? 19  THR A CG2 1 
ATOM   133  N N   . GLN A 1 20 ? -5.338  1.034   -15.709 1.00 44.42 ? 20  GLN A N   1 
ATOM   134  C CA  . GLN A 1 20 ? -5.759  -0.147  -16.447 1.00 45.49 ? 20  GLN A CA  1 
ATOM   135  C C   . GLN A 1 20 ? -5.355  -1.462  -15.800 1.00 45.28 ? 20  GLN A C   1 
ATOM   136  O O   . GLN A 1 20 ? -5.862  -2.510  -16.216 1.00 46.50 ? 20  GLN A O   1 
ATOM   137  C CB  . GLN A 1 20 ? -5.209  -0.115  -17.882 1.00 46.53 ? 20  GLN A CB  1 
ATOM   138  C CG  . GLN A 1 20 ? -5.749  1.013   -18.738 1.00 48.30 ? 20  GLN A CG  1 
ATOM   139  C CD  . GLN A 1 20 ? -5.092  1.060   -20.103 1.00 56.60 ? 20  GLN A CD  1 
ATOM   140  O OE1 . GLN A 1 20 ? -3.874  1.209   -20.213 1.00 53.89 ? 20  GLN A OE1 1 
ATOM   141  N NE2 . GLN A 1 20 ? -5.896  0.924   -21.153 1.00 55.64 ? 20  GLN A NE2 1 
ATOM   142  N N   . GLY A 1 21 ? -4.466  -1.445  -14.815 1.00 50.99 ? 21  GLY A N   1 
ATOM   143  C CA  . GLY A 1 21 ? -4.035  -2.665  -14.161 1.00 40.03 ? 21  GLY A CA  1 
ATOM   144  C C   . GLY A 1 21 ? -2.869  -3.332  -14.867 1.00 41.78 ? 21  GLY A C   1 
ATOM   145  O O   . GLY A 1 21 ? -2.171  -2.745  -15.704 1.00 38.89 ? 21  GLY A O   1 
ATOM   146  N N   . GLY A 1 22 ? -2.664  -4.593  -14.515 1.00 34.72 ? 22  GLY A N   1 
ATOM   147  C CA  . GLY A 1 22 ? -1.610  -5.386  -15.125 1.00 34.22 ? 22  GLY A CA  1 
ATOM   148  C C   . GLY A 1 22 ? -0.337  -5.340  -14.307 1.00 33.45 ? 22  GLY A C   1 
ATOM   149  O O   . GLY A 1 22 ? -0.348  -5.637  -13.111 1.00 37.49 ? 22  GLY A O   1 
ATOM   150  N N   . GLU A 1 23 ? 0.760   -4.970  -14.954 1.00 32.06 ? 23  GLU A N   1 
ATOM   151  C CA  . GLU A 1 23 ? 2.055   -4.857  -14.307 1.00 36.48 ? 23  GLU A CA  1 
ATOM   152  C C   . GLU A 1 23 ? 2.622   -3.470  -14.552 1.00 36.51 ? 23  GLU A C   1 
ATOM   153  O O   . GLU A 1 23 ? 2.399   -2.879  -15.610 1.00 39.19 ? 23  GLU A O   1 
ATOM   154  C CB  . GLU A 1 23 ? 3.042   -5.914  -14.825 1.00 36.62 ? 23  GLU A CB  1 
ATOM   155  C CG  . GLU A 1 23 ? 2.620   -7.345  -14.558 1.00 35.40 ? 23  GLU A CG  1 
ATOM   156  C CD  . GLU A 1 23 ? 2.652   -7.696  -13.086 1.00 39.30 ? 23  GLU A CD  1 
ATOM   157  O OE1 . GLU A 1 23 ? 1.905   -8.606  -12.678 1.00 45.14 ? 23  GLU A OE1 1 
ATOM   158  O OE2 . GLU A 1 23 ? 3.426   -7.062  -12.336 1.00 41.20 ? 23  GLU A OE2 1 
ATOM   159  N N   . PRO A 1 24 ? 3.338   -2.918  -13.578 1.00 37.85 ? 24  PRO A N   1 
ATOM   160  C CA  . PRO A 1 24 ? 4.019   -1.640  -13.804 1.00 36.50 ? 24  PRO A CA  1 
ATOM   161  C C   . PRO A 1 24 ? 5.244   -1.817  -14.683 1.00 32.68 ? 24  PRO A C   1 
ATOM   162  O O   . PRO A 1 24 ? 5.974   -2.806  -14.575 1.00 37.61 ? 24  PRO A O   1 
ATOM   163  C CB  . PRO A 1 24 ? 4.402   -1.196  -12.390 1.00 34.67 ? 24  PRO A CB  1 
ATOM   164  C CG  . PRO A 1 24 ? 4.594   -2.489  -11.655 1.00 31.98 ? 24  PRO A CG  1 
ATOM   165  C CD  . PRO A 1 24 ? 3.525   -3.407  -12.200 1.00 32.51 ? 24  PRO A CD  1 
ATOM   166  N N   . GLY A 1 25 ? 5.460   -0.853  -15.563 1.00 37.26 ? 25  GLY A N   1 
ATOM   167  C CA  . GLY A 1 25 ? 6.606   -0.910  -16.440 1.00 37.77 ? 25  GLY A CA  1 
ATOM   168  C C   . GLY A 1 25 ? 7.908   -0.577  -15.734 1.00 32.75 ? 25  GLY A C   1 
ATOM   169  O O   . GLY A 1 25 ? 7.935   -0.166  -14.574 1.00 26.63 ? 25  GLY A O   1 
ATOM   170  N N   . ALA A 1 26 ? 9.007   -0.748  -16.472 1.00 30.65 ? 26  ALA A N   1 
ATOM   171  C CA  . ALA A 1 26 ? 10.323  -0.433  -15.923 1.00 32.08 ? 26  ALA A CA  1 
ATOM   172  C C   . ALA A 1 26 ? 10.452  1.048   -15.589 1.00 28.37 ? 26  ALA A C   1 
ATOM   173  O O   . ALA A 1 26 ? 10.984  1.407   -14.531 1.00 30.77 ? 26  ALA A O   1 
ATOM   174  C CB  . ALA A 1 26 ? 11.416  -0.858  -16.906 1.00 27.33 ? 26  ALA A CB  1 
ATOM   175  N N   . ALA A 1 27 ? 9.959   1.923   -16.469 1.00 27.28 ? 27  ALA A N   1 
ATOM   176  C CA  . ALA A 1 27 ? 10.004  3.354   -16.191 1.00 31.99 ? 27  ALA A CA  1 
ATOM   177  C C   . ALA A 1 27 ? 9.165   3.702   -14.974 1.00 26.41 ? 27  ALA A C   1 
ATOM   178  O O   . ALA A 1 27 ? 9.557   4.546   -14.159 1.00 27.05 ? 27  ALA A O   1 
ATOM   179  C CB  . ALA A 1 27 ? 9.534   4.150   -17.407 1.00 31.98 ? 27  ALA A CB  1 
ATOM   180  N N   . CYS A 1 28 ? 7.995   3.075   -14.845 1.00 30.40 ? 28  CYS A N   1 
ATOM   181  C CA  . CYS A 1 28 ? 7.134   3.320   -13.694 1.00 27.86 ? 28  CYS A CA  1 
ATOM   182  C C   . CYS A 1 28 ? 7.837   2.944   -12.394 1.00 29.63 ? 28  CYS A C   1 
ATOM   183  O O   . CYS A 1 28 ? 7.837   3.715   -11.424 1.00 27.58 ? 28  CYS A O   1 
ATOM   184  C CB  . CYS A 1 28 ? 5.833   2.538   -13.847 1.00 30.02 ? 28  CYS A CB  1 
ATOM   185  S SG  . CYS A 1 28 ? 4.896   2.440   -12.327 1.00 31.79 ? 28  CYS A SG  1 
ATOM   186  N N   . CYS A 1 29 ? 8.440   1.752   -12.357 1.00 26.94 ? 29  CYS A N   1 
ATOM   187  C CA  . CYS A 1 29 ? 9.160   1.321   -11.163 1.00 29.32 ? 29  CYS A CA  1 
ATOM   188  C C   . CYS A 1 29 ? 10.364  2.211   -10.886 1.00 27.53 ? 29  CYS A C   1 
ATOM   189  O O   . CYS A 1 29 ? 10.693  2.479   -9.726  1.00 24.96 ? 29  CYS A O   1 
ATOM   190  C CB  . CYS A 1 29 ? 9.578   -0.140  -11.304 1.00 29.07 ? 29  CYS A CB  1 
ATOM   191  S SG  . CYS A 1 29 ? 8.170   -1.271  -11.246 1.00 34.10 ? 29  CYS A SG  1 
ATOM   192  N N   . SER A 1 30 ? 11.030  2.687   -11.938 1.00 30.45 ? 30  SER A N   1 
ATOM   193  C CA  . SER A 1 30 ? 12.164  3.584   -11.742 1.00 29.57 ? 30  SER A CA  1 
ATOM   194  C C   . SER A 1 30 ? 11.719  4.908   -11.131 1.00 28.96 ? 30  SER A C   1 
ATOM   195  O O   . SER A 1 30 ? 12.372  5.431   -10.217 1.00 29.70 ? 30  SER A O   1 
ATOM   196  C CB  . SER A 1 30 ? 12.879  3.811   -13.074 1.00 28.72 ? 30  SER A CB  1 
ATOM   197  O OG  . SER A 1 30 ? 13.939  4.731   -12.924 1.00 28.40 ? 30  SER A OG  1 
ATOM   198  N N   . GLY A 1 31 ? 10.608  5.461   -11.624 1.00 29.47 ? 31  GLY A N   1 
ATOM   199  C CA  . GLY A 1 31 ? 10.074  6.685   -11.049 1.00 30.76 ? 31  GLY A CA  1 
ATOM   200  C C   . GLY A 1 31 ? 9.625   6.503   -9.612  1.00 28.57 ? 31  GLY A C   1 
ATOM   201  O O   . GLY A 1 31 ? 9.815   7.387   -8.773  1.00 29.70 ? 31  GLY A O   1 
ATOM   202  N N   . VAL A 1 32 ? 9.038   5.345   -9.303  1.00 28.20 ? 32  VAL A N   1 
ATOM   203  C CA  . VAL A 1 32 ? 8.633   5.088   -7.924  1.00 28.36 ? 32  VAL A CA  1 
ATOM   204  C C   . VAL A 1 32 ? 9.857   4.977   -7.026  1.00 26.64 ? 32  VAL A C   1 
ATOM   205  O O   . VAL A 1 32 ? 9.857   5.468   -5.891  1.00 27.85 ? 32  VAL A O   1 
ATOM   206  C CB  . VAL A 1 32 ? 7.748   3.830   -7.846  1.00 30.84 ? 32  VAL A CB  1 
ATOM   207  C CG1 . VAL A 1 32 ? 7.452   3.467   -6.393  1.00 34.84 ? 32  VAL A CG1 1 
ATOM   208  C CG2 . VAL A 1 32 ? 6.450   4.054   -8.604  1.00 25.77 ? 32  VAL A CG2 1 
ATOM   209  N N   . LYS A 1 33 ? 10.932  4.357   -7.520  1.00 28.45 ? 33  LYS A N   1 
ATOM   210  C CA  . LYS A 1 33 ? 12.168  4.307   -6.742  1.00 28.53 ? 33  LYS A CA  1 
ATOM   211  C C   . LYS A 1 33 ? 12.732  5.703   -6.503  1.00 26.60 ? 33  LYS A C   1 
ATOM   212  O O   . LYS A 1 33 ? 13.165  6.023   -5.389  1.00 27.70 ? 33  LYS A O   1 
ATOM   213  C CB  . LYS A 1 33 ? 13.200  3.413   -7.434  1.00 29.31 ? 33  LYS A CB  1 
ATOM   214  C CG  . LYS A 1 33 ? 14.479  3.225   -6.623  1.00 38.25 ? 33  LYS A CG  1 
ATOM   215  C CD  . LYS A 1 33 ? 14.258  2.403   -5.372  1.00 40.31 ? 33  LYS A CD  1 
ATOM   216  C CE  . LYS A 1 33 ? 15.431  2.546   -4.421  1.00 42.59 ? 33  LYS A CE  1 
ATOM   217  N NZ  . LYS A 1 33 ? 15.406  1.540   -3.327  1.00 48.04 ? 33  LYS A NZ  1 
ATOM   218  N N   . THR A 1 34 ? 12.739  6.544   -7.540  1.00 31.04 ? 34  THR A N   1 
ATOM   219  C CA  . THR A 1 34 ? 13.210  7.918   -7.385  1.00 29.81 ? 34  THR A CA  1 
ATOM   220  C C   . THR A 1 34 ? 12.395  8.663   -6.331  1.00 32.46 ? 34  THR A C   1 
ATOM   221  O O   . THR A 1 34 ? 12.952  9.351   -5.462  1.00 29.40 ? 34  THR A O   1 
ATOM   222  C CB  . THR A 1 34 ? 13.150  8.640   -8.729  1.00 30.48 ? 34  THR A CB  1 
ATOM   223  O OG1 . THR A 1 34 ? 14.119  8.067   -9.613  1.00 36.62 ? 34  THR A OG1 1 
ATOM   224  C CG2 . THR A 1 34 ? 13.440  10.122  -8.557  1.00 41.37 ? 34  THR A CG2 1 
ATOM   225  N N   . LEU A 1 35 ? 11.068  8.521   -6.385  1.00 27.91 ? 35  LEU A N   1 
ATOM   226  C CA  . LEU A 1 35 ? 10.219  9.208   -5.419  1.00 31.98 ? 35  LEU A CA  1 
ATOM   227  C C   . LEU A 1 35 ? 10.485  8.702   -4.011  1.00 32.91 ? 35  LEU A C   1 
ATOM   228  O O   . LEU A 1 35 ? 10.534  9.490   -3.057  1.00 30.19 ? 35  LEU A O   1 
ATOM   229  C CB  . LEU A 1 35 ? 8.747   9.012   -5.779  1.00 28.22 ? 35  LEU A CB  1 
ATOM   230  C CG  . LEU A 1 35 ? 8.171   9.860   -6.910  1.00 35.06 ? 35  LEU A CG  1 
ATOM   231  C CD1 . LEU A 1 35 ? 6.665   9.979   -6.755  1.00 36.23 ? 35  LEU A CD1 1 
ATOM   232  C CD2 . LEU A 1 35 ? 8.821   11.237  -6.947  1.00 35.95 ? 35  LEU A CD2 1 
ATOM   233  N N   . ASN A 1 36 ? 10.688  7.390   -3.864  1.00 29.13 ? 36  ASN A N   1 
ATOM   234  C CA  . ASN A 1 36 ? 11.063  6.857   -2.564  1.00 30.07 ? 36  ASN A CA  1 
ATOM   235  C C   . ASN A 1 36 ? 12.363  7.473   -2.075  1.00 28.33 ? 36  ASN A C   1 
ATOM   236  O O   . ASN A 1 36 ? 12.491  7.816   -0.895  1.00 28.34 ? 36  ASN A O   1 
ATOM   237  C CB  . ASN A 1 36 ? 11.189  5.337   -2.642  1.00 27.25 ? 36  ASN A CB  1 
ATOM   238  C CG  . ASN A 1 36 ? 11.109  4.677   -1.281  1.00 40.29 ? 36  ASN A CG  1 
ATOM   239  O OD1 . ASN A 1 36 ? 10.222  4.977   -0.481  1.00 37.96 ? 36  ASN A OD1 1 
ATOM   240  N ND2 . ASN A 1 36 ? 12.043  3.770   -1.008  1.00 45.68 ? 36  ASN A ND2 1 
ATOM   241  N N   . GLY A 1 37 ? 13.319  7.674   -2.983  1.00 29.87 ? 37  GLY A N   1 
ATOM   242  C CA  . GLY A 1 37 ? 14.609  8.224   -2.597  1.00 32.40 ? 37  GLY A CA  1 
ATOM   243  C C   . GLY A 1 37 ? 14.609  9.707   -2.281  1.00 30.34 ? 37  GLY A C   1 
ATOM   244  O O   . GLY A 1 37 ? 15.499  10.174  -1.564  1.00 33.65 ? 37  GLY A O   1 
ATOM   245  N N   . ASN A 1 38 ? 13.637  10.460  -2.793  1.00 32.10 ? 38  ASN A N   1 
ATOM   246  C CA  . ASN A 1 38 ? 13.584  11.889  -2.508  1.00 31.41 ? 38  ASN A CA  1 
ATOM   247  C C   . ASN A 1 38 ? 12.787  12.234  -1.252  1.00 35.91 ? 38  ASN A C   1 
ATOM   248  O O   . ASN A 1 38 ? 12.910  13.355  -0.751  1.00 43.13 ? 38  ASN A O   1 
ATOM   249  C CB  . ASN A 1 38 ? 13.009  12.646  -3.715  1.00 38.83 ? 38  ASN A CB  1 
ATOM   250  C CG  . ASN A 1 38 ? 13.904  12.551  -4.945  1.00 42.11 ? 38  ASN A CG  1 
ATOM   251  O OD1 . ASN A 1 38 ? 15.123  12.418  -4.831  1.00 40.20 ? 38  ASN A OD1 1 
ATOM   252  N ND2 . ASN A 1 38 ? 13.300  12.622  -6.125  1.00 43.76 ? 38  ASN A ND2 1 
ATOM   253  N N   . ALA A 1 39 ? 12.008  11.297  -0.711  1.00 31.89 ? 39  ALA A N   1 
ATOM   254  C CA  . ALA A 1 39 ? 11.171  11.537  0.468   1.00 33.78 ? 39  ALA A CA  1 
ATOM   255  C C   . ALA A 1 39 ? 11.927  11.102  1.720   1.00 33.70 ? 39  ALA A C   1 
ATOM   256  O O   . ALA A 1 39 ? 11.629  10.086  2.348   1.00 35.47 ? 39  ALA A O   1 
ATOM   257  C CB  . ALA A 1 39 ? 9.836   10.817  0.337   1.00 35.54 ? 39  ALA A CB  1 
ATOM   258  N N   . GLN A 1 40 ? 12.935  11.892  2.080   1.00 39.73 ? 40  GLN A N   1 
ATOM   259  C CA  . GLN A 1 40 ? 13.802  11.565  3.209   1.00 44.69 ? 40  GLN A CA  1 
ATOM   260  C C   . GLN A 1 40 ? 13.206  11.988  4.555   1.00 38.70 ? 40  GLN A C   1 
ATOM   261  O O   . GLN A 1 40 ? 12.986  11.147  5.433   1.00 38.64 ? 40  GLN A O   1 
ATOM   262  C CB  . GLN A 1 40 ? 15.177  12.211  2.989   1.00 41.07 ? 40  GLN A CB  1 
ATOM   263  C CG  . GLN A 1 40 ? 15.891  11.760  1.715   1.00 47.62 ? 40  GLN A CG  1 
ATOM   264  C CD  . GLN A 1 40 ? 16.836  12.821  1.168   1.00 60.83 ? 40  GLN A CD  1 
ATOM   265  O OE1 . GLN A 1 40 ? 16.496  14.005  1.115   1.00 65.85 ? 40  GLN A OE1 1 
ATOM   266  N NE2 . GLN A 1 40 ? 18.038  12.401  0.776   1.00 59.90 ? 40  GLN A NE2 1 
ATOM   267  N N   . SER A 1 41 ? 12.990  13.276  4.753   1.00 35.19 ? 41  SER A N   1 
ATOM   268  C CA  . SER A 1 41 ? 12.466  13.734  6.029   1.00 34.81 ? 41  SER A CA  1 
ATOM   269  C C   . SER A 1 41 ? 10.975  13.422  6.158   1.00 32.08 ? 41  SER A C   1 
ATOM   270  O O   . SER A 1 41 ? 10.284  13.215  5.161   1.00 27.20 ? 41  SER A O   1 
ATOM   271  C CB  . SER A 1 41 ? 12.695  15.235  6.193   1.00 30.93 ? 41  SER A CB  1 
ATOM   272  O OG  . SER A 1 41 ? 11.771  15.984  5.425   1.00 29.85 ? 41  SER A OG  1 
ATOM   273  N N   . PRO A 1 42 ? 10.458  13.351  7.388   1.00 31.52 ? 42  PRO A N   1 
ATOM   274  C CA  . PRO A 1 42 ? 8.997   13.241  7.551   1.00 32.55 ? 42  PRO A CA  1 
ATOM   275  C C   . PRO A 1 42 ? 8.254   14.381  6.885   1.00 29.10 ? 42  PRO A C   1 
ATOM   276  O O   . PRO A 1 42 ? 7.129   14.193  6.402   1.00 31.16 ? 42  PRO A O   1 
ATOM   277  C CB  . PRO A 1 42 ? 8.819   13.245  9.076   1.00 34.16 ? 42  PRO A CB  1 
ATOM   278  C CG  . PRO A 1 42 ? 10.088  12.653  9.577   1.00 29.56 ? 42  PRO A CG  1 
ATOM   279  C CD  . PRO A 1 42 ? 11.159  13.214  8.676   1.00 31.53 ? 42  PRO A CD  1 
ATOM   280  N N   . ASP A 1 43 ? 8.855   15.569  6.853   1.00 27.07 ? 43  ASP A N   1 
ATOM   281  C CA  . ASP A 1 43 ? 8.224   16.697  6.183   1.00 29.67 ? 43  ASP A CA  1 
ATOM   282  C C   . ASP A 1 43 ? 8.227   16.489  4.673   1.00 27.70 ? 43  ASP A C   1 
ATOM   283  O O   . ASP A 1 43 ? 7.229   16.774  3.993   1.00 29.35 ? 43  ASP A O   1 
ATOM   284  C CB  . ASP A 1 43 ? 8.955   17.982  6.569   1.00 32.61 ? 43  ASP A CB  1 
ATOM   285  C CG  . ASP A 1 43 ? 8.247   19.224  6.086   1.00 36.81 ? 43  ASP A CG  1 
ATOM   286  O OD1 . ASP A 1 43 ? 7.055   19.134  5.728   1.00 37.38 ? 43  ASP A OD1 1 
ATOM   287  O OD2 . ASP A 1 43 ? 8.888   20.295  6.072   1.00 39.67 ? 43  ASP A OD2 1 
ATOM   288  N N   . ASP A 1 44 ? 9.334   15.953  4.139   1.00 27.80 ? 44  ASP A N   1 
ATOM   289  C CA  . ASP A 1 44 ? 9.356   15.511  2.749   1.00 26.74 ? 44  ASP A CA  1 
ATOM   290  C C   . ASP A 1 44 ? 8.257   14.489  2.493   1.00 30.53 ? 44  ASP A C   1 
ATOM   291  O O   . ASP A 1 44 ? 7.594   14.533  1.450   1.00 28.76 ? 44  ASP A O   1 
ATOM   292  C CB  . ASP A 1 44 ? 10.711  14.892  2.387   1.00 29.36 ? 44  ASP A CB  1 
ATOM   293  C CG  . ASP A 1 44 ? 11.848  15.903  2.356   1.00 34.60 ? 44  ASP A CG  1 
ATOM   294  O OD1 . ASP A 1 44 ? 11.581  17.114  2.219   1.00 36.65 ? 44  ASP A OD1 1 
ATOM   295  O OD2 . ASP A 1 44 ? 13.022  15.473  2.434   1.00 37.62 ? 44  ASP A OD2 1 
ATOM   296  N N   . ARG A 1 45 ? 8.046   13.560  3.437   1.00 29.36 ? 45  ARG A N   1 
ATOM   297  C CA  . ARG A 1 45 ? 7.053   12.513  3.221   1.00 29.04 ? 45  ARG A CA  1 
ATOM   298  C C   . ARG A 1 45 ? 5.637   13.075  3.197   1.00 29.23 ? 45  ARG A C   1 
ATOM   299  O O   . ARG A 1 45 ? 4.819   12.653  2.374   1.00 27.46 ? 45  ARG A O   1 
ATOM   300  C CB  . ARG A 1 45 ? 7.184   11.394  4.264   1.00 33.16 ? 45  ARG A CB  1 
ATOM   301  C CG  . ARG A 1 45 ? 8.383   10.475  4.012   1.00 29.92 ? 45  ARG A CG  1 
ATOM   302  C CD  . ARG A 1 45 ? 8.412   9.233   4.910   1.00 38.81 ? 45  ARG A CD  1 
ATOM   303  N NE  . ARG A 1 45 ? 8.510   9.486   6.347   1.00 33.50 ? 45  ARG A NE  1 
ATOM   304  C CZ  . ARG A 1 45 ? 9.649   9.733   6.987   1.00 33.73 ? 45  ARG A CZ  1 
ATOM   305  N NH1 . ARG A 1 45 ? 9.637   9.922   8.293   1.00 33.61 ? 45  ARG A NH1 1 
ATOM   306  N NH2 . ARG A 1 45 ? 10.797  9.795   6.328   1.00 32.20 ? 45  ARG A NH2 1 
ATOM   307  N N   . LYS A 1 46 ? 5.319   14.028  4.082   1.00 31.35 ? 46  LYS A N   1 
ATOM   308  C CA  . LYS A 1 46 ? 3.980   14.621  4.053   1.00 29.20 ? 46  LYS A CA  1 
ATOM   309  C C   . LYS A 1 46 ? 3.761   15.452  2.793   1.00 28.38 ? 46  LYS A C   1 
ATOM   310  O O   . LYS A 1 46 ? 2.671   15.418  2.192   1.00 27.94 ? 46  LYS A O   1 
ATOM   311  C CB  . LYS A 1 46 ? 3.731   15.452  5.310   1.00 28.10 ? 46  LYS A CB  1 
ATOM   312  C CG  . LYS A 1 46 ? 3.483   14.602  6.545   1.00 31.50 ? 46  LYS A CG  1 
ATOM   313  C CD  . LYS A 1 46 ? 2.832   15.406  7.658   1.00 34.23 ? 46  LYS A CD  1 
ATOM   314  C CE  . LYS A 1 46 ? 2.590   14.548  8.889   1.00 32.50 ? 46  LYS A CE  1 
ATOM   315  N NZ  . LYS A 1 46 ? 3.791   13.775  9.290   1.00 40.93 ? 46  LYS A NZ  1 
ATOM   316  N N   . THR A 1 47 ? 4.779   16.210  2.378   1.00 29.60 ? 47  THR A N   1 
ATOM   317  C CA  . THR A 1 47 ? 4.668   16.977  1.140   1.00 32.34 ? 47  THR A CA  1 
ATOM   318  C C   . THR A 1 47 ? 4.428   16.051  -0.047  1.00 27.59 ? 47  THR A C   1 
ATOM   319  O O   . THR A 1 47 ? 3.524   16.279  -0.871  1.00 28.63 ? 47  THR A O   1 
ATOM   320  C CB  . THR A 1 47 ? 5.943   17.795  0.932   1.00 31.47 ? 47  THR A CB  1 
ATOM   321  O OG1 . THR A 1 47 ? 6.199   18.583  2.101   1.00 29.47 ? 47  THR A OG1 1 
ATOM   322  C CG2 . THR A 1 47 ? 5.811   18.702  -0.271  1.00 33.88 ? 47  THR A CG2 1 
ATOM   323  N N   . ALA A 1 48 ? 5.233   14.988  -0.139  1.00 29.71 ? 48  ALA A N   1 
ATOM   324  C CA  . ALA A 1 48 ? 5.068   13.997  -1.194  1.00 28.84 ? 48  ALA A CA  1 
ATOM   325  C C   . ALA A 1 48 ? 3.696   13.342  -1.135  1.00 28.22 ? 48  ALA A C   1 
ATOM   326  O O   . ALA A 1 48 ? 3.101   13.060  -2.177  1.00 27.05 ? 48  ALA A O   1 
ATOM   327  C CB  . ALA A 1 48 ? 6.167   12.940  -1.088  1.00 27.31 ? 48  ALA A CB  1 
ATOM   328  N N   . CYS A 1 49 ? 3.180   13.089  0.073   1.00 25.15 ? 49  CYS A N   1 
ATOM   329  C CA  . CYS A 1 49 ? 1.867   12.464  0.206   1.00 25.53 ? 49  CYS A CA  1 
ATOM   330  C C   . CYS A 1 49 ? 0.781   13.349  -0.387  1.00 29.51 ? 49  CYS A C   1 
ATOM   331  O O   . CYS A 1 49 ? -0.107  12.869  -1.103  1.00 24.69 ? 49  CYS A O   1 
ATOM   332  C CB  . CYS A 1 49 ? 1.573   12.155  1.676   1.00 27.38 ? 49  CYS A CB  1 
ATOM   333  S SG  . CYS A 1 49 ? -0.122  11.548  2.021   1.00 39.51 ? 49  CYS A SG  1 
ATOM   334  N N   . ASN A 1 50 ? 0.830   14.651  -0.092  1.00 27.52 ? 50  ASN A N   1 
ATOM   335  C CA  . ASN A 1 50 ? -0.182  15.545  -0.655  1.00 27.66 ? 50  ASN A CA  1 
ATOM   336  C C   . ASN A 1 50 ? -0.048  15.658  -2.174  1.00 26.57 ? 50  ASN A C   1 
ATOM   337  O O   . ASN A 1 50 ? -1.060  15.694  -2.895  1.00 29.01 ? 50  ASN A O   1 
ATOM   338  C CB  . ASN A 1 50 ? -0.104  16.918  0.008   1.00 29.53 ? 50  ASN A CB  1 
ATOM   339  C CG  . ASN A 1 50 ? -0.691  16.918  1.408   1.00 29.71 ? 50  ASN A CG  1 
ATOM   340  O OD1 . ASN A 1 50 ? -1.884  16.670  1.593   1.00 30.76 ? 50  ASN A OD1 1 
ATOM   341  N ND2 . ASN A 1 50 ? 0.144   17.193  2.400   1.00 25.97 ? 50  ASN A ND2 1 
ATOM   342  N N   . CYS A 1 51 ? 1.187   15.683  -2.684  1.00 21.13 ? 51  CYS A N   1 
ATOM   343  C CA  . CYS A 1 51 ? 1.370   15.734  -4.134  1.00 24.55 ? 51  CYS A CA  1 
ATOM   344  C C   . CYS A 1 51 ? 0.838   14.470  -4.804  1.00 27.64 ? 51  CYS A C   1 
ATOM   345  O O   . CYS A 1 51 ? 0.115   14.533  -5.808  1.00 28.20 ? 51  CYS A O   1 
ATOM   346  C CB  . CYS A 1 51 ? 2.844   15.930  -4.472  1.00 25.27 ? 51  CYS A CB  1 
ATOM   347  S SG  . CYS A 1 51 ? 3.521   17.521  -3.984  1.00 32.90 ? 51  CYS A SG  1 
ATOM   348  N N   . ILE A 1 52 ? 1.185   13.309  -4.246  1.00 26.08 ? 52  ILE A N   1 
ATOM   349  C CA  . ILE A 1 52 ? 0.726   12.033  -4.780  1.00 26.74 ? 52  ILE A CA  1 
ATOM   350  C C   . ILE A 1 52 ? -0.792  11.946  -4.705  1.00 26.80 ? 52  ILE A C   1 
ATOM   351  O O   . ILE A 1 52 ? -1.436  11.365  -5.580  1.00 28.37 ? 52  ILE A O   1 
ATOM   352  C CB  . ILE A 1 52 ? 1.398   10.873  -4.019  1.00 32.56 ? 52  ILE A CB  1 
ATOM   353  C CG1 . ILE A 1 52 ? 2.898   10.850  -4.284  1.00 27.21 ? 52  ILE A CG1 1 
ATOM   354  C CG2 . ILE A 1 52 ? 0.811   9.535   -4.439  1.00 30.86 ? 52  ILE A CG2 1 
ATOM   355  C CD1 . ILE A 1 52 ? 3.620   9.846   -3.430  1.00 30.59 ? 52  ILE A CD1 1 
ATOM   356  N N   . LYS A 1 53 ? -1.382  12.515  -3.657  1.00 29.13 ? 53  LYS A N   1 
ATOM   357  C CA  . LYS A 1 53 ? -2.833  12.514  -3.515  1.00 30.44 ? 53  LYS A CA  1 
ATOM   358  C C   . LYS A 1 53 ? -3.490  13.306  -4.636  1.00 28.16 ? 53  LYS A C   1 
ATOM   359  O O   . LYS A 1 53 ? -4.475  12.859  -5.242  1.00 25.10 ? 53  LYS A O   1 
ATOM   360  C CB  . LYS A 1 53 ? -3.197  13.096  -2.148  1.00 29.64 ? 53  LYS A CB  1 
ATOM   361  C CG  . LYS A 1 53 ? -4.671  13.131  -1.811  1.00 33.95 ? 53  LYS A CG  1 
ATOM   362  C CD  . LYS A 1 53 ? -4.832  13.611  -0.381  1.00 31.67 ? 53  LYS A CD  1 
ATOM   363  C CE  . LYS A 1 53 ? -6.266  13.898  -0.031  1.00 35.91 ? 53  LYS A CE  1 
ATOM   364  N NZ  . LYS A 1 53 ? -6.340  14.460  1.346   1.00 42.62 ? 53  LYS A NZ  1 
ATOM   365  N N   . ALA A 1 54 ? -2.957  14.500  -4.914  1.00 30.51 ? 54  ALA A N   1 
ATOM   366  C CA  . ALA A 1 54 ? -3.460  15.279  -6.041  1.00 27.62 ? 54  ALA A CA  1 
ATOM   367  C C   . ALA A 1 54 ? -3.321  14.504  -7.347  1.00 29.54 ? 54  ALA A C   1 
ATOM   368  O O   . ALA A 1 54 ? -4.258  14.455  -8.158  1.00 34.80 ? 54  ALA A O   1 
ATOM   369  C CB  . ALA A 1 54 ? -2.722  16.615  -6.124  1.00 29.62 ? 54  ALA A CB  1 
ATOM   370  N N   . ALA A 1 55 ? -2.176  13.844  -7.539  1.00 27.96 ? 55  ALA A N   1 
ATOM   371  C CA  . ALA A 1 55 ? -1.963  13.074  -8.762  1.00 32.84 ? 55  ALA A CA  1 
ATOM   372  C C   . ALA A 1 55 ? -2.950  11.914  -8.870  1.00 35.86 ? 55  ALA A C   1 
ATOM   373  O O   . ALA A 1 55 ? -3.459  11.622  -9.956  1.00 37.87 ? 55  ALA A O   1 
ATOM   374  C CB  . ALA A 1 55 ? -0.521  12.563  -8.822  1.00 27.85 ? 55  ALA A CB  1 
ATOM   375  N N   . ALA A 1 56 ? -3.202  11.221  -7.758  1.00 32.17 ? 56  ALA A N   1 
ATOM   376  C CA  . ALA A 1 56 ? -4.170  10.129  -7.749  1.00 37.93 ? 56  ALA A CA  1 
ATOM   377  C C   . ALA A 1 56 ? -5.557  10.621  -8.143  1.00 41.59 ? 56  ALA A C   1 
ATOM   378  O O   . ALA A 1 56 ? -6.210  10.040  -9.020  1.00 41.08 ? 56  ALA A O   1 
ATOM   379  C CB  . ALA A 1 56 ? -4.206  9.473   -6.367  1.00 28.86 ? 56  ALA A CB  1 
ATOM   380  N N   . ASN A 1 57 ? -6.025  11.695  -7.501  1.00 36.96 ? 57  ASN A N   1 
ATOM   381  C CA  . ASN A 1 57 ? -7.326  12.255  -7.851  1.00 38.83 ? 57  ASN A CA  1 
ATOM   382  C C   . ASN A 1 57 ? -7.370  12.806  -9.267  1.00 39.17 ? 57  ASN A C   1 
ATOM   383  O O   . ASN A 1 57 ? -8.465  13.033  -9.789  1.00 39.31 ? 57  ASN A O   1 
ATOM   384  C CB  . ASN A 1 57 ? -7.733  13.342  -6.857  1.00 36.11 ? 57  ASN A CB  1 
ATOM   385  C CG  . ASN A 1 57 ? -8.217  12.770  -5.549  1.00 34.61 ? 57  ASN A CG  1 
ATOM   386  O OD1 . ASN A 1 57 ? -9.281  12.157  -5.490  1.00 40.13 ? 57  ASN A OD1 1 
ATOM   387  N ND2 . ASN A 1 57 ? -7.438  12.956  -4.495  1.00 33.98 ? 57  ASN A ND2 1 
ATOM   388  N N   . ARG A 1 58 ? -6.221  13.000  -9.910  1.00 41.56 ? 58  ARG A N   1 
ATOM   389  C CA  . ARG A 1 58 ? -6.234  13.528  -11.269 1.00 39.33 ? 58  ARG A CA  1 
ATOM   390  C C   . ARG A 1 58 ? -6.925  12.571  -12.248 1.00 44.61 ? 58  ARG A C   1 
ATOM   391  O O   . ARG A 1 58 ? -7.471  13.019  -13.263 1.00 43.41 ? 58  ARG A O   1 
ATOM   392  C CB  . ARG A 1 58 ? -4.796  13.831  -11.689 1.00 37.59 ? 58  ARG A CB  1 
ATOM   393  C CG  . ARG A 1 58 ? -4.609  14.927  -12.723 1.00 42.03 ? 58  ARG A CG  1 
ATOM   394  C CD  . ARG A 1 58 ? -3.125  15.156  -12.995 1.00 40.24 ? 58  ARG A CD  1 
ATOM   395  N NE  . ARG A 1 58 ? -2.588  15.973  -11.918 1.00 36.30 ? 58  ARG A NE  1 
ATOM   396  C CZ  . ARG A 1 58 ? -1.458  15.724  -11.270 1.00 39.05 ? 58  ARG A CZ  1 
ATOM   397  N NH1 . ARG A 1 58 ? -0.665  14.732  -11.660 1.00 42.45 ? 58  ARG A NH1 1 
ATOM   398  N NH2 . ARG A 1 58 ? -1.079  16.525  -10.284 1.00 37.24 ? 58  ARG A NH2 1 
ATOM   399  N N   . TYR A 1 59 ? -6.884  11.259  -11.997 0.81 44.86 ? 59  TYR A N   1 
ATOM   400  C CA  . TYR A 1 59 ? -7.498  10.300  -12.912 0.81 44.67 ? 59  TYR A CA  1 
ATOM   401  C C   . TYR A 1 59 ? -8.777  9.739   -12.308 0.81 53.41 ? 59  TYR A C   1 
ATOM   402  O O   . TYR A 1 59 ? -8.712  9.111   -11.241 0.81 53.55 ? 59  TYR A O   1 
ATOM   403  C CB  . TYR A 1 59 ? -6.510  9.180   -13.210 0.81 41.37 ? 59  TYR A CB  1 
ATOM   404  C CG  . TYR A 1 59 ? -5.118  9.723   -13.357 0.81 41.77 ? 59  TYR A CG  1 
ATOM   405  C CD1 . TYR A 1 59 ? -4.831  10.685  -14.313 0.81 44.65 ? 59  TYR A CD1 1 
ATOM   406  C CD2 . TYR A 1 59 ? -4.107  9.333   -12.491 0.81 40.29 ? 59  TYR A CD2 1 
ATOM   407  C CE1 . TYR A 1 59 ? -3.563  11.210  -14.437 0.81 43.51 ? 59  TYR A CE1 1 
ATOM   408  C CE2 . TYR A 1 59 ? -2.835  9.855   -12.604 0.81 43.33 ? 59  TYR A CE2 1 
ATOM   409  C CZ  . TYR A 1 59 ? -2.569  10.795  -13.580 0.81 42.55 ? 59  TYR A CZ  1 
ATOM   410  O OH  . TYR A 1 59 ? -1.308  11.323  -13.705 0.81 46.38 ? 59  TYR A OH  1 
ATOM   411  N N   . PRO A 1 60 ? -9.947  9.888   -12.943 0.86 63.11 ? 60  PRO A N   1 
ATOM   412  C CA  . PRO A 1 60 ? -11.185 9.380   -12.330 0.86 57.52 ? 60  PRO A CA  1 
ATOM   413  C C   . PRO A 1 60 ? -11.360 7.882   -12.495 0.86 60.97 ? 60  PRO A C   1 
ATOM   414  O O   . PRO A 1 60 ? -12.297 7.315   -11.916 0.86 61.86 ? 60  PRO A O   1 
ATOM   415  C CB  . PRO A 1 60 ? -12.283 10.153  -13.068 0.86 56.23 ? 60  PRO A CB  1 
ATOM   416  C CG  . PRO A 1 60 ? -11.718 10.348  -14.427 0.86 59.48 ? 60  PRO A CG  1 
ATOM   417  C CD  . PRO A 1 60 ? -10.217 10.553  -14.232 0.86 60.63 ? 60  PRO A CD  1 
ATOM   418  N N   . ASN A 1 61 ? -10.497 7.238   -13.281 0.97 55.42 ? 61  ASN A N   1 
ATOM   419  C CA  . ASN A 1 61 ? -10.528 5.802   -13.510 0.97 55.11 ? 61  ASN A CA  1 
ATOM   420  C C   . ASN A 1 61 ? -9.394  5.086   -12.791 0.97 53.38 ? 61  ASN A C   1 
ATOM   421  O O   . ASN A 1 61 ? -9.029  3.968   -13.170 0.97 49.06 ? 61  ASN A O   1 
ATOM   422  C CB  . ASN A 1 61 ? -10.407 5.546   -15.009 0.97 57.43 ? 61  ASN A CB  1 
ATOM   423  C CG  . ASN A 1 61 ? -9.337  6.424   -15.645 0.97 58.86 ? 61  ASN A CG  1 
ATOM   424  O OD1 . ASN A 1 61 ? -9.019  7.498   -15.129 0.97 57.14 ? 61  ASN A OD1 1 
ATOM   425  N ND2 . ASN A 1 61 ? -8.764  5.964   -16.751 0.97 63.80 ? 61  ASN A ND2 1 
ATOM   426  N N   . LEU A 1 62 ? -8.827  5.711   -11.765 1.00 48.66 ? 62  LEU A N   1 
ATOM   427  C CA  . LEU A 1 62 ? -7.716  5.112   -11.045 1.00 43.99 ? 62  LEU A CA  1 
ATOM   428  C C   . LEU A 1 62 ? -8.188  3.913   -10.240 1.00 43.04 ? 62  LEU A C   1 
ATOM   429  O O   . LEU A 1 62 ? -9.234  3.958   -9.592  1.00 47.51 ? 62  LEU A O   1 
ATOM   430  C CB  . LEU A 1 62 ? -7.047  6.139   -10.131 1.00 42.61 ? 62  LEU A CB  1 
ATOM   431  C CG  . LEU A 1 62 ? -5.917  5.604   -9.249  1.00 46.07 ? 62  LEU A CG  1 
ATOM   432  C CD1 . LEU A 1 62 ? -4.638  6.386   -9.506  1.00 37.27 ? 62  LEU A CD1 1 
ATOM   433  C CD2 . LEU A 1 62 ? -6.292  5.663   -7.787  1.00 43.76 ? 62  LEU A CD2 1 
ATOM   434  N N   . LYS A 1 63 ? -7.415  2.835   -10.282 1.00 45.27 ? 63  LYS A N   1 
ATOM   435  C CA  . LYS A 1 63 ? -7.717  1.650   -9.498  1.00 45.11 ? 63  LYS A CA  1 
ATOM   436  C C   . LYS A 1 63 ? -6.949  1.752   -8.188  1.00 46.98 ? 63  LYS A C   1 
ATOM   437  O O   . LYS A 1 63 ? -5.712  1.754   -8.190  1.00 39.03 ? 63  LYS A O   1 
ATOM   438  C CB  . LYS A 1 63 ? -7.339  0.375   -10.249 1.00 47.14 ? 63  LYS A CB  1 
ATOM   439  C CG  . LYS A 1 63 ? -8.397  -0.124  -11.219 1.00 48.97 ? 63  LYS A CG  1 
ATOM   440  C CD  . LYS A 1 63 ? -8.123  0.290   -12.650 1.00 50.86 ? 63  LYS A CD  1 
ATOM   441  C CE  . LYS A 1 63 ? -8.615  -0.788  -13.604 1.00 57.13 ? 63  LYS A CE  1 
ATOM   442  N NZ  . LYS A 1 63 ? -10.092 -0.767  -13.786 1.00 64.11 ? 63  LYS A NZ  1 
ATOM   443  N N   . ASP A 1 64 ? -7.680  1.823   -7.071  1.00 47.82 ? 64  ASP A N   1 
ATOM   444  C CA  . ASP A 1 64 ? -7.020  2.022   -5.784  1.00 43.88 ? 64  ASP A CA  1 
ATOM   445  C C   . ASP A 1 64 ? -6.247  0.779   -5.365  1.00 43.85 ? 64  ASP A C   1 
ATOM   446  O O   . ASP A 1 64 ? -5.239  0.882   -4.658  1.00 45.22 ? 64  ASP A O   1 
ATOM   447  C CB  . ASP A 1 64 ? -8.049  2.393   -4.710  1.00 46.39 ? 64  ASP A CB  1 
ATOM   448  C CG  . ASP A 1 64 ? -8.680  3.767   -4.937  1.00 55.30 ? 64  ASP A CG  1 
ATOM   449  O OD1 . ASP A 1 64 ? -7.945  4.741   -5.204  1.00 51.14 ? 64  ASP A OD1 1 
ATOM   450  O OD2 . ASP A 1 64 ? -9.923  3.873   -4.837  1.00 55.31 ? 64  ASP A OD2 1 
ATOM   451  N N   . ASP A 1 65 ? -6.693  -0.394  -5.814  1.00 40.39 ? 65  ASP A N   1 
ATOM   452  C CA  . ASP A 1 65 ? -5.972  -1.634  -5.550  1.00 40.44 ? 65  ASP A CA  1 
ATOM   453  C C   . ASP A 1 65 ? -4.626  -1.657  -6.266  1.00 40.35 ? 65  ASP A C   1 
ATOM   454  O O   . ASP A 1 65 ? -3.616  -2.094  -5.698  1.00 42.90 ? 65  ASP A O   1 
ATOM   455  C CB  . ASP A 1 65 ? -6.837  -2.817  -5.974  1.00 49.13 ? 65  ASP A CB  1 
ATOM   456  C CG  . ASP A 1 65 ? -8.023  -3.024  -5.052  1.00 52.11 ? 65  ASP A CG  1 
ATOM   457  O OD1 . ASP A 1 65 ? -7.993  -2.510  -3.912  1.00 52.72 ? 65  ASP A OD1 1 
ATOM   458  O OD2 . ASP A 1 65 ? -9.003  -3.661  -5.486  1.00 54.97 ? 65  ASP A OD2 1 
ATOM   459  N N   . ALA A 1 66 ? -4.592  -1.190  -7.518  1.00 42.45 ? 66  ALA A N   1 
ATOM   460  C CA  . ALA A 1 66 ? -3.328  -1.102  -8.243  1.00 39.63 ? 66  ALA A CA  1 
ATOM   461  C C   . ALA A 1 66 ? -2.395  -0.096  -7.582  1.00 36.94 ? 66  ALA A C   1 
ATOM   462  O O   . ALA A 1 66 ? -1.187  -0.338  -7.476  1.00 35.64 ? 66  ALA A O   1 
ATOM   463  C CB  . ALA A 1 66 ? -3.580  -0.732  -9.705  1.00 35.41 ? 66  ALA A CB  1 
ATOM   464  N N   . ALA A 1 67 ? -2.942  1.039   -7.133  1.00 32.14 ? 67  ALA A N   1 
ATOM   465  C CA  . ALA A 1 67 ? -2.144  2.010   -6.393  1.00 31.71 ? 67  ALA A CA  1 
ATOM   466  C C   . ALA A 1 67 ? -1.553  1.388   -5.136  1.00 37.19 ? 67  ALA A C   1 
ATOM   467  O O   . ALA A 1 67 ? -0.380  1.617   -4.814  1.00 37.84 ? 67  ALA A O   1 
ATOM   468  C CB  . ALA A 1 67 ? -2.996  3.227   -6.036  1.00 30.66 ? 67  ALA A CB  1 
ATOM   469  N N   . GLN A 1 68 ? -2.349  0.584   -4.417  1.00 41.45 ? 68  GLN A N   1 
ATOM   470  C CA  . GLN A 1 68 ? -1.864  -0.054  -3.195  1.00 33.34 ? 68  GLN A CA  1 
ATOM   471  C C   . GLN A 1 68 ? -0.813  -1.117  -3.478  1.00 36.15 ? 68  GLN A C   1 
ATOM   472  O O   . GLN A 1 68 ? 0.109   -1.297  -2.676  1.00 35.42 ? 68  GLN A O   1 
ATOM   473  C CB  . GLN A 1 68 ? -3.020  -0.686  -2.426  1.00 37.99 ? 68  GLN A CB  1 
ATOM   474  C CG  . GLN A 1 68 ? -3.416  0.036   -1.151  1.00 46.23 ? 68  GLN A CG  1 
ATOM   475  C CD  . GLN A 1 68 ? -4.783  -0.390  -0.643  1.00 49.84 ? 68  GLN A CD  1 
ATOM   476  O OE1 . GLN A 1 68 ? -5.793  -0.229  -1.330  1.00 49.51 ? 68  GLN A OE1 1 
ATOM   477  N NE2 . GLN A 1 68 ? -4.817  -0.955  0.564   1.00 48.15 ? 68  GLN A NE2 1 
ATOM   478  N N   . SER A 1 69 ? -0.920  -1.820  -4.600  1.00 35.42 ? 69  SER A N   1 
ATOM   479  C CA  . SER A 1 69 ? -0.002  -2.917  -4.885  1.00 31.54 ? 69  SER A CA  1 
ATOM   480  C C   . SER A 1 69 ? 1.188   -2.504  -5.743  1.00 36.10 ? 69  SER A C   1 
ATOM   481  O O   . SER A 1 69 ? 2.057   -3.342  -6.011  1.00 32.69 ? 69  SER A O   1 
ATOM   482  C CB  . SER A 1 69 ? -0.744  -4.063  -5.570  1.00 32.12 ? 69  SER A CB  1 
ATOM   483  O OG  . SER A 1 69 ? -1.226  -3.652  -6.836  1.00 45.53 ? 69  SER A OG  1 
ATOM   484  N N   . LEU A 1 70 ? 1.242   -1.246  -6.189  1.00 35.44 ? 70  LEU A N   1 
ATOM   485  C CA  . LEU A 1 70 ? 2.372   -0.800  -7.003  1.00 33.69 ? 70  LEU A CA  1 
ATOM   486  C C   . LEU A 1 70 ? 3.723   -1.006  -6.333  1.00 34.46 ? 70  LEU A C   1 
ATOM   487  O O   . LEU A 1 70 ? 4.625   -1.567  -6.983  1.00 31.48 ? 70  LEU A O   1 
ATOM   488  C CB  . LEU A 1 70 ? 2.172   0.673   -7.386  1.00 30.79 ? 70  LEU A CB  1 
ATOM   489  C CG  . LEU A 1 70 ? 3.242   1.343   -8.257  1.00 32.43 ? 70  LEU A CG  1 
ATOM   490  C CD1 . LEU A 1 70 ? 3.632   0.462   -9.437  1.00 28.05 ? 70  LEU A CD1 1 
ATOM   491  C CD2 . LEU A 1 70 ? 2.765   2.705   -8.742  1.00 28.95 ? 70  LEU A CD2 1 
ATOM   492  N N   . PRO A 1 71 ? 3.935   -0.640  -5.060  1.00 36.30 ? 71  PRO A N   1 
ATOM   493  C CA  . PRO A 1 71 ? 5.282   -0.814  -4.484  1.00 37.14 ? 71  PRO A CA  1 
ATOM   494  C C   . PRO A 1 71 ? 5.740   -2.258  -4.444  1.00 35.46 ? 71  PRO A C   1 
ATOM   495  O O   . PRO A 1 71 ? 6.917   -2.535  -4.711  1.00 34.34 ? 71  PRO A O   1 
ATOM   496  C CB  . PRO A 1 71 ? 5.140   -0.223  -3.074  1.00 36.56 ? 71  PRO A CB  1 
ATOM   497  C CG  . PRO A 1 71 ? 4.004   0.718   -3.173  1.00 37.75 ? 71  PRO A CG  1 
ATOM   498  C CD  . PRO A 1 71 ? 3.046   0.083   -4.131  1.00 36.96 ? 71  PRO A CD  1 
ATOM   499  N N   . SER A 1 72 ? 4.840   -3.192  -4.136  1.00 36.42 ? 72  SER A N   1 
ATOM   500  C CA  . SER A 1 72 ? 5.238   -4.593  -4.085  1.00 36.23 ? 72  SER A CA  1 
ATOM   501  C C   . SER A 1 72 ? 5.514   -5.142  -5.478  1.00 36.86 ? 72  SER A C   1 
ATOM   502  O O   . SER A 1 72 ? 6.478   -5.892  -5.673  1.00 33.67 ? 72  SER A O   1 
ATOM   503  C CB  . SER A 1 72 ? 4.157   -5.419  -3.394  1.00 45.26 ? 72  SER A CB  1 
ATOM   504  O OG  . SER A 1 72 ? 4.079   -6.722  -3.943  1.00 55.40 ? 72  SER A OG  1 
ATOM   505  N N   . LYS A 1 73 ? 4.717   -4.739  -6.472  1.00 37.86 ? 73  LYS A N   1 
ATOM   506  C CA  . LYS A 1 73 ? 4.972   -5.212  -7.826  1.00 37.23 ? 73  LYS A CA  1 
ATOM   507  C C   . LYS A 1 73 ? 6.296   -4.701  -8.363  1.00 34.99 ? 73  LYS A C   1 
ATOM   508  O O   . LYS A 1 73 ? 6.906   -5.372  -9.196  1.00 37.83 ? 73  LYS A O   1 
ATOM   509  C CB  . LYS A 1 73 ? 3.839   -4.809  -8.770  1.00 33.62 ? 73  LYS A CB  1 
ATOM   510  C CG  . LYS A 1 73 ? 2.621   -5.695  -8.666  1.00 33.30 ? 73  LYS A CG  1 
ATOM   511  C CD  . LYS A 1 73 ? 1.570   -5.297  -9.674  1.00 36.27 ? 73  LYS A CD  1 
ATOM   512  C CE  . LYS A 1 73 ? 0.328   -6.157  -9.520  1.00 42.43 ? 73  LYS A CE  1 
ATOM   513  N NZ  . LYS A 1 73 ? 0.529   -7.516  -10.119 1.00 41.66 ? 73  LYS A NZ  1 
ATOM   514  N N   . CYS A 1 74 ? 6.785   -3.576  -7.851  1.00 34.22 ? 74  CYS A N   1 
ATOM   515  C CA  . CYS A 1 74 ? 8.061   -3.017  -8.265  1.00 35.50 ? 74  CYS A CA  1 
ATOM   516  C C   . CYS A 1 74 ? 9.215   -3.478  -7.393  1.00 37.95 ? 74  CYS A C   1 
ATOM   517  O O   . CYS A 1 74 ? 10.370  -3.188  -7.719  1.00 39.97 ? 74  CYS A O   1 
ATOM   518  C CB  . CYS A 1 74 ? 8.014   -1.485  -8.229  1.00 32.72 ? 74  CYS A CB  1 
ATOM   519  S SG  . CYS A 1 74 ? 7.131   -0.711  -9.581  1.00 38.71 ? 74  CYS A SG  1 
ATOM   520  N N   . GLY A 1 75 ? 8.936   -4.159  -6.284  1.00 37.98 ? 75  GLY A N   1 
ATOM   521  C CA  . GLY A 1 75 ? 9.998   -4.568  -5.393  1.00 36.14 ? 75  GLY A CA  1 
ATOM   522  C C   . GLY A 1 75 ? 10.502  -3.447  -4.522  1.00 37.51 ? 75  GLY A C   1 
ATOM   523  O O   . GLY A 1 75 ? 11.618  -3.524  -4.005  1.00 39.88 ? 75  GLY A O   1 
ATOM   524  N N   . ILE A 1 76 ? 9.707   -2.397  -4.355  1.00 38.86 ? 76  ILE A N   1 
ATOM   525  C CA  . ILE A 1 76 ? 10.114  -1.186  -3.662  1.00 44.16 ? 76  ILE A CA  1 
ATOM   526  C C   . ILE A 1 76 ? 9.310   -1.082  -2.380  1.00 42.03 ? 76  ILE A C   1 
ATOM   527  O O   . ILE A 1 76 ? 8.118   -1.408  -2.351  1.00 41.13 ? 76  ILE A O   1 
ATOM   528  C CB  . ILE A 1 76 ? 9.907   0.069   -4.532  1.00 43.45 ? 76  ILE A CB  1 
ATOM   529  C CG1 . ILE A 1 76 ? 10.542  -0.124  -5.907  1.00 45.86 ? 76  ILE A CG1 1 
ATOM   530  C CG2 . ILE A 1 76 ? 10.464  1.308   -3.844  1.00 45.56 ? 76  ILE A CG2 1 
ATOM   531  C CD1 . ILE A 1 76 ? 10.415  1.085   -6.792  1.00 45.79 ? 76  ILE A CD1 1 
ATOM   532  N N   . SER A 1 77 ? 9.960   -0.626  -1.323  1.00 40.28 ? 77  SER A N   1 
ATOM   533  C CA  . SER A 1 77 ? 9.283   -0.299  -0.077  1.00 41.99 ? 77  SER A CA  1 
ATOM   534  C C   . SER A 1 77 ? 9.000   1.202   -0.061  1.00 44.29 ? 77  SER A C   1 
ATOM   535  O O   . SER A 1 77 ? 9.786   1.992   0.460   1.00 49.67 ? 77  SER A O   1 
ATOM   536  C CB  . SER A 1 77 ? 10.142  -0.745  1.097   1.00 41.98 ? 77  SER A CB  1 
ATOM   537  O OG  . SER A 1 77 ? 11.322  0.035   1.162   1.00 53.65 ? 77  SER A OG  1 
ATOM   538  N N   . LEU A 1 78 ? 7.870   1.602   -0.650  1.00 40.38 ? 78  LEU A N   1 
ATOM   539  C CA  . LEU A 1 78 ? 7.516   3.019   -0.730  1.00 39.45 ? 78  LEU A CA  1 
ATOM   540  C C   . LEU A 1 78 ? 7.052   3.529   0.633   1.00 39.77 ? 78  LEU A C   1 
ATOM   541  O O   . LEU A 1 78 ? 6.072   3.025   1.195   1.00 38.68 ? 78  LEU A O   1 
ATOM   542  C CB  . LEU A 1 78 ? 6.431   3.258   -1.777  1.00 35.00 ? 78  LEU A CB  1 
ATOM   543  C CG  . LEU A 1 78 ? 6.189   4.750   -2.032  1.00 34.73 ? 78  LEU A CG  1 
ATOM   544  C CD1 . LEU A 1 78 ? 7.483   5.446   -2.434  1.00 31.82 ? 78  LEU A CD1 1 
ATOM   545  C CD2 . LEU A 1 78 ? 5.089   5.000   -3.060  1.00 33.14 ? 78  LEU A CD2 1 
ATOM   546  N N   . ASN A 1 79 ? 7.723   4.562   1.138   1.00 35.04 ? 79  ASN A N   1 
ATOM   547  C CA  . ASN A 1 79 ? 7.465   5.109   2.466   1.00 38.33 ? 79  ASN A CA  1 
ATOM   548  C C   . ASN A 1 79 ? 6.258   6.039   2.527   1.00 36.35 ? 79  ASN A C   1 
ATOM   549  O O   . ASN A 1 79 ? 5.929   6.516   3.618   1.00 33.08 ? 79  ASN A O   1 
ATOM   550  C CB  . ASN A 1 79 ? 8.695   5.857   2.966   1.00 39.30 ? 79  ASN A CB  1 
ATOM   551  C CG  . ASN A 1 79 ? 9.279   6.780   1.921   1.00 44.86 ? 79  ASN A CG  1 
ATOM   552  O OD1 . ASN A 1 79 ? 8.604   7.679   1.423   1.00 46.25 ? 79  ASN A OD1 1 
ATOM   553  N ND2 . ASN A 1 79 ? 10.543  6.563   1.580   1.00 49.10 ? 79  ASN A ND2 1 
ATOM   554  N N   . VAL A 1 80 ? 5.640   6.352   1.397   1.00 36.57 ? 80  VAL A N   1 
ATOM   555  C CA  . VAL A 1 80 ? 4.488   7.241   1.323   1.00 35.43 ? 80  VAL A CA  1 
ATOM   556  C C   . VAL A 1 80 ? 3.343   6.493   0.649   1.00 39.47 ? 80  VAL A C   1 
ATOM   557  O O   . VAL A 1 80 ? 3.524   5.950   -0.444  1.00 37.50 ? 80  VAL A O   1 
ATOM   558  C CB  . VAL A 1 80 ? 4.805   8.537   0.559   1.00 36.13 ? 80  VAL A CB  1 
ATOM   559  C CG1 . VAL A 1 80 ? 3.555   9.354   0.385   1.00 37.63 ? 80  VAL A CG1 1 
ATOM   560  C CG2 . VAL A 1 80 ? 5.861   9.338   1.295   1.00 40.99 ? 80  VAL A CG2 1 
ATOM   561  N N   . PRO A 1 81 ? 2.170   6.383   1.272   1.00 33.08 ? 81  PRO A N   1 
ATOM   562  C CA  . PRO A 1 81 ? 1.053   5.704   0.608   1.00 36.73 ? 81  PRO A CA  1 
ATOM   563  C C   . PRO A 1 81 ? 0.509   6.520   -0.557  1.00 32.58 ? 81  PRO A C   1 
ATOM   564  O O   . PRO A 1 81 ? 0.526   7.753   -0.548  1.00 35.81 ? 81  PRO A O   1 
ATOM   565  C CB  . PRO A 1 81 ? 0.009   5.572   1.724   1.00 32.58 ? 81  PRO A CB  1 
ATOM   566  C CG  . PRO A 1 81 ? 0.311   6.709   2.638   1.00 29.83 ? 81  PRO A CG  1 
ATOM   567  C CD  . PRO A 1 81 ? 1.816   6.812   2.636   1.00 37.14 ? 81  PRO A CD  1 
ATOM   568  N N   . ILE A 1 82 ? 0.053   5.808   -1.583  1.00 29.10 ? 82  ILE A N   1 
ATOM   569  C CA  . ILE A 1 82 ? -0.583  6.402   -2.756  1.00 31.31 ? 82  ILE A CA  1 
ATOM   570  C C   . ILE A 1 82 ? -2.092  6.260   -2.580  1.00 33.15 ? 82  ILE A C   1 
ATOM   571  O O   . ILE A 1 82 ? -2.648  5.184   -2.798  1.00 35.64 ? 82  ILE A O   1 
ATOM   572  C CB  . ILE A 1 82 ? -0.103  5.746   -4.052  1.00 34.49 ? 82  ILE A CB  1 
ATOM   573  C CG1 . ILE A 1 82 ? 1.417   5.840   -4.169  1.00 33.38 ? 82  ILE A CG1 1 
ATOM   574  C CG2 . ILE A 1 82 ? -0.779  6.378   -5.261  1.00 36.77 ? 82  ILE A CG2 1 
ATOM   575  C CD1 . ILE A 1 82 ? 2.010   4.772   -5.051  1.00 27.40 ? 82  ILE A CD1 1 
ATOM   576  N N   . SER A 1 83 ? -2.774  7.335   -2.191  1.00 36.21 ? 83  SER A N   1 
ATOM   577  C CA  . SER A 1 83 ? -4.213  7.253   -1.980  1.00 36.06 ? 83  SER A CA  1 
ATOM   578  C C   . SER A 1 83 ? -4.911  8.498   -2.506  1.00 32.75 ? 83  SER A C   1 
ATOM   579  O O   . SER A 1 83 ? -4.356  9.598   -2.495  1.00 34.91 ? 83  SER A O   1 
ATOM   580  C CB  . SER A 1 83 ? -4.553  7.050   -0.502  1.00 34.40 ? 83  SER A CB  1 
ATOM   581  O OG  . SER A 1 83 ? -5.939  7.232   -0.260  1.00 37.51 ? 83  SER A OG  1 
ATOM   582  N N   . ARG A 1 84 ? -6.144  8.297   -2.982  1.00 35.21 ? 84  ARG A N   1 
ATOM   583  C CA  . ARG A 1 84 ? -6.991  9.415   -3.384  1.00 33.78 ? 84  ARG A CA  1 
ATOM   584  C C   . ARG A 1 84 ? -7.558  10.156  -2.180  1.00 37.98 ? 84  ARG A C   1 
ATOM   585  O O   . ARG A 1 84 ? -7.855  11.353  -2.274  1.00 36.95 ? 84  ARG A O   1 
ATOM   586  C CB  . ARG A 1 84 ? -8.144  8.901   -4.247  1.00 34.72 ? 84  ARG A CB  1 
ATOM   587  C CG  . ARG A 1 84 ? -7.795  8.610   -5.696  1.00 43.16 ? 84  ARG A CG  1 
ATOM   588  C CD  . ARG A 1 84 ? -8.909  7.810   -6.364  1.00 46.10 ? 84  ARG A CD  1 
ATOM   589  N NE  . ARG A 1 84 ? -10.007 8.648   -6.838  1.00 59.56 ? 84  ARG A NE  1 
ATOM   590  C CZ  . ARG A 1 84 ? -10.106 9.125   -8.075  1.00 61.82 ? 84  ARG A CZ  1 
ATOM   591  N NH1 . ARG A 1 84 ? -9.168  8.851   -8.971  1.00 63.01 ? 84  ARG A NH1 1 
ATOM   592  N NH2 . ARG A 1 84 ? -11.144 9.878   -8.419  1.00 65.01 ? 84  ARG A NH2 1 
ATOM   593  N N   . THR A 1 85 ? -7.720  9.470   -1.047  1.00 34.76 ? 85  THR A N   1 
ATOM   594  C CA  . THR A 1 85 ? -8.459  10.014  0.087   1.00 35.04 ? 85  THR A CA  1 
ATOM   595  C C   . THR A 1 85 ? -7.642  10.076  1.371   1.00 34.40 ? 85  THR A C   1 
ATOM   596  O O   . THR A 1 85 ? -8.210  10.343  2.437   1.00 38.87 ? 85  THR A O   1 
ATOM   597  C CB  . THR A 1 85 ? -9.726  9.189   0.328   1.00 36.68 ? 85  THR A CB  1 
ATOM   598  O OG1 . THR A 1 85 ? -9.363  7.880   0.787   1.00 43.60 ? 85  THR A OG1 1 
ATOM   599  C CG2 . THR A 1 85 ? -10.530 9.064   -0.951  1.00 38.16 ? 85  THR A CG2 1 
ATOM   600  N N   . ILE A 1 86 ? -6.330  9.856   1.301   1.00 39.26 ? 86  ILE A N   1 
ATOM   601  C CA  . ILE A 1 86 ? -5.515  9.764   2.506   1.00 38.31 ? 86  ILE A CA  1 
ATOM   602  C C   . ILE A 1 86 ? -5.424  11.126  3.184   1.00 35.97 ? 86  ILE A C   1 
ATOM   603  O O   . ILE A 1 86 ? -5.229  12.159  2.529   1.00 35.73 ? 86  ILE A O   1 
ATOM   604  C CB  . ILE A 1 86 ? -4.117  9.217   2.158   1.00 37.26 ? 86  ILE A CB  1 
ATOM   605  C CG1 . ILE A 1 86 ? -3.209  9.173   3.390   1.00 36.69 ? 86  ILE A CG1 1 
ATOM   606  C CG2 . ILE A 1 86 ? -3.474  10.040  1.043   1.00 32.33 ? 86  ILE A CG2 1 
ATOM   607  C CD1 . ILE A 1 86 ? -3.352  7.916   4.212   1.00 37.49 ? 86  ILE A CD1 1 
ATOM   608  N N   . ASN A 1 87 ? -5.578  11.137  4.505   1.00 38.72 ? 87  ASN A N   1 
ATOM   609  C CA  . ASN A 1 87 ? -5.283  12.326  5.302   1.00 37.26 ? 87  ASN A CA  1 
ATOM   610  C C   . ASN A 1 87 ? -3.795  12.282  5.618   1.00 33.78 ? 87  ASN A C   1 
ATOM   611  O O   . ASN A 1 87 ? -3.357  11.558  6.515   1.00 30.26 ? 87  ASN A O   1 
ATOM   612  C CB  . ASN A 1 87 ? -6.131  12.375  6.567   1.00 39.33 ? 87  ASN A CB  1 
ATOM   613  C CG  . ASN A 1 87 ? -6.067  13.729  7.258   1.00 41.04 ? 87  ASN A CG  1 
ATOM   614  O OD1 . ASN A 1 87 ? -5.014  14.367  7.315   1.00 39.21 ? 87  ASN A OD1 1 
ATOM   615  N ND2 . ASN A 1 87 ? -7.205  14.183  7.770   1.00 51.27 ? 87  ASN A ND2 1 
ATOM   616  N N   . CYS A 1 88 ? -3.014  13.069  4.877   1.00 32.56 ? 88  CYS A N   1 
ATOM   617  C CA  . CYS A 1 88 ? -1.561  12.999  4.961   1.00 30.28 ? 88  CYS A CA  1 
ATOM   618  C C   . CYS A 1 88 ? -1.013  13.399  6.324   1.00 34.21 ? 88  CYS A C   1 
ATOM   619  O O   . CYS A 1 88 ? 0.170   13.154  6.583   1.00 36.24 ? 88  CYS A O   1 
ATOM   620  C CB  . CYS A 1 88 ? -0.952  13.871  3.862   1.00 33.30 ? 88  CYS A CB  1 
ATOM   621  S SG  . CYS A 1 88 ? -1.255  13.249  2.183   1.00 37.35 ? 88  CYS A SG  1 
ATOM   622  N N   . ASP A 1 89 ? -1.832  13.991  7.199   1.00 31.73 ? 89  ASP A N   1 
ATOM   623  C CA  . ASP A 1 89 ? -1.368  14.310  8.546   1.00 34.46 ? 89  ASP A CA  1 
ATOM   624  C C   . ASP A 1 89 ? -1.150  13.056  9.383   1.00 35.80 ? 89  ASP A C   1 
ATOM   625  O O   . ASP A 1 89 ? -0.347  13.072  10.323  1.00 33.27 ? 89  ASP A O   1 
ATOM   626  C CB  . ASP A 1 89 ? -2.363  15.236  9.246   1.00 36.48 ? 89  ASP A CB  1 
ATOM   627  C CG  . ASP A 1 89 ? -2.490  16.588  8.565   1.00 42.77 ? 89  ASP A CG  1 
ATOM   628  O OD1 . ASP A 1 89 ? -1.502  17.045  7.948   1.00 38.11 ? 89  ASP A OD1 1 
ATOM   629  O OD2 . ASP A 1 89 ? -3.580  17.193  8.647   1.00 40.47 ? 89  ASP A OD2 1 
ATOM   630  N N   . THR A 1 90 ? -1.844  11.966  9.060   1.00 36.96 ? 90  THR A N   1 
ATOM   631  C CA  . THR A 1 90 ? -1.779  10.724  9.818   1.00 32.26 ? 90  THR A CA  1 
ATOM   632  C C   . THR A 1 90 ? -0.607  9.825   9.425   1.00 36.14 ? 90  THR A C   1 
ATOM   633  O O   . THR A 1 90 ? -0.521  8.704   9.935   1.00 44.83 ? 90  THR A O   1 
ATOM   634  C CB  . THR A 1 90 ? -3.089  9.944   9.648   1.00 37.78 ? 90  THR A CB  1 
ATOM   635  O OG1 . THR A 1 90 ? -3.103  9.301   8.367   1.00 37.11 ? 90  THR A OG1 1 
ATOM   636  C CG2 . THR A 1 90 ? -4.286  10.878  9.743   1.00 34.19 ? 90  THR A CG2 1 
ATOM   637  N N   . ILE A 1 91 ? 0.303   10.275  8.568   1.00 33.20 ? 91  ILE A N   1 
ATOM   638  C CA  . ILE A 1 91 ? 1.430   9.455   8.152   1.00 36.39 ? 91  ILE A CA  1 
ATOM   639  C C   . ILE A 1 91 ? 2.665   9.880   8.936   1.00 38.92 ? 91  ILE A C   1 
ATOM   640  O O   . ILE A 1 91 ? 2.753   10.991  9.468   1.00 33.33 ? 91  ILE A O   1 
ATOM   641  C CB  . ILE A 1 91 ? 1.695   9.532   6.626   1.00 35.27 ? 91  ILE A CB  1 
ATOM   642  C CG1 . ILE A 1 91 ? 2.439   10.820  6.276   1.00 33.97 ? 91  ILE A CG1 1 
ATOM   643  C CG2 . ILE A 1 91 ? 0.397   9.412   5.828   1.00 26.73 ? 91  ILE A CG2 1 
ATOM   644  C CD1 . ILE A 1 91 ? 2.838   10.911  4.830   1.00 35.22 ? 91  ILE A CD1 1 
ATOM   645  N N   . SER A 1 92 ? 3.638   8.978   9.009   1.00 41.27 ? 92  SER A N   1 
ATOM   646  C CA  . SER A 1 92 ? 4.855   9.232   9.770   1.00 39.93 ? 92  SER A CA  1 
ATOM   647  C C   . SER A 1 92 ? 6.076   9.349   8.861   1.00 41.06 ? 92  SER A C   1 
ATOM   648  O O   . SER A 1 92 ? 7.081   9.955   9.239   1.00 42.25 ? 92  SER A O   1 
ATOM   649  C CB  . SER A 1 92 ? 5.072   8.127   10.806  1.00 38.81 ? 92  SER A CB  1 
ATOM   650  O OG  . SER A 1 92 ? 4.619   6.875   10.324  1.00 35.51 ? 92  SER A OG  1 
ATOM   651  N N   . VAL B 1 2  ? -0.076  -21.581 3.210   1.00 49.63 ? 2   VAL B N   1 
ATOM   652  C CA  . VAL B 1 2  ? -0.777  -20.585 4.011   1.00 46.98 ? 2   VAL B CA  1 
ATOM   653  C C   . VAL B 1 2  ? -2.283  -20.871 4.050   1.00 45.55 ? 2   VAL B C   1 
ATOM   654  O O   . VAL B 1 2  ? -2.864  -21.334 3.069   1.00 48.95 ? 2   VAL B O   1 
ATOM   655  C CB  . VAL B 1 2  ? -0.494  -19.162 3.486   1.00 50.97 ? 2   VAL B CB  1 
ATOM   656  C CG1 . VAL B 1 2  ? -1.139  -18.944 2.126   1.00 45.59 ? 2   VAL B CG1 1 
ATOM   657  C CG2 . VAL B 1 2  ? -0.962  -18.118 4.492   1.00 51.23 ? 2   VAL B CG2 1 
ATOM   658  N N   . THR B 1 3  ? -2.905  -20.620 5.200   1.00 40.68 ? 3   THR B N   1 
ATOM   659  C CA  . THR B 1 3  ? -4.333  -20.825 5.390   1.00 38.08 ? 3   THR B CA  1 
ATOM   660  C C   . THR B 1 3  ? -4.958  -19.571 5.989   1.00 37.93 ? 3   THR B C   1 
ATOM   661  O O   . THR B 1 3  ? -4.275  -18.736 6.588   1.00 40.89 ? 3   THR B O   1 
ATOM   662  C CB  . THR B 1 3  ? -4.626  -22.026 6.300   1.00 38.92 ? 3   THR B CB  1 
ATOM   663  O OG1 . THR B 1 3  ? -4.277  -21.697 7.650   1.00 38.56 ? 3   THR B OG1 1 
ATOM   664  C CG2 . THR B 1 3  ? -3.846  -23.257 5.855   1.00 37.63 ? 3   THR B CG2 1 
ATOM   665  N N   . CYS B 1 4  ? -6.276  -19.444 5.820   1.00 34.14 ? 4   CYS B N   1 
ATOM   666  C CA  . CYS B 1 4  ? -6.968  -18.250 6.295   1.00 32.91 ? 4   CYS B CA  1 
ATOM   667  C C   . CYS B 1 4  ? -6.876  -18.099 7.810   1.00 41.03 ? 4   CYS B C   1 
ATOM   668  O O   . CYS B 1 4  ? -6.870  -16.974 8.317   1.00 35.81 ? 4   CYS B O   1 
ATOM   669  C CB  . CYS B 1 4  ? -8.429  -18.268 5.847   1.00 34.79 ? 4   CYS B CB  1 
ATOM   670  S SG  . CYS B 1 4  ? -8.732  -17.818 4.094   1.00 38.70 ? 4   CYS B SG  1 
ATOM   671  N N   . GLY B 1 5  ? -6.813  -19.207 8.552   1.00 38.12 ? 5   GLY B N   1 
ATOM   672  C CA  . GLY B 1 5  ? -6.622  -19.101 9.990   1.00 33.25 ? 5   GLY B CA  1 
ATOM   673  C C   . GLY B 1 5  ? -5.263  -18.532 10.343  1.00 37.77 ? 5   GLY B C   1 
ATOM   674  O O   . GLY B 1 5  ? -5.137  -17.704 11.250  1.00 40.14 ? 5   GLY B O   1 
ATOM   675  N N   . GLN B 1 6  ? -4.224  -18.971 9.630   1.00 39.29 ? 6   GLN B N   1 
ATOM   676  C CA  . GLN B 1 6  ? -2.895  -18.394 9.790   1.00 38.93 ? 6   GLN B CA  1 
ATOM   677  C C   . GLN B 1 6  ? -2.916  -16.894 9.516   1.00 36.94 ? 6   GLN B C   1 
ATOM   678  O O   . GLN B 1 6  ? -2.332  -16.105 10.272  1.00 43.14 ? 6   GLN B O   1 
ATOM   679  C CB  . GLN B 1 6  ? -1.932  -19.112 8.845   1.00 46.13 ? 6   GLN B CB  1 
ATOM   680  C CG  . GLN B 1 6  ? -0.479  -18.703 8.916   1.00 52.79 ? 6   GLN B CG  1 
ATOM   681  C CD  . GLN B 1 6  ? 0.418   -19.713 8.214   1.00 66.31 ? 6   GLN B CD  1 
ATOM   682  O OE1 . GLN B 1 6  ? 0.522   -19.722 6.986   1.00 60.89 ? 6   GLN B OE1 1 
ATOM   683  N NE2 . GLN B 1 6  ? 1.062   -20.579 8.995   1.00 69.70 ? 6   GLN B NE2 1 
ATOM   684  N N   . VAL B 1 7  ? -3.608  -16.480 8.453   1.00 32.76 ? 7   VAL B N   1 
ATOM   685  C CA  . VAL B 1 7  ? -3.698  -15.063 8.112   1.00 36.99 ? 7   VAL B CA  1 
ATOM   686  C C   . VAL B 1 7  ? -4.431  -14.292 9.208   1.00 35.26 ? 7   VAL B C   1 
ATOM   687  O O   . VAL B 1 7  ? -4.006  -13.203 9.614   1.00 35.13 ? 7   VAL B O   1 
ATOM   688  C CB  . VAL B 1 7  ? -4.373  -14.889 6.737   1.00 32.24 ? 7   VAL B CB  1 
ATOM   689  C CG1 . VAL B 1 7  ? -4.858  -13.468 6.556   1.00 35.51 ? 7   VAL B CG1 1 
ATOM   690  C CG2 . VAL B 1 7  ? -3.409  -15.268 5.621   1.00 25.06 ? 7   VAL B CG2 1 
ATOM   691  N N   . ASP B 1 8  ? -5.557  -14.835 9.684   1.00 32.53 ? 8   ASP B N   1 
ATOM   692  C CA  . ASP B 1 8  ? -6.298  -14.199 10.772  1.00 33.59 ? 8   ASP B CA  1 
ATOM   693  C C   . ASP B 1 8  ? -5.408  -14.010 11.991  1.00 36.01 ? 8   ASP B C   1 
ATOM   694  O O   . ASP B 1 8  ? -5.423  -12.952 12.633  1.00 35.18 ? 8   ASP B O   1 
ATOM   695  C CB  . ASP B 1 8  ? -7.528  -15.032 11.138  1.00 32.07 ? 8   ASP B CB  1 
ATOM   696  C CG  . ASP B 1 8  ? -8.551  -15.109 10.017  1.00 38.48 ? 8   ASP B CG  1 
ATOM   697  O OD1 . ASP B 1 8  ? -8.566  -14.216 9.141   1.00 41.35 ? 8   ASP B OD1 1 
ATOM   698  O OD2 . ASP B 1 8  ? -9.351  -16.069 10.020  1.00 42.04 ? 8   ASP B OD2 1 
ATOM   699  N N   . ALA B 1 9  ? -4.647  -15.046 12.343  1.00 35.88 ? 9   ALA B N   1 
ATOM   700  C CA  . ALA B 1 9  ? -3.761  -14.952 13.496  1.00 38.72 ? 9   ALA B CA  1 
ATOM   701  C C   . ALA B 1 9  ? -2.695  -13.893 13.269  1.00 33.38 ? 9   ALA B C   1 
ATOM   702  O O   . ALA B 1 9  ? -2.333  -13.155 14.193  1.00 36.09 ? 9   ALA B O   1 
ATOM   703  C CB  . ALA B 1 9  ? -3.123  -16.311 13.774  1.00 40.13 ? 9   ALA B CB  1 
ATOM   704  N N   . ASN B 1 10 ? -2.198  -13.783 12.035  1.00 34.96 ? 10  ASN B N   1 
ATOM   705  C CA  . ASN B 1 10 ? -1.163  -12.797 11.751  1.00 34.75 ? 10  ASN B CA  1 
ATOM   706  C C   . ASN B 1 10 ? -1.702  -11.375 11.809  1.00 36.20 ? 10  ASN B C   1 
ATOM   707  O O   . ASN B 1 10 ? -0.987  -10.459 12.232  1.00 36.56 ? 10  ASN B O   1 
ATOM   708  C CB  . ASN B 1 10 ? -0.561  -13.058 10.369  1.00 34.79 ? 10  ASN B CB  1 
ATOM   709  C CG  . ASN B 1 10 ? 0.339   -14.270 10.347  1.00 36.36 ? 10  ASN B CG  1 
ATOM   710  O OD1 . ASN B 1 10 ? 0.772   -14.749 11.391  1.00 49.07 ? 10  ASN B OD1 1 
ATOM   711  N ND2 . ASN B 1 10 ? 0.621   -14.779 9.154   1.00 39.54 ? 10  ASN B ND2 1 
ATOM   712  N N   . LEU B 1 11 ? -2.959  -11.174 11.416  1.00 30.47 ? 11  LEU B N   1 
ATOM   713  C CA  . LEU B 1 11 ? -3.546  -9.839  11.371  1.00 30.73 ? 11  LEU B CA  1 
ATOM   714  C C   . LEU B 1 11 ? -4.233  -9.416  12.663  1.00 35.12 ? 11  LEU B C   1 
ATOM   715  O O   . LEU B 1 11 ? -4.557  -8.232  12.803  1.00 32.18 ? 11  LEU B O   1 
ATOM   716  C CB  . LEU B 1 11 ? -4.554  -9.742  10.222  1.00 31.72 ? 11  LEU B CB  1 
ATOM   717  C CG  . LEU B 1 11 ? -3.936  -9.580  8.834   1.00 37.92 ? 11  LEU B CG  1 
ATOM   718  C CD1 . LEU B 1 11 ? -4.995  -9.729  7.739   1.00 39.94 ? 11  LEU B CD1 1 
ATOM   719  C CD2 . LEU B 1 11 ? -3.226  -8.240  8.734   1.00 34.55 ? 11  LEU B CD2 1 
ATOM   720  N N   . ALA B 1 12 ? -4.472  -10.342 13.596  1.00 35.72 ? 12  ALA B N   1 
ATOM   721  C CA  . ALA B 1 12 ? -5.170  -10.001 14.837  1.00 32.07 ? 12  ALA B CA  1 
ATOM   722  C C   . ALA B 1 12 ? -4.588  -8.805  15.584  1.00 31.27 ? 12  ALA B C   1 
ATOM   723  O O   . ALA B 1 12 ? -5.365  -7.913  15.962  1.00 26.08 ? 12  ALA B O   1 
ATOM   724  C CB  . ALA B 1 12 ? -5.222  -11.240 15.744  1.00 36.29 ? 12  ALA B CB  1 
ATOM   725  N N   . PRO B 1 13 ? -3.277  -8.703  15.832  1.00 30.42 ? 13  PRO B N   1 
ATOM   726  C CA  . PRO B 1 13 ? -2.766  -7.514  16.539  1.00 30.19 ? 13  PRO B CA  1 
ATOM   727  C C   . PRO B 1 13 ? -2.964  -6.207  15.783  1.00 32.63 ? 13  PRO B C   1 
ATOM   728  O O   . PRO B 1 13 ? -2.823  -5.139  16.391  1.00 31.82 ? 13  PRO B O   1 
ATOM   729  C CB  . PRO B 1 13 ? -1.274  -7.823  16.725  1.00 35.47 ? 13  PRO B CB  1 
ATOM   730  C CG  . PRO B 1 13 ? -0.963  -8.859  15.704  1.00 37.67 ? 13  PRO B CG  1 
ATOM   731  C CD  . PRO B 1 13 ? -2.203  -9.678  15.570  1.00 32.26 ? 13  PRO B CD  1 
ATOM   732  N N   . CYS B 1 14 ? -3.299  -6.257  14.493  1.00 32.32 ? 14  CYS B N   1 
ATOM   733  C CA  . CYS B 1 14 ? -3.480  -5.067  13.672  1.00 26.88 ? 14  CYS B CA  1 
ATOM   734  C C   . CYS B 1 14 ? -4.895  -4.513  13.698  1.00 29.05 ? 14  CYS B C   1 
ATOM   735  O O   . CYS B 1 14 ? -5.113  -3.401  13.203  1.00 30.53 ? 14  CYS B O   1 
ATOM   736  C CB  . CYS B 1 14 ? -3.105  -5.382  12.226  1.00 28.28 ? 14  CYS B CB  1 
ATOM   737  S SG  . CYS B 1 14 ? -1.371  -5.760  11.997  1.00 32.05 ? 14  CYS B SG  1 
ATOM   738  N N   . VAL B 1 15 ? -5.857  -5.258  14.244  1.00 27.46 ? 15  VAL B N   1 
ATOM   739  C CA  . VAL B 1 15 ? -7.254  -4.817  14.196  1.00 33.62 ? 15  VAL B CA  1 
ATOM   740  C C   . VAL B 1 15 ? -7.465  -3.472  14.883  1.00 30.11 ? 15  VAL B C   1 
ATOM   741  O O   . VAL B 1 15 ? -8.171  -2.621  14.315  1.00 31.91 ? 15  VAL B O   1 
ATOM   742  C CB  . VAL B 1 15 ? -8.174  -5.920  14.749  1.00 38.20 ? 15  VAL B CB  1 
ATOM   743  C CG1 . VAL B 1 15 ? -9.595  -5.402  14.905  1.00 32.83 ? 15  VAL B CG1 1 
ATOM   744  C CG2 . VAL B 1 15 ? -8.145  -7.140  13.840  1.00 36.74 ? 15  VAL B CG2 1 
ATOM   745  N N   . PRO B 1 16 ? -6.919  -3.213  16.084  1.00 32.00 ? 16  PRO B N   1 
ATOM   746  C CA  . PRO B 1 16 ? -7.058  -1.862  16.665  1.00 32.79 ? 16  PRO B CA  1 
ATOM   747  C C   . PRO B 1 16 ? -6.599  -0.746  15.743  1.00 30.77 ? 16  PRO B C   1 
ATOM   748  O O   . PRO B 1 16 ? -7.332  0.229   15.544  1.00 29.35 ? 16  PRO B O   1 
ATOM   749  C CB  . PRO B 1 16 ? -6.199  -1.951  17.934  1.00 29.96 ? 16  PRO B CB  1 
ATOM   750  C CG  . PRO B 1 16 ? -6.293  -3.369  18.332  1.00 25.72 ? 16  PRO B CG  1 
ATOM   751  C CD  . PRO B 1 16 ? -6.262  -4.133  17.034  1.00 35.95 ? 16  PRO B CD  1 
ATOM   752  N N   . PHE B 1 17 ? -5.400  -0.862  15.169  1.00 28.38 ? 17  PHE B N   1 
ATOM   753  C CA  . PHE B 1 17 ? -4.930  0.163   14.242  1.00 32.05 ? 17  PHE B CA  1 
ATOM   754  C C   . PHE B 1 17 ? -5.819  0.250   13.011  1.00 32.79 ? 17  PHE B C   1 
ATOM   755  O O   . PHE B 1 17 ? -6.168  1.350   12.565  1.00 31.25 ? 17  PHE B O   1 
ATOM   756  C CB  . PHE B 1 17 ? -3.487  -0.123  13.827  1.00 34.67 ? 17  PHE B CB  1 
ATOM   757  C CG  . PHE B 1 17 ? -3.009  0.721   12.679  1.00 32.94 ? 17  PHE B CG  1 
ATOM   758  C CD1 . PHE B 1 17 ? -2.801  2.083   12.839  1.00 31.91 ? 17  PHE B CD1 1 
ATOM   759  C CD2 . PHE B 1 17 ? -2.758  0.149   11.441  1.00 33.01 ? 17  PHE B CD2 1 
ATOM   760  C CE1 . PHE B 1 17 ? -2.360  2.862   11.781  1.00 33.24 ? 17  PHE B CE1 1 
ATOM   761  C CE2 . PHE B 1 17 ? -2.310  0.923   10.381  1.00 32.47 ? 17  PHE B CE2 1 
ATOM   762  C CZ  . PHE B 1 17 ? -2.114  2.280   10.552  1.00 33.19 ? 17  PHE B CZ  1 
ATOM   763  N N   . LEU B 1 18 ? -6.214  -0.899  12.461  1.00 31.88 ? 18  LEU B N   1 
ATOM   764  C CA  . LEU B 1 18 ? -6.956  -0.918  11.207  1.00 34.98 ? 18  LEU B CA  1 
ATOM   765  C C   . LEU B 1 18 ? -8.376  -0.383  11.347  1.00 36.99 ? 18  LEU B C   1 
ATOM   766  O O   . LEU B 1 18 ? -8.953  0.067   10.349  1.00 38.73 ? 18  LEU B O   1 
ATOM   767  C CB  . LEU B 1 18 ? -6.980  -2.340  10.648  1.00 35.29 ? 18  LEU B CB  1 
ATOM   768  C CG  . LEU B 1 18 ? -5.664  -2.829  10.049  1.00 30.78 ? 18  LEU B CG  1 
ATOM   769  C CD1 . LEU B 1 18 ? -5.744  -4.321  9.776   1.00 35.92 ? 18  LEU B CD1 1 
ATOM   770  C CD2 . LEU B 1 18 ? -5.355  -2.063  8.775   1.00 29.67 ? 18  LEU B CD2 1 
ATOM   771  N N   . THR B 1 19 ? -8.955  -0.421  12.549  1.00 36.04 ? 19  THR B N   1 
ATOM   772  C CA  . THR B 1 19 ? -10.321 0.045   12.747  1.00 39.15 ? 19  THR B CA  1 
ATOM   773  C C   . THR B 1 19 ? -10.427 1.346   13.528  1.00 43.99 ? 19  THR B C   1 
ATOM   774  O O   . THR B 1 19 ? -11.482 1.987   13.483  1.00 44.86 ? 19  THR B O   1 
ATOM   775  C CB  . THR B 1 19 ? -11.156 -1.029  13.460  1.00 38.00 ? 19  THR B CB  1 
ATOM   776  O OG1 . THR B 1 19 ? -10.574 -1.327  14.735  1.00 32.12 ? 19  THR B OG1 1 
ATOM   777  C CG2 . THR B 1 19 ? -11.234 -2.295  12.620  1.00 44.90 ? 19  THR B CG2 1 
ATOM   778  N N   . GLN B 1 20 ? -9.376  1.751   14.236  1.00 41.29 ? 20  GLN B N   1 
ATOM   779  C CA  . GLN B 1 20 ? -9.402  2.960   15.041  1.00 41.40 ? 20  GLN B CA  1 
ATOM   780  C C   . GLN B 1 20 ? -8.360  3.987   14.623  1.00 38.28 ? 20  GLN B C   1 
ATOM   781  O O   . GLN B 1 20 ? -8.446  5.138   15.064  1.00 42.18 ? 20  GLN B O   1 
ATOM   782  C CB  . GLN B 1 20 ? -9.197  2.608   16.524  1.00 41.61 ? 20  GLN B CB  1 
ATOM   783  C CG  . GLN B 1 20 ? -10.306 1.747   17.112  1.00 47.76 ? 20  GLN B CG  1 
ATOM   784  C CD  . GLN B 1 20 ? -10.007 1.281   18.528  1.00 58.63 ? 20  GLN B CD  1 
ATOM   785  O OE1 . GLN B 1 20 ? -9.658  2.081   19.399  1.00 64.23 ? 20  GLN B OE1 1 
ATOM   786  N NE2 . GLN B 1 20 ? -10.145 -0.023  18.764  1.00 54.53 ? 20  GLN B NE2 1 
ATOM   787  N N   . GLY B 1 21 ? -7.392  3.615   13.794  1.00 36.23 ? 21  GLY B N   1 
ATOM   788  C CA  . GLY B 1 21 ? -6.363  4.540   13.371  1.00 32.67 ? 21  GLY B CA  1 
ATOM   789  C C   . GLY B 1 21 ? -5.189  4.575   14.331  1.00 31.98 ? 21  GLY B C   1 
ATOM   790  O O   . GLY B 1 21 ? -4.983  3.681   15.157  1.00 36.42 ? 21  GLY B O   1 
ATOM   791  N N   . GLY B 1 22 ? -4.396  5.630   14.199  1.00 28.66 ? 22  GLY B N   1 
ATOM   792  C CA  . GLY B 1 22 ? -3.256  5.828   15.079  1.00 26.18 ? 22  GLY B CA  1 
ATOM   793  C C   . GLY B 1 22 ? -1.995  5.254   14.478  1.00 25.16 ? 22  GLY B C   1 
ATOM   794  O O   . GLY B 1 22 ? -1.630  5.591   13.355  1.00 29.95 ? 22  GLY B O   1 
ATOM   795  N N   . GLU B 1 23 ? -1.323  4.390   15.234  1.00 30.26 ? 23  GLU B N   1 
ATOM   796  C CA  . GLU B 1 23 ? -0.112  3.743   14.763  1.00 32.69 ? 23  GLU B CA  1 
ATOM   797  C C   . GLU B 1 23 ? -0.242  2.234   14.917  1.00 31.68 ? 23  GLU B C   1 
ATOM   798  O O   . GLU B 1 23 ? -0.829  1.759   15.896  1.00 31.36 ? 23  GLU B O   1 
ATOM   799  C CB  . GLU B 1 23 ? 1.111   4.226   15.551  1.00 29.78 ? 23  GLU B CB  1 
ATOM   800  C CG  . GLU B 1 23 ? 1.350   5.714   15.462  1.00 32.48 ? 23  GLU B CG  1 
ATOM   801  C CD  . GLU B 1 23 ? 1.723   6.164   14.069  1.00 35.87 ? 23  GLU B CD  1 
ATOM   802  O OE1 . GLU B 1 23 ? 1.474   7.343   13.744  1.00 42.08 ? 23  GLU B OE1 1 
ATOM   803  O OE2 . GLU B 1 23 ? 2.256   5.341   13.296  1.00 36.04 ? 23  GLU B OE2 1 
ATOM   804  N N   . PRO B 1 24 ? 0.307   1.452   13.991  1.00 30.34 ? 24  PRO B N   1 
ATOM   805  C CA  . PRO B 1 24 ? 0.335   0.006   14.210  1.00 30.43 ? 24  PRO B CA  1 
ATOM   806  C C   . PRO B 1 24 ? 1.373   -0.298  15.271  1.00 36.91 ? 24  PRO B C   1 
ATOM   807  O O   . PRO B 1 24 ? 2.451   0.300   15.300  1.00 40.09 ? 24  PRO B O   1 
ATOM   808  C CB  . PRO B 1 24 ? 0.739   -0.554  12.843  1.00 29.39 ? 24  PRO B CB  1 
ATOM   809  C CG  . PRO B 1 24 ? 1.611   0.525   12.280  1.00 29.99 ? 24  PRO B CG  1 
ATOM   810  C CD  . PRO B 1 24 ? 0.968   1.820   12.725  1.00 31.78 ? 24  PRO B CD  1 
ATOM   811  N N   . GLY B 1 25 ? 1.042   -1.208  16.155  1.00 38.46 ? 25  GLY B N   1 
ATOM   812  C CA  . GLY B 1 25 ? 1.992   -1.558  17.182  1.00 43.09 ? 25  GLY B CA  1 
ATOM   813  C C   . GLY B 1 25 ? 3.107   -2.432  16.648  1.00 38.89 ? 25  GLY B C   1 
ATOM   814  O O   . GLY B 1 25 ? 3.129   -2.837  15.484  1.00 31.73 ? 25  GLY B O   1 
ATOM   815  N N   . ALA B 1 26 ? 4.070   -2.703  17.528  1.00 43.20 ? 26  ALA B N   1 
ATOM   816  C CA  . ALA B 1 26 ? 5.142   -3.629  17.186  1.00 43.98 ? 26  ALA B CA  1 
ATOM   817  C C   . ALA B 1 26 ? 4.592   -5.029  16.930  1.00 38.78 ? 26  ALA B C   1 
ATOM   818  O O   . ALA B 1 26 ? 5.066   -5.738  16.034  1.00 33.18 ? 26  ALA B O   1 
ATOM   819  C CB  . ALA B 1 26 ? 6.184   -3.654  18.300  1.00 43.31 ? 26  ALA B CB  1 
ATOM   820  N N   . ALA B 1 27 ? 3.602   -5.452  17.720  1.00 36.00 ? 27  ALA B N   1 
ATOM   821  C CA  . ALA B 1 27 ? 2.988   -6.757  17.500  1.00 45.89 ? 27  ALA B CA  1 
ATOM   822  C C   . ALA B 1 27 ? 2.301   -6.822  16.140  1.00 38.99 ? 27  ALA B C   1 
ATOM   823  O O   . ALA B 1 27 ? 2.419   -7.824  15.421  1.00 33.91 ? 27  ALA B O   1 
ATOM   824  C CB  . ALA B 1 27 ? 1.989   -7.060  18.616  1.00 35.00 ? 27  ALA B CB  1 
ATOM   825  N N   . CYS B 1 28 ? 1.581   -5.760  15.769  1.00 34.78 ? 28  CYS B N   1 
ATOM   826  C CA  . CYS B 1 28 ? 0.925   -5.722  14.467  1.00 32.13 ? 28  CYS B CA  1 
ATOM   827  C C   . CYS B 1 28 ? 1.943   -5.809  13.336  1.00 29.53 ? 28  CYS B C   1 
ATOM   828  O O   . CYS B 1 28 ? 1.773   -6.588  12.390  1.00 29.61 ? 28  CYS B O   1 
ATOM   829  C CB  . CYS B 1 28 ? 0.085   -4.452  14.336  1.00 33.20 ? 28  CYS B CB  1 
ATOM   830  S SG  . CYS B 1 28 ? -0.401  -4.079  12.626  1.00 29.96 ? 28  CYS B SG  1 
ATOM   831  N N   . CYS B 1 29 ? 3.008   -5.006  13.415  1.00 35.16 ? 29  CYS B N   1 
ATOM   832  C CA  . CYS B 1 29 ? 4.037   -5.034  12.380  1.00 32.24 ? 29  CYS B CA  1 
ATOM   833  C C   . CYS B 1 29 ? 4.715   -6.392  12.318  1.00 32.09 ? 29  CYS B C   1 
ATOM   834  O O   . CYS B 1 29 ? 5.054   -6.872  11.232  1.00 30.52 ? 29  CYS B O   1 
ATOM   835  C CB  . CYS B 1 29 ? 5.077   -3.944  12.634  1.00 34.47 ? 29  CYS B CB  1 
ATOM   836  S SG  . CYS B 1 29 ? 4.469   -2.275  12.380  1.00 37.04 ? 29  CYS B SG  1 
ATOM   837  N N   . SER B 1 30 ? 4.905   -7.036  13.470  1.00 29.55 ? 30  SER B N   1 
ATOM   838  C CA  . SER B 1 30 ? 5.506   -8.362  13.468  1.00 35.14 ? 30  SER B CA  1 
ATOM   839  C C   . SER B 1 30 ? 4.599   -9.372  12.772  1.00 37.03 ? 30  SER B C   1 
ATOM   840  O O   . SER B 1 30 ? 5.069   -10.180 11.961  1.00 27.41 ? 30  SER B O   1 
ATOM   841  C CB  . SER B 1 30 ? 5.807   -8.799  14.898  1.00 35.95 ? 30  SER B CB  1 
ATOM   842  O OG  . SER B 1 30 ? 6.326   -10.116 14.919  1.00 51.15 ? 30  SER B OG  1 
ATOM   843  N N   . GLY B 1 31 ? 3.297   -9.324  13.060  1.00 33.65 ? 31  GLY B N   1 
ATOM   844  C CA  . GLY B 1 31 ? 2.374   -10.225 12.389  1.00 36.37 ? 31  GLY B CA  1 
ATOM   845  C C   . GLY B 1 31 ? 2.317   -9.988  10.891  1.00 36.18 ? 31  GLY B C   1 
ATOM   846  O O   . GLY B 1 31 ? 2.261   -10.938 10.101  1.00 40.61 ? 31  GLY B O   1 
ATOM   847  N N   . VAL B 1 32 ? 2.358   -8.721  10.479  1.00 29.02 ? 32  VAL B N   1 
ATOM   848  C CA  . VAL B 1 32 ? 2.340   -8.415  9.053   1.00 31.14 ? 32  VAL B CA  1 
ATOM   849  C C   . VAL B 1 32 ? 3.630   -8.882  8.392   1.00 34.21 ? 32  VAL B C   1 
ATOM   850  O O   . VAL B 1 32 ? 3.618   -9.372  7.259   1.00 39.45 ? 32  VAL B O   1 
ATOM   851  C CB  . VAL B 1 32 ? 2.090   -6.913  8.824   1.00 34.14 ? 32  VAL B CB  1 
ATOM   852  C CG1 . VAL B 1 32 ? 2.218   -6.570  7.351   1.00 31.91 ? 32  VAL B CG1 1 
ATOM   853  C CG2 . VAL B 1 32 ? 0.708   -6.525  9.327   1.00 29.02 ? 32  VAL B CG2 1 
ATOM   854  N N   . LYS B 1 33 ? 4.759   -8.749  9.090   0.85 32.02 ? 33  LYS B N   1 
ATOM   855  C CA  . LYS B 1 33 ? 6.030   -9.242  8.566   0.85 37.70 ? 33  LYS B CA  1 
ATOM   856  C C   . LYS B 1 33 ? 5.986   -10.752 8.378   0.85 38.65 ? 33  LYS B C   1 
ATOM   857  O O   . LYS B 1 33 ? 6.428   -11.281 7.349   0.85 30.87 ? 33  LYS B O   1 
ATOM   858  C CB  . LYS B 1 33 ? 7.161   -8.852  9.520   0.85 36.28 ? 33  LYS B CB  1 
ATOM   859  C CG  . LYS B 1 33 ? 8.575   -9.091  9.004   0.85 41.05 ? 33  LYS B CG  1 
ATOM   860  C CD  . LYS B 1 33 ? 8.938   -8.088  7.904   0.85 50.39 ? 33  LYS B CD  1 
ATOM   861  C CE  . LYS B 1 33 ? 10.209  -8.489  7.154   0.85 53.95 ? 33  LYS B CE  1 
ATOM   862  N NZ  . LYS B 1 33 ? 10.671  -7.403  6.239   0.85 44.11 ? 33  LYS B NZ  1 
ATOM   863  N N   . THR B 1 34 ? 5.457   -11.461 9.377   1.00 37.72 ? 34  THR B N   1 
ATOM   864  C CA  . THR B 1 34 ? 5.324   -12.911 9.284   1.00 34.37 ? 34  THR B CA  1 
ATOM   865  C C   . THR B 1 34 ? 4.457   -13.306 8.094   1.00 39.47 ? 34  THR B C   1 
ATOM   866  O O   . THR B 1 34 ? 4.817   -14.197 7.316   1.00 38.67 ? 34  THR B O   1 
ATOM   867  C CB  . THR B 1 34 ? 4.728   -13.459 10.582  1.00 36.47 ? 34  THR B CB  1 
ATOM   868  O OG1 . THR B 1 34 ? 5.654   -13.260 11.656  1.00 41.80 ? 34  THR B OG1 1 
ATOM   869  C CG2 . THR B 1 34 ? 4.436   -14.947 10.446  1.00 40.82 ? 34  THR B CG2 1 
ATOM   870  N N   . LEU B 1 35 ? 3.305   -12.645 7.935   1.00 39.31 ? 35  LEU B N   1 
ATOM   871  C CA  . LEU B 1 35 ? 2.411   -12.982 6.829   1.00 40.32 ? 35  LEU B CA  1 
ATOM   872  C C   . LEU B 1 35 ? 3.040   -12.645 5.483   1.00 43.39 ? 35  LEU B C   1 
ATOM   873  O O   . LEU B 1 35 ? 2.903   -13.408 4.520   1.00 46.61 ? 35  LEU B O   1 
ATOM   874  C CB  . LEU B 1 35 ? 1.074   -12.263 6.997   1.00 43.76 ? 35  LEU B CB  1 
ATOM   875  C CG  . LEU B 1 35 ? 0.243   -11.956 5.749   1.00 47.47 ? 35  LEU B CG  1 
ATOM   876  C CD1 . LEU B 1 35 ? -0.214  -13.230 5.044   1.00 50.48 ? 35  LEU B CD1 1 
ATOM   877  C CD2 . LEU B 1 35 ? -0.954  -11.120 6.143   1.00 47.68 ? 35  LEU B CD2 1 
ATOM   878  N N   . ASN B 1 36 ? 3.743   -11.513 5.400   1.00 39.73 ? 36  ASN B N   1 
ATOM   879  C CA  . ASN B 1 36 ? 4.473   -11.170 4.186   1.00 43.24 ? 36  ASN B CA  1 
ATOM   880  C C   . ASN B 1 36 ? 5.516   -12.230 3.859   1.00 44.29 ? 36  ASN B C   1 
ATOM   881  O O   . ASN B 1 36 ? 5.780   -12.502 2.681   1.00 43.85 ? 36  ASN B O   1 
ATOM   882  C CB  . ASN B 1 36 ? 5.116   -9.790  4.335   1.00 35.38 ? 36  ASN B CB  1 
ATOM   883  C CG  . ASN B 1 36 ? 5.393   -9.121  2.998   1.00 40.79 ? 36  ASN B CG  1 
ATOM   884  O OD1 . ASN B 1 36 ? 4.532   -9.085  2.119   1.00 44.86 ? 36  ASN B OD1 1 
ATOM   885  N ND2 . ASN B 1 36 ? 6.587   -8.558  2.852   1.00 43.65 ? 36  ASN B ND2 1 
ATOM   886  N N   . GLY B 1 37 ? 6.116   -12.839 4.885   1.00 39.71 ? 37  GLY B N   1 
ATOM   887  C CA  . GLY B 1 37 ? 7.096   -13.880 4.646   1.00 48.46 ? 37  GLY B CA  1 
ATOM   888  C C   . GLY B 1 37 ? 6.497   -15.155 4.095   1.00 53.25 ? 37  GLY B C   1 
ATOM   889  O O   . GLY B 1 37 ? 7.214   -15.948 3.474   1.00 56.86 ? 37  GLY B O   1 
ATOM   890  N N   . ASN B 1 38 ? 5.197   -15.364 4.290   1.00 49.15 ? 38  ASN B N   1 
ATOM   891  C CA  . ASN B 1 38 ? 4.517   -16.523 3.734   1.00 51.54 ? 38  ASN B CA  1 
ATOM   892  C C   . ASN B 1 38 ? 3.932   -16.267 2.350   1.00 56.05 ? 38  ASN B C   1 
ATOM   893  O O   . ASN B 1 38 ? 3.570   -17.232 1.665   1.00 57.54 ? 38  ASN B O   1 
ATOM   894  C CB  . ASN B 1 38 ? 3.395   -16.979 4.673   1.00 53.12 ? 38  ASN B CB  1 
ATOM   895  C CG  . ASN B 1 38 ? 3.910   -17.452 6.020   1.00 57.76 ? 38  ASN B CG  1 
ATOM   896  O OD1 . ASN B 1 38 ? 5.032   -17.940 6.128   1.00 58.28 ? 38  ASN B OD1 1 
ATOM   897  N ND2 . ASN B 1 38 ? 3.080   -17.321 7.055   1.00 55.42 ? 38  ASN B ND2 1 
ATOM   898  N N   . ALA B 1 39 ? 3.812   -15.007 1.935   1.00 51.44 ? 39  ALA B N   1 
ATOM   899  C CA  . ALA B 1 39 ? 3.267   -14.676 0.624   1.00 50.36 ? 39  ALA B CA  1 
ATOM   900  C C   . ALA B 1 39 ? 4.393   -14.419 -0.373  1.00 54.53 ? 39  ALA B C   1 
ATOM   901  O O   . ALA B 1 39 ? 4.568   -13.315 -0.890  1.00 60.61 ? 39  ALA B O   1 
ATOM   902  C CB  . ALA B 1 39 ? 2.336   -13.473 0.724   1.00 48.50 ? 39  ALA B CB  1 
ATOM   903  N N   . GLN B 1 40 ? 5.184   -15.463 -0.608  0.95 54.66 ? 40  GLN B N   1 
ATOM   904  C CA  . GLN B 1 40 ? 6.301   -15.391 -1.539  0.95 57.23 ? 40  GLN B CA  1 
ATOM   905  C C   . GLN B 1 40 ? 5.877   -15.791 -2.949  0.95 56.10 ? 40  GLN B C   1 
ATOM   906  O O   . GLN B 1 40 ? 5.906   -14.976 -3.876  0.95 56.89 ? 40  GLN B O   1 
ATOM   907  C CB  . GLN B 1 40 ? 7.430   -16.292 -1.050  0.95 62.08 ? 40  GLN B CB  1 
ATOM   908  C CG  . GLN B 1 40 ? 7.873   -16.011 0.390   0.95 66.47 ? 40  GLN B CG  1 
ATOM   909  C CD  . GLN B 1 40 ? 8.869   -14.868 0.496   0.95 73.86 ? 40  GLN B CD  1 
ATOM   910  O OE1 . GLN B 1 40 ? 8.626   -13.768 -0.010  0.95 77.91 ? 40  GLN B OE1 1 
ATOM   911  N NE2 . GLN B 1 40 ? 9.996   -15.121 1.155   0.95 74.65 ? 40  GLN B NE2 1 
ATOM   912  N N   . SER B 1 41 ? 5.441   -17.042 -3.104  1.00 52.14 ? 41  SER B N   1 
ATOM   913  C CA  . SER B 1 41 ? 5.080   -17.573 -4.406  1.00 52.27 ? 41  SER B CA  1 
ATOM   914  C C   . SER B 1 41 ? 3.776   -16.955 -4.896  1.00 49.57 ? 41  SER B C   1 
ATOM   915  O O   . SER B 1 41 ? 2.985   -16.457 -4.100  1.00 51.41 ? 41  SER B O   1 
ATOM   916  C CB  . SER B 1 41 ? 4.941   -19.082 -4.331  1.00 57.27 ? 41  SER B CB  1 
ATOM   917  O OG  . SER B 1 41 ? 3.738   -19.446 -3.699  1.00 55.60 ? 41  SER B OG  1 
ATOM   918  N N   . PRO B 1 42 ? 3.548   -16.943 -6.209  1.00 49.75 ? 42  PRO B N   1 
ATOM   919  C CA  . PRO B 1 42 ? 2.276   -16.409 -6.723  1.00 52.31 ? 42  PRO B CA  1 
ATOM   920  C C   . PRO B 1 42 ? 1.044   -17.083 -6.136  1.00 48.19 ? 42  PRO B C   1 
ATOM   921  O O   . PRO B 1 42 ? 0.040   -16.411 -5.865  1.00 48.56 ? 42  PRO B O   1 
ATOM   922  C CB  . PRO B 1 42 ? 2.392   -16.672 -8.231  1.00 48.75 ? 42  PRO B CB  1 
ATOM   923  C CG  . PRO B 1 42 ? 3.877   -16.680 -8.479  1.00 51.15 ? 42  PRO B CG  1 
ATOM   924  C CD  . PRO B 1 42 ? 4.454   -17.358 -7.288  1.00 50.40 ? 42  PRO B CD  1 
ATOM   925  N N   . ASP B 1 43 ? 1.097   -18.395 -5.900  1.00 43.82 ? 43  ASP B N   1 
ATOM   926  C CA  . ASP B 1 43 ? -0.071  -19.080 -5.355  1.00 45.47 ? 43  ASP B CA  1 
ATOM   927  C C   . ASP B 1 43 ? -0.262  -18.759 -3.875  1.00 40.36 ? 43  ASP B C   1 
ATOM   928  O O   . ASP B 1 43 ? -1.391  -18.515 -3.429  1.00 36.47 ? 43  ASP B O   1 
ATOM   929  C CB  . ASP B 1 43 ? 0.062   -20.582 -5.592  1.00 44.19 ? 43  ASP B CB  1 
ATOM   930  C CG  . ASP B 1 43 ? -1.217  -21.343 -5.292  1.00 46.94 ? 43  ASP B CG  1 
ATOM   931  O OD1 . ASP B 1 43 ? -2.295  -20.715 -5.188  1.00 46.30 ? 43  ASP B OD1 1 
ATOM   932  O OD2 . ASP B 1 43 ? -1.143  -22.585 -5.193  1.00 49.72 ? 43  ASP B OD2 1 
ATOM   933  N N   . ASP B 1 44 ? 0.833   -18.724 -3.109  1.00 38.50 ? 44  ASP B N   1 
ATOM   934  C CA  . ASP B 1 44 ? 0.771   -18.239 -1.731  1.00 44.85 ? 44  ASP B CA  1 
ATOM   935  C C   . ASP B 1 44 ? 0.225   -16.820 -1.676  1.00 43.88 ? 44  ASP B C   1 
ATOM   936  O O   . ASP B 1 44 ? -0.557  -16.478 -0.781  1.00 35.17 ? 44  ASP B O   1 
ATOM   937  C CB  . ASP B 1 44 ? 2.158   -18.286 -1.093  1.00 52.25 ? 44  ASP B CB  1 
ATOM   938  C CG  . ASP B 1 44 ? 2.652   -19.694 -0.866  1.00 55.41 ? 44  ASP B CG  1 
ATOM   939  O OD1 . ASP B 1 44 ? 1.814   -20.620 -0.793  1.00 59.16 ? 44  ASP B OD1 1 
ATOM   940  O OD2 . ASP B 1 44 ? 3.884   -19.872 -0.757  1.00 58.46 ? 44  ASP B OD2 1 
ATOM   941  N N   . ARG B 1 45 ? 0.639   -15.982 -2.627  1.00 45.85 ? 45  ARG B N   1 
ATOM   942  C CA  . ARG B 1 45 ? 0.209   -14.591 -2.650  1.00 43.66 ? 45  ARG B CA  1 
ATOM   943  C C   . ARG B 1 45 ? -1.282  -14.485 -2.941  1.00 37.40 ? 45  ARG B C   1 
ATOM   944  O O   . ARG B 1 45 ? -1.996  -13.742 -2.262  1.00 33.35 ? 45  ARG B O   1 
ATOM   945  C CB  . ARG B 1 45 ? 1.035   -13.831 -3.692  1.00 47.06 ? 45  ARG B CB  1 
ATOM   946  C CG  . ARG B 1 45 ? 2.458   -13.547 -3.222  1.00 53.11 ? 45  ARG B CG  1 
ATOM   947  C CD  . ARG B 1 45 ? 3.329   -12.840 -4.264  1.00 59.76 ? 45  ARG B CD  1 
ATOM   948  N NE  . ARG B 1 45 ? 2.895   -11.495 -4.625  1.00 62.58 ? 45  ARG B NE  1 
ATOM   949  C CZ  . ARG B 1 45 ? 3.719   -10.550 -5.068  1.00 65.09 ? 45  ARG B CZ  1 
ATOM   950  N NH1 . ARG B 1 45 ? 5.017   -10.805 -5.191  1.00 56.76 ? 45  ARG B NH1 1 
ATOM   951  N NH2 . ARG B 1 45 ? 3.252   -9.348  -5.383  1.00 59.91 ? 45  ARG B NH2 1 
ATOM   952  N N   . LYS B 1 46 ? -1.779  -15.276 -3.897  1.00 35.88 ? 46  LYS B N   1 
ATOM   953  C CA  . LYS B 1 46 ? -3.199  -15.235 -4.234  1.00 33.58 ? 46  LYS B CA  1 
ATOM   954  C C   . LYS B 1 46 ? -4.057  -15.774 -3.093  1.00 32.26 ? 46  LYS B C   1 
ATOM   955  O O   . LYS B 1 46 ? -5.094  -15.184 -2.746  1.00 33.59 ? 46  LYS B O   1 
ATOM   956  C CB  . LYS B 1 46 ? -3.443  -16.046 -5.508  1.00 40.45 ? 46  LYS B CB  1 
ATOM   957  C CG  . LYS B 1 46 ? -2.873  -15.421 -6.774  1.00 48.35 ? 46  LYS B CG  1 
ATOM   958  C CD  . LYS B 1 46 ? -3.476  -16.044 -8.026  1.00 58.49 ? 46  LYS B CD  1 
ATOM   959  C CE  . LYS B 1 46 ? -2.835  -15.491 -9.297  1.00 57.17 ? 46  LYS B CE  1 
ATOM   960  N NZ  . LYS B 1 46 ? -2.379  -14.078 -9.161  1.00 55.61 ? 46  LYS B NZ  1 
ATOM   961  N N   . THR B 1 47 ? -3.635  -16.887 -2.487  1.00 33.76 ? 47  THR B N   1 
ATOM   962  C CA  . THR B 1 47 ? -4.385  -17.456 -1.371  1.00 34.61 ? 47  THR B CA  1 
ATOM   963  C C   . THR B 1 47 ? -4.422  -16.496 -0.188  1.00 31.73 ? 47  THR B C   1 
ATOM   964  O O   . THR B 1 47 ? -5.498  -16.209 0.363   1.00 29.54 ? 47  THR B O   1 
ATOM   965  C CB  . THR B 1 47 ? -3.773  -18.798 -0.963  1.00 35.79 ? 47  THR B CB  1 
ATOM   966  O OG1 . THR B 1 47 ? -3.690  -19.654 -2.110  1.00 34.72 ? 47  THR B OG1 1 
ATOM   967  C CG2 . THR B 1 47 ? -4.626  -19.468 0.099   1.00 32.51 ? 47  THR B CG2 1 
ATOM   968  N N   . ALA B 1 48 ? -3.252  -15.979 0.207   1.00 32.82 ? 48  ALA B N   1 
ATOM   969  C CA  . ALA B 1 48 ? -3.200  -15.012 1.295   1.00 31.38 ? 48  ALA B CA  1 
ATOM   970  C C   . ALA B 1 48 ? -4.029  -13.782 0.969   1.00 29.58 ? 48  ALA B C   1 
ATOM   971  O O   . ALA B 1 48 ? -4.664  -13.211 1.855   1.00 31.56 ? 48  ALA B O   1 
ATOM   972  C CB  . ALA B 1 48 ? -1.752  -14.620 1.589   1.00 34.44 ? 48  ALA B CB  1 
ATOM   973  N N   . CYS B 1 49 ? -4.036  -13.359 -0.298  1.00 29.53 ? 49  CYS B N   1 
ATOM   974  C CA  . CYS B 1 49 ? -4.812  -12.190 -0.686  1.00 29.61 ? 49  CYS B CA  1 
ATOM   975  C C   . CYS B 1 49 ? -6.300  -12.425 -0.464  1.00 30.92 ? 49  CYS B C   1 
ATOM   976  O O   . CYS B 1 49 ? -7.002  -11.556 0.066   1.00 28.33 ? 49  CYS B O   1 
ATOM   977  C CB  . CYS B 1 49 ? -4.529  -11.847 -2.150  1.00 33.59 ? 49  CYS B CB  1 
ATOM   978  S SG  . CYS B 1 49 ? -5.524  -10.501 -2.854  1.00 45.97 ? 49  CYS B SG  1 
ATOM   979  N N   . ASN B 1 50 ? -6.803  -13.597 -0.862  1.00 31.27 ? 50  ASN B N   1 
ATOM   980  C CA  . ASN B 1 50 ? -8.225  -13.874 -0.658  1.00 28.03 ? 50  ASN B CA  1 
ATOM   981  C C   . ASN B 1 50 ? -8.566  -13.968 0.828   1.00 31.78 ? 50  ASN B C   1 
ATOM   982  O O   . ASN B 1 50 ? -9.624  -13.481 1.268   1.00 33.31 ? 50  ASN B O   1 
ATOM   983  C CB  . ASN B 1 50 ? -8.619  -15.150 -1.396  1.00 29.94 ? 50  ASN B CB  1 
ATOM   984  C CG  . ASN B 1 50 ? -8.726  -14.938 -2.894  1.00 32.83 ? 50  ASN B CG  1 
ATOM   985  O OD1 . ASN B 1 50 ? -9.564  -14.166 -3.366  1.00 33.81 ? 50  ASN B OD1 1 
ATOM   986  N ND2 . ASN B 1 50 ? -7.865  -15.611 -3.650  1.00 31.52 ? 50  ASN B ND2 1 
ATOM   987  N N   . CYS B 1 51 ? -7.666  -14.561 1.621   1.00 30.44 ? 51  CYS B N   1 
ATOM   988  C CA  . CYS B 1 51 ? -7.889  -14.614 3.063   1.00 29.72 ? 51  CYS B CA  1 
ATOM   989  C C   . CYS B 1 51 ? -7.903  -13.213 3.671   1.00 32.57 ? 51  CYS B C   1 
ATOM   990  O O   . CYS B 1 51 ? -8.767  -12.894 4.498   1.00 30.81 ? 51  CYS B O   1 
ATOM   991  C CB  . CYS B 1 51 ? -6.824  -15.483 3.732   1.00 29.26 ? 51  CYS B CB  1 
ATOM   992  S SG  . CYS B 1 51 ? -6.936  -17.234 3.324   1.00 35.80 ? 51  CYS B SG  1 
ATOM   993  N N   . ILE B 1 52 ? -6.945  -12.368 3.276   1.00 36.11 ? 52  ILE B N   1 
ATOM   994  C CA  . ILE B 1 52 ? -6.871  -10.993 3.766   1.00 32.15 ? 52  ILE B CA  1 
ATOM   995  C C   . ILE B 1 52 ? -8.105  -10.205 3.358   1.00 33.28 ? 52  ILE B C   1 
ATOM   996  O O   . ILE B 1 52 ? -8.572  -9.336  4.094   1.00 31.18 ? 52  ILE B O   1 
ATOM   997  C CB  . ILE B 1 52 ? -5.582  -10.321 3.259   1.00 33.71 ? 52  ILE B CB  1 
ATOM   998  C CG1 . ILE B 1 52 ? -4.358  -10.949 3.916   1.00 37.96 ? 52  ILE B CG1 1 
ATOM   999  C CG2 . ILE B 1 52 ? -5.600  -8.817  3.513   1.00 32.86 ? 52  ILE B CG2 1 
ATOM   1000 C CD1 . ILE B 1 52 ? -3.075  -10.441 3.341   1.00 37.73 ? 52  ILE B CD1 1 
ATOM   1001 N N   . LYS B 1 53 ? -8.638  -10.475 2.168   1.00 35.12 ? 53  LYS B N   1 
ATOM   1002 C CA  . LYS B 1 53 ? -9.839  -9.778  1.721   1.00 37.99 ? 53  LYS B CA  1 
ATOM   1003 C C   . LYS B 1 53 ? -11.030 -10.131 2.608   1.00 37.20 ? 53  LYS B C   1 
ATOM   1004 O O   . LYS B 1 53 ? -11.767 -9.247  3.072   1.00 33.55 ? 53  LYS B O   1 
ATOM   1005 C CB  . LYS B 1 53 ? -10.104 -10.131 0.256   1.00 33.40 ? 53  LYS B CB  1 
ATOM   1006 C CG  . LYS B 1 53 ? -11.277 -9.433  -0.394  1.00 39.66 ? 53  LYS B CG  1 
ATOM   1007 C CD  . LYS B 1 53 ? -11.311 -9.781  -1.874  1.00 46.02 ? 53  LYS B CD  1 
ATOM   1008 C CE  . LYS B 1 53 ? -12.576 -9.293  -2.545  1.00 47.20 ? 53  LYS B CE  1 
ATOM   1009 N NZ  . LYS B 1 53 ? -12.611 -9.734  -3.964  1.00 46.24 ? 53  LYS B NZ  1 
ATOM   1010 N N   . ALA B 1 54 ? -11.221 -11.429 2.872   1.00 34.70 ? 54  ALA B N   1 
ATOM   1011 C CA  . ALA B 1 54 ? -12.276 -11.840 3.797   1.00 32.48 ? 54  ALA B CA  1 
ATOM   1012 C C   . ALA B 1 54 ? -12.073 -11.223 5.178   1.00 34.28 ? 54  ALA B C   1 
ATOM   1013 O O   . ALA B 1 54 ? -13.031 -10.750 5.806   1.00 34.51 ? 54  ALA B O   1 
ATOM   1014 C CB  . ALA B 1 54 ? -12.331 -13.365 3.890   1.00 30.68 ? 54  ALA B CB  1 
ATOM   1015 N N   . ALA B 1 55 ? -10.827 -11.199 5.658   1.00 38.25 ? 55  ALA B N   1 
ATOM   1016 C CA  . ALA B 1 55 ? -10.548 -10.621 6.971   1.00 38.99 ? 55  ALA B CA  1 
ATOM   1017 C C   . ALA B 1 55 ? -10.839 -9.123  7.000   1.00 37.87 ? 55  ALA B C   1 
ATOM   1018 O O   . ALA B 1 55 ? -11.402 -8.614  7.972   1.00 46.32 ? 55  ALA B O   1 
ATOM   1019 C CB  . ALA B 1 55 ? -9.096  -10.892 7.363   1.00 39.43 ? 55  ALA B CB  1 
ATOM   1020 N N   . ALA B 1 56 ? -10.441 -8.398  5.954   1.00 38.63 ? 56  ALA B N   1 
ATOM   1021 C CA  . ALA B 1 56 ? -10.723 -6.969  5.883   1.00 41.03 ? 56  ALA B CA  1 
ATOM   1022 C C   . ALA B 1 56 ? -12.221 -6.716  5.940   1.00 45.54 ? 56  ALA B C   1 
ATOM   1023 O O   . ALA B 1 56 ? -12.691 -5.871  6.709   1.00 48.12 ? 56  ALA B O   1 
ATOM   1024 C CB  . ALA B 1 56 ? -10.118 -6.370  4.613   1.00 34.26 ? 56  ALA B CB  1 
ATOM   1025 N N   . ASN B 1 57 ? -12.988 -7.444  5.127   1.00 39.24 ? 57  ASN B N   1 
ATOM   1026 C CA  . ASN B 1 57 ? -14.435 -7.285  5.177   1.00 41.42 ? 57  ASN B CA  1 
ATOM   1027 C C   . ASN B 1 57 ? -15.005 -7.713  6.525   1.00 43.42 ? 57  ASN B C   1 
ATOM   1028 O O   . ASN B 1 57 ? -16.123 -7.319  6.869   1.00 43.43 ? 57  ASN B O   1 
ATOM   1029 C CB  . ASN B 1 57 ? -15.073 -8.095  4.045   1.00 47.27 ? 57  ASN B CB  1 
ATOM   1030 C CG  . ASN B 1 57 ? -14.855 -7.462  2.681   1.00 43.61 ? 57  ASN B CG  1 
ATOM   1031 O OD1 . ASN B 1 57 ? -15.411 -6.410  2.378   1.00 45.78 ? 57  ASN B OD1 1 
ATOM   1032 N ND2 . ASN B 1 57 ? -14.030 -8.098  1.857   1.00 42.79 ? 57  ASN B ND2 1 
ATOM   1033 N N   . ARG B 1 58 ? -14.250 -8.505  7.297   1.00 42.84 ? 58  ARG B N   1 
ATOM   1034 C CA  . ARG B 1 58 ? -14.706 -8.945  8.614   1.00 44.08 ? 58  ARG B CA  1 
ATOM   1035 C C   . ARG B 1 58 ? -14.732 -7.830  9.650   1.00 53.49 ? 58  ARG B C   1 
ATOM   1036 O O   . ARG B 1 58 ? -15.595 -7.836  10.534  1.00 55.07 ? 58  ARG B O   1 
ATOM   1037 C CB  . ARG B 1 58 ? -13.803 -10.054 9.137   1.00 42.45 ? 58  ARG B CB  1 
ATOM   1038 C CG  . ARG B 1 58 ? -14.420 -10.920 10.190  1.00 40.07 ? 58  ARG B CG  1 
ATOM   1039 C CD  . ARG B 1 58 ? -13.386 -11.901 10.656  1.00 34.47 ? 58  ARG B CD  1 
ATOM   1040 N NE  . ARG B 1 58 ? -13.204 -12.954 9.674   1.00 35.29 ? 58  ARG B NE  1 
ATOM   1041 C CZ  . ARG B 1 58 ? -12.023 -13.359 9.234   1.00 38.23 ? 58  ARG B CZ  1 
ATOM   1042 N NH1 . ARG B 1 58 ? -10.915 -12.878 9.778   1.00 35.83 ? 58  ARG B NH1 1 
ATOM   1043 N NH2 . ARG B 1 58 ? -11.952 -14.316 8.323   1.00 40.75 ? 58  ARG B NH2 1 
ATOM   1044 N N   . TYR B 1 59 ? -13.828 -6.852  9.549   1.00 58.82 ? 59  TYR B N   1 
ATOM   1045 C CA  . TYR B 1 59 ? -13.698 -5.909  10.656  1.00 49.81 ? 59  TYR B CA  1 
ATOM   1046 C C   . TYR B 1 59 ? -14.521 -4.667  10.404  1.00 55.02 ? 59  TYR B C   1 
ATOM   1047 O O   . TYR B 1 59 ? -14.468 -4.097  9.304   1.00 57.37 ? 59  TYR B O   1 
ATOM   1048 C CB  . TYR B 1 59 ? -12.241 -5.525  10.905  1.00 48.13 ? 59  TYR B CB  1 
ATOM   1049 C CG  . TYR B 1 59 ? -11.248 -6.671  10.887  1.00 49.71 ? 59  TYR B CG  1 
ATOM   1050 C CD1 . TYR B 1 59 ? -11.411 -7.774  11.718  1.00 51.95 ? 59  TYR B CD1 1 
ATOM   1051 C CD2 . TYR B 1 59 ? -10.111 -6.616  10.090  1.00 52.60 ? 59  TYR B CD2 1 
ATOM   1052 C CE1 . TYR B 1 59 ? -10.493 -8.815  11.718  1.00 54.16 ? 59  TYR B CE1 1 
ATOM   1053 C CE2 . TYR B 1 59 ? -9.184  -7.648  10.087  1.00 54.59 ? 59  TYR B CE2 1 
ATOM   1054 C CZ  . TYR B 1 59 ? -9.379  -8.745  10.902  1.00 57.16 ? 59  TYR B CZ  1 
ATOM   1055 O OH  . TYR B 1 59 ? -8.454  -9.767  10.896  1.00 57.96 ? 59  TYR B OH  1 
ATOM   1056 N N   . PRO B 1 60 ? -15.298 -4.253  11.400  1.00 63.06 ? 60  PRO B N   1 
ATOM   1057 C CA  . PRO B 1 60 ? -16.240 -3.150  11.198  1.00 65.29 ? 60  PRO B CA  1 
ATOM   1058 C C   . PRO B 1 60 ? -15.538 -1.806  11.111  1.00 57.46 ? 60  PRO B C   1 
ATOM   1059 O O   . PRO B 1 60 ? -14.480 -1.592  11.706  1.00 51.47 ? 60  PRO B O   1 
ATOM   1060 C CB  . PRO B 1 60 ? -17.126 -3.226  12.445  1.00 66.30 ? 60  PRO B CB  1 
ATOM   1061 C CG  . PRO B 1 60 ? -16.192 -3.742  13.506  1.00 59.74 ? 60  PRO B CG  1 
ATOM   1062 C CD  . PRO B 1 60 ? -15.271 -4.713  12.799  1.00 59.45 ? 60  PRO B CD  1 
ATOM   1063 N N   . ASN B 1 61 ? -16.166 -0.896  10.357  0.84 63.65 ? 61  ASN B N   1 
ATOM   1064 C CA  . ASN B 1 61 ? -15.698 0.472   10.132  0.84 56.94 ? 61  ASN B CA  1 
ATOM   1065 C C   . ASN B 1 61 ? -14.193 0.536   9.900   0.84 51.27 ? 61  ASN B C   1 
ATOM   1066 O O   . ASN B 1 61 ? -13.516 1.429   10.421  0.84 47.10 ? 61  ASN B O   1 
ATOM   1067 C CB  . ASN B 1 61 ? -16.131 1.427   11.260  0.84 60.67 ? 61  ASN B CB  1 
ATOM   1068 C CG  . ASN B 1 61 ? -15.969 0.844   12.645  0.84 59.06 ? 61  ASN B CG  1 
ATOM   1069 O OD1 . ASN B 1 61 ? -14.854 0.649   13.128  0.84 57.10 ? 61  ASN B OD1 1 
ATOM   1070 N ND2 . ASN B 1 61 ? -17.092 0.583   13.307  0.84 60.38 ? 61  ASN B ND2 1 
ATOM   1071 N N   . LEU B 1 62 ? -13.658 -0.427  9.150   1.00 53.62 ? 62  LEU B N   1 
ATOM   1072 C CA  . LEU B 1 62 ? -12.231 -0.435  8.865   1.00 46.74 ? 62  LEU B CA  1 
ATOM   1073 C C   . LEU B 1 62 ? -11.853 0.857   8.155   1.00 43.07 ? 62  LEU B C   1 
ATOM   1074 O O   . LEU B 1 62 ? -12.527 1.293   7.219   1.00 38.48 ? 62  LEU B O   1 
ATOM   1075 C CB  . LEU B 1 62 ? -11.876 -1.638  7.987   1.00 41.46 ? 62  LEU B CB  1 
ATOM   1076 C CG  . LEU B 1 62 ? -10.459 -1.723  7.416   1.00 41.81 ? 62  LEU B CG  1 
ATOM   1077 C CD1 . LEU B 1 62 ? -9.567  -2.604  8.267   1.00 43.61 ? 62  LEU B CD1 1 
ATOM   1078 C CD2 . LEU B 1 62 ? -10.491 -2.218  5.977   1.00 37.44 ? 62  LEU B CD2 1 
ATOM   1079 N N   . LYS B 1 63 ? -10.765 1.472   8.606   1.00 46.80 ? 63  LYS B N   1 
ATOM   1080 C CA  . LYS B 1 63 ? -10.309 2.741   8.057   1.00 47.78 ? 63  LYS B CA  1 
ATOM   1081 C C   . LYS B 1 63 ? -9.275  2.477   6.973   1.00 42.38 ? 63  LYS B C   1 
ATOM   1082 O O   . LYS B 1 63 ? -8.208  1.917   7.245   1.00 42.84 ? 63  LYS B O   1 
ATOM   1083 C CB  . LYS B 1 63 ? -9.745  3.640   9.160   1.00 46.07 ? 63  LYS B CB  1 
ATOM   1084 C CG  . LYS B 1 63 ? -10.828 4.413   9.915   1.00 50.89 ? 63  LYS B CG  1 
ATOM   1085 C CD  . LYS B 1 63 ? -10.707 4.257   11.429  1.00 51.82 ? 63  LYS B CD  1 
ATOM   1086 C CE  . LYS B 1 63 ? -11.905 4.879   12.152  1.00 54.54 ? 63  LYS B CE  1 
ATOM   1087 N NZ  . LYS B 1 63 ? -13.215 4.439   11.573  1.00 53.67 ? 63  LYS B NZ  1 
ATOM   1088 N N   . ASP B 1 64 ? -9.595  2.897   5.748   1.00 48.46 ? 64  ASP B N   1 
ATOM   1089 C CA  . ASP B 1 64 ? -8.738  2.607   4.607   1.00 47.68 ? 64  ASP B CA  1 
ATOM   1090 C C   . ASP B 1 64 ? -7.437  3.396   4.648   1.00 44.13 ? 64  ASP B C   1 
ATOM   1091 O O   . ASP B 1 64 ? -6.445  2.954   4.062   1.00 41.49 ? 64  ASP B O   1 
ATOM   1092 C CB  . ASP B 1 64 ? -9.489  2.877   3.302   1.00 53.32 ? 64  ASP B CB  1 
ATOM   1093 C CG  . ASP B 1 64 ? -8.679  2.495   2.068   1.00 60.08 ? 64  ASP B CG  1 
ATOM   1094 O OD1 . ASP B 1 64 ? -8.179  1.349   2.003   1.00 56.32 ? 64  ASP B OD1 1 
ATOM   1095 O OD2 . ASP B 1 64 ? -8.538  3.344   1.161   1.00 57.21 ? 64  ASP B OD2 1 
ATOM   1096 N N   . ASP B 1 65 ? -7.414  4.547   5.324   1.00 40.12 ? 65  ASP B N   1 
ATOM   1097 C CA  . ASP B 1 65 ? -6.155  5.264   5.483   1.00 42.05 ? 65  ASP B CA  1 
ATOM   1098 C C   . ASP B 1 65 ? -5.162  4.437   6.294   1.00 38.99 ? 65  ASP B C   1 
ATOM   1099 O O   . ASP B 1 65 ? -3.971  4.379   5.965   1.00 38.27 ? 65  ASP B O   1 
ATOM   1100 C CB  . ASP B 1 65 ? -6.399  6.620   6.147   1.00 47.23 ? 65  ASP B CB  1 
ATOM   1101 C CG  . ASP B 1 65 ? -7.100  7.608   5.224   1.00 46.34 ? 65  ASP B CG  1 
ATOM   1102 O OD1 . ASP B 1 65 ? -7.124  7.374   3.994   1.00 42.01 ? 65  ASP B OD1 1 
ATOM   1103 O OD2 . ASP B 1 65 ? -7.619  8.626   5.730   1.00 44.18 ? 65  ASP B OD2 1 
ATOM   1104 N N   . ALA B 1 66 ? -5.641  3.764   7.342   1.00 40.21 ? 66  ALA B N   1 
ATOM   1105 C CA  . ALA B 1 66 ? -4.758  2.898   8.114   1.00 38.28 ? 66  ALA B CA  1 
ATOM   1106 C C   . ALA B 1 66 ? -4.272  1.719   7.279   1.00 33.15 ? 66  ALA B C   1 
ATOM   1107 O O   . ALA B 1 66 ? -3.086  1.370   7.321   1.00 34.07 ? 66  ALA B O   1 
ATOM   1108 C CB  . ALA B 1 66 ? -5.471  2.406   9.375   1.00 31.05 ? 66  ALA B CB  1 
ATOM   1109 N N   . ALA B 1 67 ? -5.166  1.104   6.503   1.00 32.93 ? 67  ALA B N   1 
ATOM   1110 C CA  . ALA B 1 67 ? -4.753  -0.003  5.645   1.00 36.45 ? 67  ALA B CA  1 
ATOM   1111 C C   . ALA B 1 67 ? -3.704  0.438   4.633   1.00 33.23 ? 67  ALA B C   1 
ATOM   1112 O O   . ALA B 1 67 ? -2.709  -0.262  4.412   1.00 32.92 ? 67  ALA B O   1 
ATOM   1113 C CB  . ALA B 1 67 ? -5.970  -0.600  4.934   1.00 39.42 ? 67  ALA B CB  1 
ATOM   1114 N N   . GLN B 1 68 ? -3.898  1.609   4.025   1.00 41.79 ? 68  GLN B N   1 
ATOM   1115 C CA  . GLN B 1 68 ? -2.971  2.090   3.007   1.00 39.08 ? 68  GLN B CA  1 
ATOM   1116 C C   . GLN B 1 68 ? -1.632  2.503   3.604   1.00 32.48 ? 68  GLN B C   1 
ATOM   1117 O O   . GLN B 1 68 ? -0.595  2.371   2.942   1.00 35.34 ? 68  GLN B O   1 
ATOM   1118 C CB  . GLN B 1 68 ? -3.608  3.251   2.245   1.00 35.07 ? 68  GLN B CB  1 
ATOM   1119 C CG  . GLN B 1 68 ? -4.809  2.814   1.437   1.00 39.81 ? 68  GLN B CG  1 
ATOM   1120 C CD  . GLN B 1 68 ? -5.660  3.972   0.973   1.00 47.48 ? 68  GLN B CD  1 
ATOM   1121 O OE1 . GLN B 1 68 ? -6.102  4.799   1.773   1.00 47.61 ? 68  GLN B OE1 1 
ATOM   1122 N NE2 . GLN B 1 68 ? -5.930  4.016   -0.325  1.00 54.80 ? 68  GLN B NE2 1 
ATOM   1123 N N   . SER B 1 69 ? -1.622  3.009   4.835   1.00 30.50 ? 69  SER B N   1 
ATOM   1124 C CA  . SER B 1 69 ? -0.381  3.479   5.436   1.00 31.37 ? 69  SER B CA  1 
ATOM   1125 C C   . SER B 1 69 ? 0.310   2.428   6.296   1.00 28.89 ? 69  SER B C   1 
ATOM   1126 O O   . SER B 1 69 ? 1.422   2.677   6.772   1.00 29.82 ? 69  SER B O   1 
ATOM   1127 C CB  . SER B 1 69 ? -0.654  4.737   6.268   1.00 31.26 ? 69  SER B CB  1 
ATOM   1128 O OG  . SER B 1 69 ? -1.525  4.452   7.346   1.00 34.64 ? 69  SER B OG  1 
ATOM   1129 N N   . LEU B 1 70 ? -0.306  1.261   6.494   1.00 27.88 ? 70  LEU B N   1 
ATOM   1130 C CA  . LEU B 1 70 ? 0.338   0.213   7.284   1.00 27.28 ? 70  LEU B CA  1 
ATOM   1131 C C   . LEU B 1 70 ? 1.698   -0.220  6.740   1.00 30.22 ? 70  LEU B C   1 
ATOM   1132 O O   . LEU B 1 70 ? 2.621   -0.407  7.555   1.00 30.66 ? 70  LEU B O   1 
ATOM   1133 C CB  . LEU B 1 70 ? -0.603  -0.991  7.418   1.00 25.48 ? 70  LEU B CB  1 
ATOM   1134 C CG  . LEU B 1 70 ? -0.080  -2.142  8.279   1.00 27.36 ? 70  LEU B CG  1 
ATOM   1135 C CD1 . LEU B 1 70 ? -1.171  -2.656  9.194   1.00 31.71 ? 70  LEU B CD1 1 
ATOM   1136 C CD2 . LEU B 1 70 ? 0.459   -3.272  7.418   1.00 34.70 ? 70  LEU B CD2 1 
ATOM   1137 N N   . PRO B 1 71 ? 1.894   -0.420  5.428   1.00 29.46 ? 71  PRO B N   1 
ATOM   1138 C CA  . PRO B 1 71 ? 3.222   -0.860  4.967   1.00 34.65 ? 71  PRO B CA  1 
ATOM   1139 C C   . PRO B 1 71 ? 4.321   0.147   5.253   1.00 35.33 ? 71  PRO B C   1 
ATOM   1140 O O   . PRO B 1 71 ? 5.435   -0.253  5.617   1.00 32.62 ? 71  PRO B O   1 
ATOM   1141 C CB  . PRO B 1 71 ? 3.022   -1.066  3.457   1.00 32.20 ? 71  PRO B CB  1 
ATOM   1142 C CG  . PRO B 1 71 ? 1.569   -1.270  3.286   1.00 35.13 ? 71  PRO B CG  1 
ATOM   1143 C CD  . PRO B 1 71 ? 0.923   -0.396  4.319   1.00 34.86 ? 71  PRO B CD  1 
ATOM   1144 N N   . SER B 1 72 ? 4.049   1.442   5.082   1.00 29.79 ? 72  SER B N   1 
ATOM   1145 C CA  . SER B 1 72 ? 5.070   2.442   5.379   1.00 32.93 ? 72  SER B CA  1 
ATOM   1146 C C   . SER B 1 72 ? 5.269   2.613   6.883   1.00 31.00 ? 72  SER B C   1 
ATOM   1147 O O   . SER B 1 72 ? 6.392   2.856   7.340   1.00 28.24 ? 72  SER B O   1 
ATOM   1148 C CB  . SER B 1 72 ? 4.733   3.774   4.703   1.00 33.08 ? 72  SER B CB  1 
ATOM   1149 O OG  . SER B 1 72 ? 3.508   4.317   5.157   1.00 30.29 ? 72  SER B OG  1 
ATOM   1150 N N   . LYS B 1 73 ? 4.195   2.509   7.670   1.00 29.26 ? 73  LYS B N   1 
ATOM   1151 C CA  . LYS B 1 73 ? 4.336   2.622   9.119   1.00 30.26 ? 73  LYS B CA  1 
ATOM   1152 C C   . LYS B 1 73 ? 5.088   1.430   9.707   1.00 30.55 ? 73  LYS B C   1 
ATOM   1153 O O   . LYS B 1 73 ? 5.688   1.554   10.781  1.00 27.67 ? 73  LYS B O   1 
ATOM   1154 C CB  . LYS B 1 73 ? 2.961   2.778   9.763   1.00 28.06 ? 73  LYS B CB  1 
ATOM   1155 C CG  . LYS B 1 73 ? 2.378   4.177   9.611   1.00 27.91 ? 73  LYS B CG  1 
ATOM   1156 C CD  . LYS B 1 73 ? 1.029   4.291   10.305  1.00 33.83 ? 73  LYS B CD  1 
ATOM   1157 C CE  . LYS B 1 73 ? 0.354   5.623   10.041  1.00 30.32 ? 73  LYS B CE  1 
ATOM   1158 N NZ  . LYS B 1 73 ? 0.928   6.698   10.867  1.00 38.84 ? 73  LYS B NZ  1 
ATOM   1159 N N   . CYS B 1 74 ? 5.060   0.270   9.040   1.00 29.82 ? 74  CYS B N   1 
ATOM   1160 C CA  . CYS B 1 74 ? 5.788   -0.897  9.532   1.00 31.71 ? 74  CYS B CA  1 
ATOM   1161 C C   . CYS B 1 74 ? 7.132   -1.112  8.853   1.00 34.27 ? 74  CYS B C   1 
ATOM   1162 O O   . CYS B 1 74 ? 7.905   -1.958  9.311   1.00 42.05 ? 74  CYS B O   1 
ATOM   1163 C CB  . CYS B 1 74 ? 4.951   -2.170  9.370   1.00 28.68 ? 74  CYS B CB  1 
ATOM   1164 S SG  . CYS B 1 74 ? 3.596   -2.316  10.538  1.00 33.37 ? 74  CYS B SG  1 
ATOM   1165 N N   . GLY B 1 75 ? 7.426   -0.394  7.775   1.00 36.38 ? 75  GLY B N   1 
ATOM   1166 C CA  . GLY B 1 75 ? 8.672   -0.608  7.070   1.00 37.25 ? 75  GLY B CA  1 
ATOM   1167 C C   . GLY B 1 75 ? 8.684   -1.796  6.138   1.00 48.22 ? 75  GLY B C   1 
ATOM   1168 O O   . GLY B 1 75 ? 9.764   -2.301  5.810   1.00 48.28 ? 75  GLY B O   1 
ATOM   1169 N N   . ILE B 1 76 ? 7.521   -2.259  5.689   1.00 42.46 ? 76  ILE B N   1 
ATOM   1170 C CA  . ILE B 1 76 ? 7.398   -3.489  4.916   1.00 41.74 ? 76  ILE B CA  1 
ATOM   1171 C C   . ILE B 1 76 ? 6.981   -3.148  3.492   1.00 42.28 ? 76  ILE B C   1 
ATOM   1172 O O   . ILE B 1 76 ? 6.171   -2.243  3.269   1.00 37.07 ? 76  ILE B O   1 
ATOM   1173 C CB  . ILE B 1 76 ? 6.380   -4.450  5.566   1.00 42.49 ? 76  ILE B CB  1 
ATOM   1174 C CG1 . ILE B 1 76 ? 6.686   -4.632  7.056   1.00 47.33 ? 76  ILE B CG1 1 
ATOM   1175 C CG2 . ILE B 1 76 ? 6.357   -5.794  4.851   1.00 47.71 ? 76  ILE B CG2 1 
ATOM   1176 C CD1 . ILE B 1 76 ? 5.752   -5.601  7.767   1.00 42.25 ? 76  ILE B CD1 1 
ATOM   1177 N N   . SER B 1 77 ? 7.527   -3.886  2.528   1.00 46.74 ? 77  SER B N   1 
ATOM   1178 C CA  . SER B 1 77 ? 7.030   -3.846  1.153   1.00 50.47 ? 77  SER B CA  1 
ATOM   1179 C C   . SER B 1 77 ? 6.008   -4.970  1.080   1.00 47.69 ? 77  SER B C   1 
ATOM   1180 O O   . SER B 1 77 ? 6.319   -6.105  0.720   1.00 53.85 ? 77  SER B O   1 
ATOM   1181 C CB  . SER B 1 77 ? 8.154   -4.019  0.140   1.00 46.85 ? 77  SER B CB  1 
ATOM   1182 O OG  . SER B 1 77 ? 7.651   -3.948  -1.185  1.00 46.83 ? 77  SER B OG  1 
ATOM   1183 N N   . LEU B 1 78 ? 4.770   -4.641  1.436   1.00 44.27 ? 78  LEU B N   1 
ATOM   1184 C CA  . LEU B 1 78 ? 3.728   -5.646  1.598   1.00 46.96 ? 78  LEU B CA  1 
ATOM   1185 C C   . LEU B 1 78 ? 3.305   -6.212  0.250   1.00 43.23 ? 78  LEU B C   1 
ATOM   1186 O O   . LEU B 1 78 ? 2.817   -5.475  -0.614  1.00 47.83 ? 78  LEU B O   1 
ATOM   1187 C CB  . LEU B 1 78 ? 2.535   -5.018  2.311   1.00 43.43 ? 78  LEU B CB  1 
ATOM   1188 C CG  . LEU B 1 78 ? 1.429   -5.943  2.799   1.00 37.93 ? 78  LEU B CG  1 
ATOM   1189 C CD1 . LEU B 1 78 ? 2.009   -7.009  3.706   1.00 39.31 ? 78  LEU B CD1 1 
ATOM   1190 C CD2 . LEU B 1 78 ? 0.362   -5.133  3.513   1.00 34.40 ? 78  LEU B CD2 1 
ATOM   1191 N N   . ASN B 1 79 ? 3.460   -7.528  0.080   1.00 44.47 ? 79  ASN B N   1 
ATOM   1192 C CA  . ASN B 1 79 ? 3.139   -8.147  -1.200  1.00 49.07 ? 79  ASN B CA  1 
ATOM   1193 C C   . ASN B 1 79 ? 1.653   -8.416  -1.361  1.00 43.93 ? 79  ASN B C   1 
ATOM   1194 O O   . ASN B 1 79 ? 1.193   -8.640  -2.485  1.00 40.59 ? 79  ASN B O   1 
ATOM   1195 C CB  . ASN B 1 79 ? 3.910   -9.460  -1.359  1.00 51.60 ? 79  ASN B CB  1 
ATOM   1196 C CG  . ASN B 1 79 ? 5.408   -9.260  -1.345  1.00 55.71 ? 79  ASN B CG  1 
ATOM   1197 O OD1 . ASN B 1 79 ? 6.122   -9.893  -0.564  1.00 59.69 ? 79  ASN B OD1 1 
ATOM   1198 N ND2 . ASN B 1 79 ? 5.897   -8.379  -2.212  1.00 56.73 ? 79  ASN B ND2 1 
ATOM   1199 N N   . VAL B 1 80 ? 0.891   -8.367  -0.277  1.00 44.16 ? 80  VAL B N   1 
ATOM   1200 C CA  . VAL B 1 80 ? -0.551  -8.551  -0.359  1.00 43.70 ? 80  VAL B CA  1 
ATOM   1201 C C   . VAL B 1 80 ? -1.188  -7.343  0.316   1.00 39.26 ? 80  VAL B C   1 
ATOM   1202 O O   . VAL B 1 80 ? -1.105  -7.201  1.544   1.00 35.41 ? 80  VAL B O   1 
ATOM   1203 C CB  . VAL B 1 80 ? -0.975  -9.880  0.286   1.00 37.56 ? 80  VAL B CB  1 
ATOM   1204 C CG1 . VAL B 1 80 ? -0.794  -11.016 -0.699  1.00 39.35 ? 80  VAL B CG1 1 
ATOM   1205 C CG2 . VAL B 1 80 ? -0.132  -10.149 1.525   1.00 39.98 ? 80  VAL B CG2 1 
ATOM   1206 N N   . PRO B 1 81 ? -1.870  -6.480  -0.428  1.00 38.94 ? 81  PRO B N   1 
ATOM   1207 C CA  . PRO B 1 81 ? -2.502  -5.316  0.197   1.00 40.24 ? 81  PRO B CA  1 
ATOM   1208 C C   . PRO B 1 81 ? -3.714  -5.711  1.024   1.00 42.67 ? 81  PRO B C   1 
ATOM   1209 O O   . PRO B 1 81 ? -4.401  -6.695  0.740   1.00 36.92 ? 81  PRO B O   1 
ATOM   1210 C CB  . PRO B 1 81 ? -2.895  -4.441  -0.999  1.00 42.13 ? 81  PRO B CB  1 
ATOM   1211 C CG  . PRO B 1 81 ? -3.055  -5.415  -2.116  1.00 48.23 ? 81  PRO B CG  1 
ATOM   1212 C CD  . PRO B 1 81 ? -1.978  -6.441  -1.895  1.00 39.86 ? 81  PRO B CD  1 
ATOM   1213 N N   . ILE B 1 82 ? -3.972  -4.921  2.061   1.00 33.42 ? 82  ILE B N   1 
ATOM   1214 C CA  . ILE B 1 82 ? -5.126  -5.132  2.920   1.00 32.28 ? 82  ILE B CA  1 
ATOM   1215 C C   . ILE B 1 82 ? -6.253  -4.283  2.345   1.00 34.78 ? 82  ILE B C   1 
ATOM   1216 O O   . ILE B 1 82 ? -6.343  -3.081  2.600   1.00 39.10 ? 82  ILE B O   1 
ATOM   1217 C CB  . ILE B 1 82 ? -4.825  -4.764  4.373   1.00 39.09 ? 82  ILE B CB  1 
ATOM   1218 C CG1 . ILE B 1 82 ? -3.636  -5.581  4.886   1.00 34.03 ? 82  ILE B CG1 1 
ATOM   1219 C CG2 . ILE B 1 82 ? -6.068  -4.940  5.243   1.00 24.88 ? 82  ILE B CG2 1 
ATOM   1220 C CD1 . ILE B 1 82 ? -2.900  -4.924  6.016   1.00 30.46 ? 82  ILE B CD1 1 
ATOM   1221 N N   . SER B 1 83 ? -7.128  -4.923  1.575   1.00 35.55 ? 83  SER B N   1 
ATOM   1222 C CA  . SER B 1 83 ? -8.248  -4.247  0.948   1.00 35.10 ? 83  SER B CA  1 
ATOM   1223 C C   . SER B 1 83 ? -9.484  -5.127  1.025   1.00 37.70 ? 83  SER B C   1 
ATOM   1224 O O   . SER B 1 83 ? -9.401  -6.353  0.917   1.00 34.06 ? 83  SER B O   1 
ATOM   1225 C CB  . SER B 1 83 ? -7.957  -3.910  -0.517  1.00 38.93 ? 83  SER B CB  1 
ATOM   1226 O OG  . SER B 1 83 ? -9.140  -3.499  -1.179  1.00 41.62 ? 83  SER B OG  1 
ATOM   1227 N N   . ARG B 1 84 ? -10.637 -4.478  1.183   1.00 38.08 ? 84  ARG B N   1 
ATOM   1228 C CA  . ARG B 1 84 ? -11.914 -5.173  1.118   1.00 39.07 ? 84  ARG B CA  1 
ATOM   1229 C C   . ARG B 1 84 ? -12.297 -5.543  -0.307  1.00 42.01 ? 84  ARG B C   1 
ATOM   1230 O O   . ARG B 1 84 ? -13.093 -6.468  -0.502  1.00 44.62 ? 84  ARG B O   1 
ATOM   1231 C CB  . ARG B 1 84 ? -13.020 -4.319  1.745   1.00 42.09 ? 84  ARG B CB  1 
ATOM   1232 C CG  . ARG B 1 84 ? -13.048 -4.371  3.264   1.00 47.26 ? 84  ARG B CG  1 
ATOM   1233 C CD  . ARG B 1 84 ? -13.980 -3.320  3.847   1.00 48.16 ? 84  ARG B CD  1 
ATOM   1234 N NE  . ARG B 1 84 ? -14.098 -3.446  5.298   1.00 56.08 ? 84  ARG B NE  1 
ATOM   1235 C CZ  . ARG B 1 84 ? -15.165 -3.075  5.999   1.00 60.38 ? 84  ARG B CZ  1 
ATOM   1236 N NH1 . ARG B 1 84 ? -16.216 -2.550  5.384   1.00 58.43 ? 84  ARG B NH1 1 
ATOM   1237 N NH2 . ARG B 1 84 ? -15.181 -3.228  7.320   1.00 59.19 ? 84  ARG B NH2 1 
ATOM   1238 N N   . THR B 1 85 ? -11.747 -4.845  -1.300  1.00 34.02 ? 85  THR B N   1 
ATOM   1239 C CA  . THR B 1 85 ? -12.203 -4.947  -2.681  1.00 42.87 ? 85  THR B CA  1 
ATOM   1240 C C   . THR B 1 85 ? -11.119 -5.440  -3.630  1.00 41.99 ? 85  THR B C   1 
ATOM   1241 O O   . THR B 1 85 ? -11.278 -5.306  -4.849  1.00 42.61 ? 85  THR B O   1 
ATOM   1242 C CB  . THR B 1 85 ? -12.721 -3.591  -3.171  1.00 43.07 ? 85  THR B CB  1 
ATOM   1243 O OG1 . THR B 1 85 ? -11.620 -2.679  -3.287  1.00 48.19 ? 85  THR B OG1 1 
ATOM   1244 C CG2 . THR B 1 85 ? -13.746 -3.019  -2.198  1.00 36.69 ? 85  THR B CG2 1 
ATOM   1245 N N   . ILE B 1 86 ? -10.017 -5.982  -3.112  1.00 40.10 ? 86  ILE B N   1 
ATOM   1246 C CA  . ILE B 1 86 ? -8.888  -6.343  -3.962  1.00 42.60 ? 86  ILE B CA  1 
ATOM   1247 C C   . ILE B 1 86 ? -9.260  -7.513  -4.865  1.00 43.79 ? 86  ILE B C   1 
ATOM   1248 O O   . ILE B 1 86 ? -9.861  -8.501  -4.420  1.00 43.41 ? 86  ILE B O   1 
ATOM   1249 C CB  . ILE B 1 86 ? -7.653  -6.662  -3.105  1.00 43.70 ? 86  ILE B CB  1 
ATOM   1250 C CG1 . ILE B 1 86 ? -6.500  -7.145  -3.989  1.00 48.44 ? 86  ILE B CG1 1 
ATOM   1251 C CG2 . ILE B 1 86 ? -7.983  -7.681  -2.023  1.00 39.48 ? 86  ILE B CG2 1 
ATOM   1252 C CD1 . ILE B 1 86 ? -5.682  -6.029  -4.580  1.00 44.94 ? 86  ILE B CD1 1 
ATOM   1253 N N   . ASN B 1 87 ? -8.907  -7.400  -6.147  1.00 47.58 ? 87  ASN B N   1 
ATOM   1254 C CA  . ASN B 1 87 ? -8.996  -8.506  -7.100  1.00 45.68 ? 87  ASN B CA  1 
ATOM   1255 C C   . ASN B 1 87 ? -7.703  -9.304  -7.007  1.00 44.81 ? 87  ASN B C   1 
ATOM   1256 O O   . ASN B 1 87 ? -6.680  -8.927  -7.582  1.00 48.50 ? 87  ASN B O   1 
ATOM   1257 C CB  . ASN B 1 87 ? -9.224  -7.992  -8.517  1.00 45.16 ? 87  ASN B CB  1 
ATOM   1258 C CG  . ASN B 1 87 ? -9.608  -9.099  -9.488  1.00 52.37 ? 87  ASN B CG  1 
ATOM   1259 O OD1 . ASN B 1 87 ? -9.094  -10.217 -9.416  1.00 51.44 ? 87  ASN B OD1 1 
ATOM   1260 N ND2 . ASN B 1 87 ? -10.513 -8.786  -10.408 1.00 54.75 ? 87  ASN B ND2 1 
ATOM   1261 N N   . CYS B 1 88 ? -7.754  -10.417 -6.279  1.00 37.01 ? 88  CYS B N   1 
ATOM   1262 C CA  . CYS B 1 88 ? -6.557  -11.197 -5.996  1.00 39.60 ? 88  CYS B CA  1 
ATOM   1263 C C   . CYS B 1 88 ? -5.966  -11.877 -7.222  1.00 47.83 ? 88  CYS B C   1 
ATOM   1264 O O   . CYS B 1 88 ? -4.838  -12.375 -7.142  1.00 48.19 ? 88  CYS B O   1 
ATOM   1265 C CB  . CYS B 1 88 ? -6.878  -12.218 -4.916  1.00 40.59 ? 88  CYS B CB  1 
ATOM   1266 S SG  . CYS B 1 88 ? -7.284  -11.381 -3.384  1.00 39.16 ? 88  CYS B SG  1 
ATOM   1267 N N   . ASP B 1 89 ? -6.686  -11.915 -8.344  1.00 47.11 ? 89  ASP B N   1 
ATOM   1268 C CA  . ASP B 1 89 ? -6.120  -12.510 -9.548  1.00 52.08 ? 89  ASP B CA  1 
ATOM   1269 C C   . ASP B 1 89 ? -4.990  -11.659 -10.113 1.00 51.91 ? 89  ASP B C   1 
ATOM   1270 O O   . ASP B 1 89 ? -4.092  -12.186 -10.781 1.00 54.60 ? 89  ASP B O   1 
ATOM   1271 C CB  . ASP B 1 89 ? -7.217  -12.716 -10.590 1.00 55.96 ? 89  ASP B CB  1 
ATOM   1272 C CG  . ASP B 1 89 ? -8.283  -13.681 -10.121 1.00 60.68 ? 89  ASP B CG  1 
ATOM   1273 O OD1 . ASP B 1 89 ? -7.959  -14.579 -9.315  1.00 61.44 ? 89  ASP B OD1 1 
ATOM   1274 O OD2 . ASP B 1 89 ? -9.447  -13.540 -10.551 1.00 63.42 ? 89  ASP B OD2 1 
ATOM   1275 N N   . THR B 1 90 ? -5.004  -10.357 -9.843  1.00 53.24 ? 90  THR B N   1 
ATOM   1276 C CA  . THR B 1 90 ? -3.982  -9.450  -10.349 1.00 50.62 ? 90  THR B CA  1 
ATOM   1277 C C   . THR B 1 90 ? -2.733  -9.437  -9.476  1.00 51.90 ? 90  THR B C   1 
ATOM   1278 O O   . THR B 1 90 ? -1.851  -8.599  -9.692  1.00 56.64 ? 90  THR B O   1 
ATOM   1279 C CB  . THR B 1 90 ? -4.550  -8.035  -10.473 1.00 49.91 ? 90  THR B CB  1 
ATOM   1280 O OG1 . THR B 1 90 ? -4.620  -7.429  -9.178  1.00 55.24 ? 90  THR B OG1 1 
ATOM   1281 C CG2 . THR B 1 90 ? -5.947  -8.076  -11.080 1.00 48.65 ? 90  THR B CG2 1 
ATOM   1282 N N   . ILE B 1 91 ? -2.652  -10.329 -8.493  1.00 52.76 ? 91  ILE B N   1 
ATOM   1283 C CA  . ILE B 1 91 ? -1.495  -10.438 -7.615  1.00 54.61 ? 91  ILE B CA  1 
ATOM   1284 C C   . ILE B 1 91 ? -0.648  -11.635 -8.036  1.00 55.25 ? 91  ILE B C   1 
ATOM   1285 O O   . ILE B 1 91 ? 0.582   -11.602 -7.972  1.00 56.40 ? 91  ILE B O   1 
ATOM   1286 C CB  . ILE B 1 91 ? -1.931  -10.551 -6.139  1.00 57.68 ? 91  ILE B CB  1 
ATOM   1287 C CG1 . ILE B 1 91 ? -2.653  -9.275  -5.697  1.00 55.45 ? 91  ILE B CG1 1 
ATOM   1288 C CG2 . ILE B 1 91 ? -0.739  -10.830 -5.234  1.00 52.97 ? 91  ILE B CG2 1 
ATOM   1289 C CD1 . ILE B 1 91 ? -1.828  -8.017  -5.864  1.00 56.85 ? 91  ILE B CD1 1 
HETATM 1290 C C1  . GOL C 2 .  ? -10.499 -1.138  -6.683  1.00 52.60 ? 101 GOL A C1  1 
HETATM 1291 O O1  . GOL C 2 .  ? -9.821  -0.423  -5.695  1.00 54.72 ? 101 GOL A O1  1 
HETATM 1292 C C2  . GOL C 2 .  ? -10.405 -0.320  -7.991  1.00 50.18 ? 101 GOL A C2  1 
HETATM 1293 O O2  . GOL C 2 .  ? -10.617 -1.114  -9.105  1.00 51.70 ? 101 GOL A O2  1 
HETATM 1294 C C3  . GOL C 2 .  ? -11.488 0.778   -7.858  1.00 55.38 ? 101 GOL A C3  1 
HETATM 1295 O O3  . GOL C 2 .  ? -10.894 1.881   -7.244  1.00 52.54 ? 101 GOL A O3  1 
HETATM 1296 C C1  . MYR D 3 .  ? 14.899  7.715   5.566   1.00 56.23 ? 102 MYR A C1  1 
HETATM 1297 O O1  . MYR D 3 .  ? 15.686  8.468   6.188   1.00 58.47 ? 102 MYR A O1  1 
HETATM 1298 O O2  . MYR D 3 .  ? 15.239  6.540   5.276   1.00 60.89 ? 102 MYR A O2  1 
HETATM 1299 C C2  . MYR D 3 .  ? 13.528  8.241   5.167   1.00 52.86 ? 102 MYR A C2  1 
HETATM 1300 C C3  . MYR D 3 .  ? 12.881  7.336   4.131   1.00 49.56 ? 102 MYR A C3  1 
HETATM 1301 C C4  . MYR D 3 .  ? 11.445  7.117   4.584   1.00 47.39 ? 102 MYR A C4  1 
HETATM 1302 C C5  . MYR D 3 .  ? 11.295  5.761   5.270   1.00 47.39 ? 102 MYR A C5  1 
HETATM 1303 C C6  . MYR D 3 .  ? 12.316  4.734   4.781   1.00 49.81 ? 102 MYR A C6  1 
HETATM 1304 C C7  . MYR D 3 .  ? 12.551  3.627   5.817   1.00 54.83 ? 102 MYR A C7  1 
HETATM 1305 C C8  . MYR D 3 .  ? 11.536  3.672   6.962   1.00 51.58 ? 102 MYR A C8  1 
HETATM 1306 C C9  . MYR D 3 .  ? 10.538  2.531   6.840   1.00 51.30 ? 102 MYR A C9  1 
HETATM 1307 C C10 . MYR D 3 .  ? 9.271   3.063   6.187   1.00 51.04 ? 102 MYR A C10 1 
HETATM 1308 C C11 . MYR D 3 .  ? 9.336   2.767   4.694   1.00 51.47 ? 102 MYR A C11 1 
HETATM 1309 C C12 . MYR D 3 .  ? 8.110   1.937   4.381   1.00 51.54 ? 102 MYR A C12 1 
HETATM 1310 C C13 . MYR D 3 .  ? 8.360   0.956   3.259   1.00 51.82 ? 102 MYR A C13 1 
HETATM 1311 C C14 . MYR D 3 .  ? 7.017   0.496   2.707   1.00 50.72 ? 102 MYR A C14 1 
HETATM 1312 S S   . SO4 E 4 .  ? 2.951   -3.186  20.711  0.93 67.13 ? 101 SO4 B S   1 
HETATM 1313 O O1  . SO4 E 4 .  ? 3.382   -1.795  20.580  0.93 64.42 ? 101 SO4 B O1  1 
HETATM 1314 O O2  . SO4 E 4 .  ? 2.052   -3.321  21.853  0.93 68.70 ? 101 SO4 B O2  1 
HETATM 1315 O O3  . SO4 E 4 .  ? 4.115   -4.049  20.882  0.93 68.10 ? 101 SO4 B O3  1 
HETATM 1316 O O4  . SO4 E 4 .  ? 2.239   -3.602  19.509  0.93 66.64 ? 101 SO4 B O4  1 
HETATM 1317 S S   . SO4 F 4 .  ? -18.354 -1.949  8.082   0.89 84.06 ? 102 SO4 B S   1 
HETATM 1318 O O1  . SO4 F 4 .  ? -18.130 -3.334  8.491   0.89 80.44 ? 102 SO4 B O1  1 
HETATM 1319 O O2  . SO4 F 4 .  ? -19.060 -1.233  9.142   0.89 82.13 ? 102 SO4 B O2  1 
HETATM 1320 O O3  . SO4 F 4 .  ? -19.152 -1.928  6.859   0.89 82.26 ? 102 SO4 B O3  1 
HETATM 1321 O O4  . SO4 F 4 .  ? -17.071 -1.299  7.832   0.89 78.68 ? 102 SO4 B O4  1 
HETATM 1322 C C1  . GOL G 2 .  ? -12.212 5.772   4.974   1.00 59.99 ? 103 GOL B C1  1 
HETATM 1323 O O1  . GOL G 2 .  ? -11.698 4.502   5.233   1.00 57.46 ? 103 GOL B O1  1 
HETATM 1324 C C2  . GOL G 2 .  ? -12.366 6.487   6.341   1.00 67.85 ? 103 GOL B C2  1 
HETATM 1325 O O2  . GOL G 2 .  ? -12.710 5.605   7.362   1.00 63.14 ? 103 GOL B O2  1 
HETATM 1326 C C3  . GOL G 2 .  ? -11.004 7.189   6.587   1.00 61.31 ? 103 GOL B C3  1 
HETATM 1327 O O3  . GOL G 2 .  ? -10.025 6.195   6.582   1.00 54.38 ? 103 GOL B O3  1 
HETATM 1328 O O   . HOH H 5 .  ? -0.811  9.439   -1.480  1.00 28.15 ? 201 HOH A O   1 
HETATM 1329 O O   . HOH H 5 .  ? 11.530  9.289   -13.610 1.00 36.80 ? 202 HOH A O   1 
HETATM 1330 O O   . HOH H 5 .  ? -8.023  16.600  7.626   1.00 41.86 ? 203 HOH A O   1 
HETATM 1331 O O   . HOH H 5 .  ? -7.403  5.598   -2.807  1.00 44.76 ? 204 HOH A O   1 
HETATM 1332 O O   . HOH H 5 .  ? 0.138   2.776   -2.463  1.00 48.59 ? 205 HOH A O   1 
HETATM 1333 O O   . HOH H 5 .  ? 2.765   1.817   -15.956 1.00 33.78 ? 206 HOH A O   1 
HETATM 1334 O O   . HOH H 5 .  ? 18.359  8.761   5.534   1.00 53.04 ? 207 HOH A O   1 
HETATM 1335 O O   . HOH H 5 .  ? -3.953  15.471  3.003   1.00 30.63 ? 208 HOH A O   1 
HETATM 1336 O O   . HOH H 5 .  ? 2.413   -2.862  -2.639  1.00 46.46 ? 209 HOH A O   1 
HETATM 1337 O O   . HOH H 5 .  ? 6.363   17.836  -13.771 1.00 35.90 ? 210 HOH A O   1 
HETATM 1338 O O   . HOH H 5 .  ? 4.727   18.636  7.260   1.00 39.76 ? 211 HOH A O   1 
HETATM 1339 O O   . HOH H 5 .  ? 1.018   16.528  -7.679  1.00 34.68 ? 212 HOH A O   1 
HETATM 1340 O O   . HOH H 5 .  ? 4.532   8.143   5.580   1.00 29.92 ? 213 HOH A O   1 
HETATM 1341 O O   . HOH H 5 .  ? -3.574  17.139  -2.430  1.00 36.54 ? 214 HOH A O   1 
HETATM 1342 O O   . HOH H 5 .  ? 13.088  0.442   -1.832  1.00 43.47 ? 215 HOH A O   1 
HETATM 1343 O O   . HOH H 5 .  ? 6.010   2.146   -17.041 1.00 43.98 ? 216 HOH A O   1 
HETATM 1344 O O   . HOH H 5 .  ? 3.143   2.306   0.514   1.00 47.20 ? 217 HOH A O   1 
HETATM 1345 O O   . HOH H 5 .  ? -2.161  2.909   -0.631  1.00 40.30 ? 218 HOH A O   1 
HETATM 1346 O O   . HOH H 5 .  ? 11.302  16.535  8.871   1.00 33.39 ? 219 HOH A O   1 
HETATM 1347 O O   . HOH H 5 .  ? 5.299   -0.332  0.267   1.00 38.98 ? 220 HOH A O   1 
HETATM 1348 O O   . HOH H 5 .  ? -4.829  18.056  0.508   1.00 55.02 ? 221 HOH A O   1 
HETATM 1349 O O   . HOH H 5 .  ? -0.603  -0.385  0.583   1.00 40.89 ? 222 HOH A O   1 
HETATM 1350 O O   . HOH H 5 .  ? 12.649  -3.833  -0.688  1.00 57.16 ? 223 HOH A O   1 
HETATM 1351 O O   . HOH H 5 .  ? -10.052 12.160  7.878   1.00 51.50 ? 224 HOH A O   1 
HETATM 1352 O O   . HOH H 5 .  ? -5.632  -6.066  -16.415 1.00 45.88 ? 225 HOH A O   1 
HETATM 1353 O O   . HOH H 5 .  ? -4.966  6.461   -19.410 1.00 46.80 ? 226 HOH A O   1 
HETATM 1354 O O   . HOH H 5 .  ? 1.774   9.685   -19.600 1.00 32.64 ? 227 HOH A O   1 
HETATM 1355 O O   . HOH H 5 .  ? 5.067   15.323  -16.703 1.00 36.22 ? 228 HOH A O   1 
HETATM 1356 O O   . HOH H 5 .  ? 3.941   6.295   -21.084 1.00 41.46 ? 229 HOH A O   1 
HETATM 1357 O O   . HOH H 5 .  ? -15.810 7.366   -16.443 1.00 46.54 ? 230 HOH A O   1 
HETATM 1358 O O   . HOH I 5 .  ? 4.431   1.665   15.188  1.00 31.70 ? 201 HOH B O   1 
HETATM 1359 O O   . HOH I 5 .  ? 1.132   -0.681  20.392  1.00 47.64 ? 202 HOH B O   1 
HETATM 1360 O O   . HOH I 5 .  ? 8.462   -8.513  4.558   1.00 39.48 ? 203 HOH B O   1 
HETATM 1361 O O   . HOH I 5 .  ? -2.870  5.550   9.321   1.00 41.81 ? 204 HOH B O   1 
HETATM 1362 O O   . HOH I 5 .  ? 0.461   -4.157  17.616  1.00 39.02 ? 205 HOH B O   1 
HETATM 1363 O O   . HOH I 5 .  ? -7.734  -14.921 -6.660  1.00 34.48 ? 206 HOH B O   1 
HETATM 1364 O O   . HOH I 5 .  ? -3.420  -2.511  15.986  1.00 29.06 ? 207 HOH B O   1 
HETATM 1365 O O   . HOH I 5 .  ? 2.114   2.633   3.074   1.00 40.70 ? 208 HOH B O   1 
HETATM 1366 O O   . HOH I 5 .  ? -9.484  -14.748 6.594   1.00 29.60 ? 209 HOH B O   1 
HETATM 1367 O O   . HOH I 5 .  ? -15.635 -11.668 5.939   1.00 38.00 ? 210 HOH B O   1 
HETATM 1368 O O   . HOH I 5 .  ? 3.804   -2.357  0.166   1.00 38.99 ? 211 HOH B O   1 
HETATM 1369 O O   . HOH I 5 .  ? -10.330 -12.019 -5.084  1.00 33.03 ? 212 HOH B O   1 
HETATM 1370 O O   . HOH I 5 .  ? 7.296   0.760   13.043  1.00 40.86 ? 213 HOH B O   1 
HETATM 1371 O O   . HOH I 5 .  ? -11.506 -6.002  -11.173 1.00 36.54 ? 214 HOH B O   1 
HETATM 1372 O O   . HOH I 5 .  ? 0.676   -12.773 15.049  1.00 44.68 ? 215 HOH B O   1 
HETATM 1373 O O   . HOH I 5 .  ? -4.146  1.811   17.592  1.00 46.71 ? 216 HOH B O   1 
HETATM 1374 O O   . HOH I 5 .  ? -15.101 -11.313 -2.734  1.00 52.59 ? 217 HOH B O   1 
HETATM 1375 O O   . HOH I 5 .  ? 10.165  -6.258  3.231   1.00 49.54 ? 218 HOH B O   1 
HETATM 1376 O O   . HOH I 5 .  ? -18.417 -9.440  11.551  1.00 46.49 ? 219 HOH B O   1 
HETATM 1377 O O   . HOH I 5 .  ? -13.537 -2.234  16.249  1.00 37.20 ? 220 HOH B O   1 
HETATM 1378 O O   . HOH I 5 .  ? -0.790  4.378   18.675  1.00 52.79 ? 221 HOH B O   1 
HETATM 1379 O O   . HOH I 5 .  ? 8.483   -2.280  12.770  1.00 39.78 ? 222 HOH B O   1 
HETATM 1380 O O   . HOH I 5 .  ? 3.181   -20.520 4.028   1.00 52.37 ? 223 HOH B O   1 
HETATM 1381 O O   . HOH I 5 .  ? -18.665 -9.337  8.872   1.00 54.58 ? 224 HOH B O   1 
HETATM 1382 O O   . HOH I 5 .  ? 10.264  -9.752  14.497  1.00 39.15 ? 225 HOH B O   1 
HETATM 1383 O O   . HOH I 5 .  ? -21.040 -0.487  14.342  1.00 56.01 ? 226 HOH B O   1 
HETATM 1384 O O   . HOH I 5 .  ? 6.195   -23.414 -4.260  1.00 50.30 ? 227 HOH B O   1 
HETATM 1385 O O   . HOH I 5 .  ? -14.258 -8.577  16.323  1.00 39.95 ? 228 HOH B O   1 
# 
